data_1JH1
# 
_entry.id   1JH1 
# 
_audit_conform.dict_name       mmcif_pdbx.dic 
_audit_conform.dict_version    5.389 
_audit_conform.dict_location   http://mmcif.pdb.org/dictionaries/ascii/mmcif_pdbx.dic 
# 
loop_
_database_2.database_id 
_database_2.database_code 
_database_2.pdbx_database_accession 
_database_2.pdbx_DOI 
PDB   1JH1         pdb_00001jh1 10.2210/pdb1jh1/pdb 
RCSB  RCSB013762   ?            ?                   
WWPDB D_1000013762 ?            ?                   
# 
loop_
_pdbx_audit_revision_history.ordinal 
_pdbx_audit_revision_history.data_content_type 
_pdbx_audit_revision_history.major_revision 
_pdbx_audit_revision_history.minor_revision 
_pdbx_audit_revision_history.revision_date 
1 'Structure model' 1 0 2001-12-27 
2 'Structure model' 1 1 2008-04-27 
3 'Structure model' 1 2 2011-07-13 
4 'Structure model' 1 3 2024-03-13 
5 'Structure model' 1 4 2024-04-03 
# 
_pdbx_audit_revision_details.ordinal             1 
_pdbx_audit_revision_details.revision_ordinal    1 
_pdbx_audit_revision_details.data_content_type   'Structure model' 
_pdbx_audit_revision_details.provider            repository 
_pdbx_audit_revision_details.type                'Initial release' 
_pdbx_audit_revision_details.description         ? 
_pdbx_audit_revision_details.details             ? 
# 
loop_
_pdbx_audit_revision_group.ordinal 
_pdbx_audit_revision_group.revision_ordinal 
_pdbx_audit_revision_group.data_content_type 
_pdbx_audit_revision_group.group 
1 2 'Structure model' 'Version format compliance' 
2 3 'Structure model' 'Version format compliance' 
3 4 'Structure model' 'Data collection'           
4 4 'Structure model' 'Database references'       
5 4 'Structure model' 'Derived calculations'      
6 5 'Structure model' 'Refinement description'    
# 
loop_
_pdbx_audit_revision_category.ordinal 
_pdbx_audit_revision_category.revision_ordinal 
_pdbx_audit_revision_category.data_content_type 
_pdbx_audit_revision_category.category 
1 4 'Structure model' chem_comp_atom                
2 4 'Structure model' chem_comp_bond                
3 4 'Structure model' database_2                    
4 4 'Structure model' pdbx_struct_conn_angle        
5 4 'Structure model' struct_conn                   
6 4 'Structure model' struct_site                   
7 5 'Structure model' pdbx_initial_refinement_model 
# 
loop_
_pdbx_audit_revision_item.ordinal 
_pdbx_audit_revision_item.revision_ordinal 
_pdbx_audit_revision_item.data_content_type 
_pdbx_audit_revision_item.item 
1  4 'Structure model' '_database_2.pdbx_DOI'                        
2  4 'Structure model' '_database_2.pdbx_database_accession'         
3  4 'Structure model' '_pdbx_struct_conn_angle.ptnr1_auth_comp_id'  
4  4 'Structure model' '_pdbx_struct_conn_angle.ptnr1_auth_seq_id'   
5  4 'Structure model' '_pdbx_struct_conn_angle.ptnr1_label_asym_id' 
6  4 'Structure model' '_pdbx_struct_conn_angle.ptnr1_label_atom_id' 
7  4 'Structure model' '_pdbx_struct_conn_angle.ptnr1_label_comp_id' 
8  4 'Structure model' '_pdbx_struct_conn_angle.ptnr1_label_seq_id'  
9  4 'Structure model' '_pdbx_struct_conn_angle.ptnr2_auth_comp_id'  
10 4 'Structure model' '_pdbx_struct_conn_angle.ptnr2_auth_seq_id'   
11 4 'Structure model' '_pdbx_struct_conn_angle.ptnr2_label_asym_id' 
12 4 'Structure model' '_pdbx_struct_conn_angle.ptnr2_label_atom_id' 
13 4 'Structure model' '_pdbx_struct_conn_angle.ptnr2_label_comp_id' 
14 4 'Structure model' '_pdbx_struct_conn_angle.ptnr3_auth_comp_id'  
15 4 'Structure model' '_pdbx_struct_conn_angle.ptnr3_auth_seq_id'   
16 4 'Structure model' '_pdbx_struct_conn_angle.ptnr3_label_asym_id' 
17 4 'Structure model' '_pdbx_struct_conn_angle.ptnr3_label_atom_id' 
18 4 'Structure model' '_pdbx_struct_conn_angle.ptnr3_label_comp_id' 
19 4 'Structure model' '_pdbx_struct_conn_angle.ptnr3_label_seq_id'  
20 4 'Structure model' '_pdbx_struct_conn_angle.value'               
21 4 'Structure model' '_struct_conn.pdbx_dist_value'                
22 4 'Structure model' '_struct_conn.ptnr1_auth_comp_id'             
23 4 'Structure model' '_struct_conn.ptnr1_auth_seq_id'              
24 4 'Structure model' '_struct_conn.ptnr1_label_asym_id'            
25 4 'Structure model' '_struct_conn.ptnr1_label_atom_id'            
26 4 'Structure model' '_struct_conn.ptnr1_label_comp_id'            
27 4 'Structure model' '_struct_conn.ptnr1_label_seq_id'             
28 4 'Structure model' '_struct_conn.ptnr2_auth_comp_id'             
29 4 'Structure model' '_struct_conn.ptnr2_auth_seq_id'              
30 4 'Structure model' '_struct_conn.ptnr2_label_asym_id'            
31 4 'Structure model' '_struct_conn.ptnr2_label_atom_id'            
32 4 'Structure model' '_struct_conn.ptnr2_label_comp_id'            
33 4 'Structure model' '_struct_conn.ptnr2_label_seq_id'             
34 4 'Structure model' '_struct_site.pdbx_auth_asym_id'              
35 4 'Structure model' '_struct_site.pdbx_auth_comp_id'              
36 4 'Structure model' '_struct_site.pdbx_auth_seq_id'               
# 
_pdbx_database_status.status_code                     REL 
_pdbx_database_status.entry_id                        1JH1 
_pdbx_database_status.recvd_initial_deposition_date   2001-06-27 
_pdbx_database_status.deposit_site                    RCSB 
_pdbx_database_status.process_site                    PDBJ 
_pdbx_database_status.status_code_sf                  REL 
_pdbx_database_status.SG_entry                        . 
_pdbx_database_status.pdb_format_compatible           Y 
_pdbx_database_status.status_code_mr                  ? 
_pdbx_database_status.status_code_cs                  ? 
_pdbx_database_status.status_code_nmr_data            ? 
_pdbx_database_status.methods_development_category    ? 
# 
loop_
_audit_author.name 
_audit_author.pdbx_ordinal 
'Schroder, J.'     1 
'Henke, A.'        2 
'Wenzel, H.'       3 
'Brandstetter, H.' 4 
'Stammler, H.G.'   5 
'Stammler, A.'     6 
'Pfeiffer, W.D.'   7 
'Tschesche, H.'    8 
# 
_citation.id                        primary 
_citation.title                     
'Structure-based design and synthesis of potent matrix metalloproteinase inhibitors derived from a 6H-1,3,4-thiadiazine scaffold.' 
_citation.journal_abbrev            J.Med.Chem. 
_citation.journal_volume            44 
_citation.page_first                3231 
_citation.page_last                 3243 
_citation.year                      2001 
_citation.journal_id_ASTM           JMCMAR 
_citation.country                   US 
_citation.journal_id_ISSN           0022-2623 
_citation.journal_id_CSD            0151 
_citation.book_publisher            ? 
_citation.pdbx_database_id_PubMed   11563922 
_citation.pdbx_database_id_DOI      10.1021/jm010887p 
# 
loop_
_citation_author.citation_id 
_citation_author.name 
_citation_author.ordinal 
_citation_author.identifier_ORCID 
primary 'Schroder, J.'     1 ? 
primary 'Henke, A.'        2 ? 
primary 'Wenzel, H.'       3 ? 
primary 'Brandstetter, H.' 4 ? 
primary 'Stammler, H.G.'   5 ? 
primary 'Stammler, A.'     6 ? 
primary 'Pfeiffer, W.D.'   7 ? 
primary 'Tschesche, H.'    8 ? 
# 
loop_
_entity.id 
_entity.type 
_entity.src_method 
_entity.pdbx_description 
_entity.formula_weight 
_entity.pdbx_number_of_molecules 
_entity.pdbx_ec 
_entity.pdbx_mutation 
_entity.pdbx_fragment 
_entity.details 
1 polymer     man 'Matrix Metalloproteinase 8'                                                     17612.115 1  3.4.24.34 ? 
'MMP-8 catalytic domain' ? 
2 non-polymer syn 'CALCIUM ION'                                                                    40.078    2  ?         ? ? ? 
3 non-polymer syn 'ZINC ION'                                                                       65.409    2  ?         ? ? ? 
4 non-polymer syn 'BUT-3-ENYL-[5-(4-CHLORO-PHENYL)-3,6-DIHYDRO-[1,3,4]THIADIAZIN-2-YLIDENE]-AMINE' 279.788   1  ?         ? ? ? 
5 water       nat water                                                                            18.015    26 ?         ? ? ? 
# 
_entity_name_com.entity_id   1 
_entity_name_com.name        'NEUTROPHIL COLLAGENASE' 
# 
_entity_poly.entity_id                      1 
_entity_poly.type                           'polypeptide(L)' 
_entity_poly.nstd_linkage                   no 
_entity_poly.nstd_monomer                   no 
_entity_poly.pdbx_seq_one_letter_code       
;NPKWERTNLTYRIRNYTPQLSEAEVERAIKDAFELWSVASPLIFTRISQGEADINIAFYQRDHGDNSPFDGPNGILAHAF
QPGQGIGGDAHFDAEETWTNTSANYNLFLVAAHEFGHSLGLAHSSDPGALMYPNYAFRETSNYSLPQDDIDGIQAIYG
;
_entity_poly.pdbx_seq_one_letter_code_can   
;NPKWERTNLTYRIRNYTPQLSEAEVERAIKDAFELWSVASPLIFTRISQGEADINIAFYQRDHGDNSPFDGPNGILAHAF
QPGQGIGGDAHFDAEETWTNTSANYNLFLVAAHEFGHSLGLAHSSDPGALMYPNYAFRETSNYSLPQDDIDGIQAIYG
;
_entity_poly.pdbx_strand_id                 A 
_entity_poly.pdbx_target_identifier         ? 
# 
loop_
_pdbx_entity_nonpoly.entity_id 
_pdbx_entity_nonpoly.name 
_pdbx_entity_nonpoly.comp_id 
2 'CALCIUM ION'                                                                    CA  
3 'ZINC ION'                                                                       ZN  
4 'BUT-3-ENYL-[5-(4-CHLORO-PHENYL)-3,6-DIHYDRO-[1,3,4]THIADIAZIN-2-YLIDENE]-AMINE' JST 
5 water                                                                            HOH 
# 
loop_
_entity_poly_seq.entity_id 
_entity_poly_seq.num 
_entity_poly_seq.mon_id 
_entity_poly_seq.hetero 
1 1   ASN n 
1 2   PRO n 
1 3   LYS n 
1 4   TRP n 
1 5   GLU n 
1 6   ARG n 
1 7   THR n 
1 8   ASN n 
1 9   LEU n 
1 10  THR n 
1 11  TYR n 
1 12  ARG n 
1 13  ILE n 
1 14  ARG n 
1 15  ASN n 
1 16  TYR n 
1 17  THR n 
1 18  PRO n 
1 19  GLN n 
1 20  LEU n 
1 21  SER n 
1 22  GLU n 
1 23  ALA n 
1 24  GLU n 
1 25  VAL n 
1 26  GLU n 
1 27  ARG n 
1 28  ALA n 
1 29  ILE n 
1 30  LYS n 
1 31  ASP n 
1 32  ALA n 
1 33  PHE n 
1 34  GLU n 
1 35  LEU n 
1 36  TRP n 
1 37  SER n 
1 38  VAL n 
1 39  ALA n 
1 40  SER n 
1 41  PRO n 
1 42  LEU n 
1 43  ILE n 
1 44  PHE n 
1 45  THR n 
1 46  ARG n 
1 47  ILE n 
1 48  SER n 
1 49  GLN n 
1 50  GLY n 
1 51  GLU n 
1 52  ALA n 
1 53  ASP n 
1 54  ILE n 
1 55  ASN n 
1 56  ILE n 
1 57  ALA n 
1 58  PHE n 
1 59  TYR n 
1 60  GLN n 
1 61  ARG n 
1 62  ASP n 
1 63  HIS n 
1 64  GLY n 
1 65  ASP n 
1 66  ASN n 
1 67  SER n 
1 68  PRO n 
1 69  PHE n 
1 70  ASP n 
1 71  GLY n 
1 72  PRO n 
1 73  ASN n 
1 74  GLY n 
1 75  ILE n 
1 76  LEU n 
1 77  ALA n 
1 78  HIS n 
1 79  ALA n 
1 80  PHE n 
1 81  GLN n 
1 82  PRO n 
1 83  GLY n 
1 84  GLN n 
1 85  GLY n 
1 86  ILE n 
1 87  GLY n 
1 88  GLY n 
1 89  ASP n 
1 90  ALA n 
1 91  HIS n 
1 92  PHE n 
1 93  ASP n 
1 94  ALA n 
1 95  GLU n 
1 96  GLU n 
1 97  THR n 
1 98  TRP n 
1 99  THR n 
1 100 ASN n 
1 101 THR n 
1 102 SER n 
1 103 ALA n 
1 104 ASN n 
1 105 TYR n 
1 106 ASN n 
1 107 LEU n 
1 108 PHE n 
1 109 LEU n 
1 110 VAL n 
1 111 ALA n 
1 112 ALA n 
1 113 HIS n 
1 114 GLU n 
1 115 PHE n 
1 116 GLY n 
1 117 HIS n 
1 118 SER n 
1 119 LEU n 
1 120 GLY n 
1 121 LEU n 
1 122 ALA n 
1 123 HIS n 
1 124 SER n 
1 125 SER n 
1 126 ASP n 
1 127 PRO n 
1 128 GLY n 
1 129 ALA n 
1 130 LEU n 
1 131 MET n 
1 132 TYR n 
1 133 PRO n 
1 134 ASN n 
1 135 TYR n 
1 136 ALA n 
1 137 PHE n 
1 138 ARG n 
1 139 GLU n 
1 140 THR n 
1 141 SER n 
1 142 ASN n 
1 143 TYR n 
1 144 SER n 
1 145 LEU n 
1 146 PRO n 
1 147 GLN n 
1 148 ASP n 
1 149 ASP n 
1 150 ILE n 
1 151 ASP n 
1 152 GLY n 
1 153 ILE n 
1 154 GLN n 
1 155 ALA n 
1 156 ILE n 
1 157 TYR n 
1 158 GLY n 
# 
_entity_src_gen.entity_id                          1 
_entity_src_gen.pdbx_src_id                        1 
_entity_src_gen.pdbx_alt_source_flag               sample 
_entity_src_gen.pdbx_seq_type                      ? 
_entity_src_gen.pdbx_beg_seq_num                   ? 
_entity_src_gen.pdbx_end_seq_num                   ? 
_entity_src_gen.gene_src_common_name               human 
_entity_src_gen.gene_src_genus                     Homo 
_entity_src_gen.pdbx_gene_src_gene                 MMP-8 
_entity_src_gen.gene_src_species                   ? 
_entity_src_gen.gene_src_strain                    ? 
_entity_src_gen.gene_src_tissue                    ? 
_entity_src_gen.gene_src_tissue_fraction           ? 
_entity_src_gen.gene_src_details                   ? 
_entity_src_gen.pdbx_gene_src_fragment             ? 
_entity_src_gen.pdbx_gene_src_scientific_name      'Homo sapiens' 
_entity_src_gen.pdbx_gene_src_ncbi_taxonomy_id     9606 
_entity_src_gen.pdbx_gene_src_variant              ? 
_entity_src_gen.pdbx_gene_src_cell_line            ? 
_entity_src_gen.pdbx_gene_src_atcc                 ? 
_entity_src_gen.pdbx_gene_src_organ                ? 
_entity_src_gen.pdbx_gene_src_organelle            ? 
_entity_src_gen.pdbx_gene_src_cell                 ? 
_entity_src_gen.pdbx_gene_src_cellular_location    ? 
_entity_src_gen.host_org_common_name               ? 
_entity_src_gen.pdbx_host_org_scientific_name      'Escherichia coli BL21' 
_entity_src_gen.pdbx_host_org_ncbi_taxonomy_id     511693 
_entity_src_gen.host_org_genus                     Escherichia 
_entity_src_gen.pdbx_host_org_gene                 ? 
_entity_src_gen.pdbx_host_org_organ                ? 
_entity_src_gen.host_org_species                   'Escherichia coli' 
_entity_src_gen.pdbx_host_org_tissue               ? 
_entity_src_gen.pdbx_host_org_tissue_fraction      ? 
_entity_src_gen.pdbx_host_org_strain               BL21 
_entity_src_gen.pdbx_host_org_variant              ? 
_entity_src_gen.pdbx_host_org_cell_line            ? 
_entity_src_gen.pdbx_host_org_atcc                 ? 
_entity_src_gen.pdbx_host_org_culture_collection   ? 
_entity_src_gen.pdbx_host_org_cell                 ? 
_entity_src_gen.pdbx_host_org_organelle            ? 
_entity_src_gen.pdbx_host_org_cellular_location    ? 
_entity_src_gen.pdbx_host_org_vector_type          PLASMID 
_entity_src_gen.pdbx_host_org_vector               ? 
_entity_src_gen.host_org_details                   ? 
_entity_src_gen.expression_system_id               ? 
_entity_src_gen.plasmid_name                       pET 
_entity_src_gen.plasmid_details                    ? 
_entity_src_gen.pdbx_description                   ? 
# 
loop_
_chem_comp.id 
_chem_comp.type 
_chem_comp.mon_nstd_flag 
_chem_comp.name 
_chem_comp.pdbx_synonyms 
_chem_comp.formula 
_chem_comp.formula_weight 
ALA 'L-peptide linking' y ALANINE                                                                          ? 'C3 H7 N O2'      
89.093  
ARG 'L-peptide linking' y ARGININE                                                                         ? 'C6 H15 N4 O2 1'  
175.209 
ASN 'L-peptide linking' y ASPARAGINE                                                                       ? 'C4 H8 N2 O3'     
132.118 
ASP 'L-peptide linking' y 'ASPARTIC ACID'                                                                  ? 'C4 H7 N O4'      
133.103 
CA  non-polymer         . 'CALCIUM ION'                                                                    ? 'Ca 2'            
40.078  
GLN 'L-peptide linking' y GLUTAMINE                                                                        ? 'C5 H10 N2 O3'    
146.144 
GLU 'L-peptide linking' y 'GLUTAMIC ACID'                                                                  ? 'C5 H9 N O4'      
147.129 
GLY 'peptide linking'   y GLYCINE                                                                          ? 'C2 H5 N O2'      
75.067  
HIS 'L-peptide linking' y HISTIDINE                                                                        ? 'C6 H10 N3 O2 1'  
156.162 
HOH non-polymer         . WATER                                                                            ? 'H2 O'            
18.015  
ILE 'L-peptide linking' y ISOLEUCINE                                                                       ? 'C6 H13 N O2'     
131.173 
JST non-polymer         . 'BUT-3-ENYL-[5-(4-CHLORO-PHENYL)-3,6-DIHYDRO-[1,3,4]THIADIAZIN-2-YLIDENE]-AMINE' 
'N-ALLYL-5-(4-CHLORO-PHENYL)-6H-1,3,4-THIADIAZIN-2-AMINE' 'C13 H14 Cl N3 S' 279.788 
LEU 'L-peptide linking' y LEUCINE                                                                          ? 'C6 H13 N O2'     
131.173 
LYS 'L-peptide linking' y LYSINE                                                                           ? 'C6 H15 N2 O2 1'  
147.195 
MET 'L-peptide linking' y METHIONINE                                                                       ? 'C5 H11 N O2 S'   
149.211 
PHE 'L-peptide linking' y PHENYLALANINE                                                                    ? 'C9 H11 N O2'     
165.189 
PRO 'L-peptide linking' y PROLINE                                                                          ? 'C5 H9 N O2'      
115.130 
SER 'L-peptide linking' y SERINE                                                                           ? 'C3 H7 N O3'      
105.093 
THR 'L-peptide linking' y THREONINE                                                                        ? 'C4 H9 N O3'      
119.119 
TRP 'L-peptide linking' y TRYPTOPHAN                                                                       ? 'C11 H12 N2 O2'   
204.225 
TYR 'L-peptide linking' y TYROSINE                                                                         ? 'C9 H11 N O3'     
181.189 
VAL 'L-peptide linking' y VALINE                                                                           ? 'C5 H11 N O2'     
117.146 
ZN  non-polymer         . 'ZINC ION'                                                                       ? 'Zn 2'            
65.409  
# 
loop_
_pdbx_poly_seq_scheme.asym_id 
_pdbx_poly_seq_scheme.entity_id 
_pdbx_poly_seq_scheme.seq_id 
_pdbx_poly_seq_scheme.mon_id 
_pdbx_poly_seq_scheme.ndb_seq_num 
_pdbx_poly_seq_scheme.pdb_seq_num 
_pdbx_poly_seq_scheme.auth_seq_num 
_pdbx_poly_seq_scheme.pdb_mon_id 
_pdbx_poly_seq_scheme.auth_mon_id 
_pdbx_poly_seq_scheme.pdb_strand_id 
_pdbx_poly_seq_scheme.pdb_ins_code 
_pdbx_poly_seq_scheme.hetero 
A 1 1   ASN 1   85  85  ASN ASN A . n 
A 1 2   PRO 2   86  86  PRO PRO A . n 
A 1 3   LYS 3   87  87  LYS LYS A . n 
A 1 4   TRP 4   88  88  TRP TRP A . n 
A 1 5   GLU 5   89  89  GLU GLU A . n 
A 1 6   ARG 6   90  90  ARG ARG A . n 
A 1 7   THR 7   91  91  THR THR A . n 
A 1 8   ASN 8   92  92  ASN ASN A . n 
A 1 9   LEU 9   93  93  LEU LEU A . n 
A 1 10  THR 10  94  94  THR THR A . n 
A 1 11  TYR 11  95  95  TYR TYR A . n 
A 1 12  ARG 12  96  96  ARG ARG A . n 
A 1 13  ILE 13  97  97  ILE ILE A . n 
A 1 14  ARG 14  98  98  ARG ARG A . n 
A 1 15  ASN 15  99  99  ASN ASN A . n 
A 1 16  TYR 16  100 100 TYR TYR A . n 
A 1 17  THR 17  101 101 THR THR A . n 
A 1 18  PRO 18  102 102 PRO PRO A . n 
A 1 19  GLN 19  103 103 GLN GLN A . n 
A 1 20  LEU 20  104 104 LEU LEU A . n 
A 1 21  SER 21  105 105 SER SER A . n 
A 1 22  GLU 22  106 106 GLU GLU A . n 
A 1 23  ALA 23  107 107 ALA ALA A . n 
A 1 24  GLU 24  108 108 GLU GLU A . n 
A 1 25  VAL 25  109 109 VAL VAL A . n 
A 1 26  GLU 26  110 110 GLU GLU A . n 
A 1 27  ARG 27  111 111 ARG ARG A . n 
A 1 28  ALA 28  112 112 ALA ALA A . n 
A 1 29  ILE 29  113 113 ILE ILE A . n 
A 1 30  LYS 30  114 114 LYS LYS A . n 
A 1 31  ASP 31  115 115 ASP ASP A . n 
A 1 32  ALA 32  116 116 ALA ALA A . n 
A 1 33  PHE 33  117 117 PHE PHE A . n 
A 1 34  GLU 34  118 118 GLU GLU A . n 
A 1 35  LEU 35  119 119 LEU LEU A . n 
A 1 36  TRP 36  120 120 TRP TRP A . n 
A 1 37  SER 37  121 121 SER SER A . n 
A 1 38  VAL 38  122 122 VAL VAL A . n 
A 1 39  ALA 39  123 123 ALA ALA A . n 
A 1 40  SER 40  124 124 SER SER A . n 
A 1 41  PRO 41  125 125 PRO PRO A . n 
A 1 42  LEU 42  126 126 LEU LEU A . n 
A 1 43  ILE 43  127 127 ILE ILE A . n 
A 1 44  PHE 44  128 128 PHE PHE A . n 
A 1 45  THR 45  129 129 THR THR A . n 
A 1 46  ARG 46  130 130 ARG ARG A . n 
A 1 47  ILE 47  131 131 ILE ILE A . n 
A 1 48  SER 48  132 132 SER SER A . n 
A 1 49  GLN 49  133 133 GLN GLN A . n 
A 1 50  GLY 50  134 134 GLY GLY A . n 
A 1 51  GLU 51  135 135 GLU GLU A . n 
A 1 52  ALA 52  136 136 ALA ALA A . n 
A 1 53  ASP 53  137 137 ASP ASP A . n 
A 1 54  ILE 54  138 138 ILE ILE A . n 
A 1 55  ASN 55  139 139 ASN ASN A . n 
A 1 56  ILE 56  140 140 ILE ILE A . n 
A 1 57  ALA 57  141 141 ALA ALA A . n 
A 1 58  PHE 58  142 142 PHE PHE A . n 
A 1 59  TYR 59  143 143 TYR TYR A . n 
A 1 60  GLN 60  144 144 GLN GLN A . n 
A 1 61  ARG 61  145 145 ARG ARG A . n 
A 1 62  ASP 62  146 146 ASP ASP A . n 
A 1 63  HIS 63  147 147 HIS HIS A . n 
A 1 64  GLY 64  148 148 GLY GLY A . n 
A 1 65  ASP 65  149 149 ASP ASP A . n 
A 1 66  ASN 66  150 150 ASN ASN A . n 
A 1 67  SER 67  151 151 SER SER A . n 
A 1 68  PRO 68  152 152 PRO PRO A . n 
A 1 69  PHE 69  153 153 PHE PHE A . n 
A 1 70  ASP 70  154 154 ASP ASP A . n 
A 1 71  GLY 71  155 155 GLY GLY A . n 
A 1 72  PRO 72  156 156 PRO PRO A . n 
A 1 73  ASN 73  157 157 ASN ASN A . n 
A 1 74  GLY 74  158 158 GLY GLY A . n 
A 1 75  ILE 75  159 159 ILE ILE A . n 
A 1 76  LEU 76  160 160 LEU LEU A . n 
A 1 77  ALA 77  161 161 ALA ALA A . n 
A 1 78  HIS 78  162 162 HIS HIS A . n 
A 1 79  ALA 79  163 163 ALA ALA A . n 
A 1 80  PHE 80  164 164 PHE PHE A . n 
A 1 81  GLN 81  165 165 GLN GLN A . n 
A 1 82  PRO 82  166 166 PRO PRO A . n 
A 1 83  GLY 83  167 167 GLY GLY A . n 
A 1 84  GLN 84  168 168 GLN GLN A . n 
A 1 85  GLY 85  169 169 GLY GLY A . n 
A 1 86  ILE 86  170 170 ILE ILE A . n 
A 1 87  GLY 87  171 171 GLY GLY A . n 
A 1 88  GLY 88  172 172 GLY GLY A . n 
A 1 89  ASP 89  173 173 ASP ASP A . n 
A 1 90  ALA 90  174 174 ALA ALA A . n 
A 1 91  HIS 91  175 175 HIS HIS A . n 
A 1 92  PHE 92  176 176 PHE PHE A . n 
A 1 93  ASP 93  177 177 ASP ASP A . n 
A 1 94  ALA 94  178 178 ALA ALA A . n 
A 1 95  GLU 95  179 179 GLU GLU A . n 
A 1 96  GLU 96  180 180 GLU GLU A . n 
A 1 97  THR 97  181 181 THR THR A . n 
A 1 98  TRP 98  182 182 TRP TRP A . n 
A 1 99  THR 99  183 183 THR THR A . n 
A 1 100 ASN 100 184 184 ASN ASN A . n 
A 1 101 THR 101 185 185 THR THR A . n 
A 1 102 SER 102 186 186 SER SER A . n 
A 1 103 ALA 103 187 187 ALA ALA A . n 
A 1 104 ASN 104 188 188 ASN ASN A . n 
A 1 105 TYR 105 189 189 TYR TYR A . n 
A 1 106 ASN 106 190 190 ASN ASN A . n 
A 1 107 LEU 107 191 191 LEU LEU A . n 
A 1 108 PHE 108 192 192 PHE PHE A . n 
A 1 109 LEU 109 193 193 LEU LEU A . n 
A 1 110 VAL 110 194 194 VAL VAL A . n 
A 1 111 ALA 111 195 195 ALA ALA A . n 
A 1 112 ALA 112 196 196 ALA ALA A . n 
A 1 113 HIS 113 197 197 HIS HIS A . n 
A 1 114 GLU 114 198 198 GLU GLU A . n 
A 1 115 PHE 115 199 199 PHE PHE A . n 
A 1 116 GLY 116 200 200 GLY GLY A . n 
A 1 117 HIS 117 201 201 HIS HIS A . n 
A 1 118 SER 118 202 202 SER SER A . n 
A 1 119 LEU 119 203 203 LEU LEU A . n 
A 1 120 GLY 120 204 204 GLY GLY A . n 
A 1 121 LEU 121 205 205 LEU LEU A . n 
A 1 122 ALA 122 206 206 ALA ALA A . n 
A 1 123 HIS 123 207 207 HIS HIS A . n 
A 1 124 SER 124 208 208 SER SER A . n 
A 1 125 SER 125 209 209 SER SER A . n 
A 1 126 ASP 126 210 210 ASP ASP A . n 
A 1 127 PRO 127 211 211 PRO PRO A . n 
A 1 128 GLY 128 212 212 GLY GLY A . n 
A 1 129 ALA 129 213 213 ALA ALA A . n 
A 1 130 LEU 130 214 214 LEU LEU A . n 
A 1 131 MET 131 215 215 MET MET A . n 
A 1 132 TYR 132 216 216 TYR TYR A . n 
A 1 133 PRO 133 217 217 PRO PRO A . n 
A 1 134 ASN 134 218 218 ASN ASN A . n 
A 1 135 TYR 135 219 219 TYR TYR A . n 
A 1 136 ALA 136 220 220 ALA ALA A . n 
A 1 137 PHE 137 221 221 PHE PHE A . n 
A 1 138 ARG 138 222 222 ARG ARG A . n 
A 1 139 GLU 139 223 223 GLU GLU A . n 
A 1 140 THR 140 224 224 THR THR A . n 
A 1 141 SER 141 225 225 SER SER A . n 
A 1 142 ASN 142 226 226 ASN ASN A . n 
A 1 143 TYR 143 227 227 TYR TYR A . n 
A 1 144 SER 144 228 228 SER SER A . n 
A 1 145 LEU 145 229 229 LEU LEU A . n 
A 1 146 PRO 146 230 230 PRO PRO A . n 
A 1 147 GLN 147 231 231 GLN GLN A . n 
A 1 148 ASP 148 232 232 ASP ASP A . n 
A 1 149 ASP 149 233 233 ASP ASP A . n 
A 1 150 ILE 150 234 234 ILE ILE A . n 
A 1 151 ASP 151 235 235 ASP ASP A . n 
A 1 152 GLY 152 236 236 GLY GLY A . n 
A 1 153 ILE 153 237 237 ILE ILE A . n 
A 1 154 GLN 154 238 238 GLN GLN A . n 
A 1 155 ALA 155 239 239 ALA ALA A . n 
A 1 156 ILE 156 240 240 ILE ILE A . n 
A 1 157 TYR 157 241 241 TYR TYR A . n 
A 1 158 GLY 158 242 242 GLY GLY A . n 
# 
loop_
_pdbx_nonpoly_scheme.asym_id 
_pdbx_nonpoly_scheme.entity_id 
_pdbx_nonpoly_scheme.mon_id 
_pdbx_nonpoly_scheme.ndb_seq_num 
_pdbx_nonpoly_scheme.pdb_seq_num 
_pdbx_nonpoly_scheme.auth_seq_num 
_pdbx_nonpoly_scheme.pdb_mon_id 
_pdbx_nonpoly_scheme.auth_mon_id 
_pdbx_nonpoly_scheme.pdb_strand_id 
_pdbx_nonpoly_scheme.pdb_ins_code 
B 2 CA  1  996  996 CA  CA  A . 
C 2 CA  1  997  997 CA  CA  A . 
D 3 ZN  1  998  998 ZN  ZN  A . 
E 3 ZN  1  999  999 ZN  ZN  A . 
F 4 JST 1  1000 101 JST JST A . 
G 5 HOH 1  1    1   HOH HOH A . 
G 5 HOH 2  2    2   HOH HOH A . 
G 5 HOH 3  3    3   HOH HOH A . 
G 5 HOH 4  4    4   HOH HOH A . 
G 5 HOH 5  5    5   HOH HOH A . 
G 5 HOH 6  6    6   HOH HOH A . 
G 5 HOH 7  7    7   HOH HOH A . 
G 5 HOH 8  8    8   HOH HOH A . 
G 5 HOH 9  9    9   HOH HOH A . 
G 5 HOH 10 10   10  HOH HOH A . 
G 5 HOH 11 11   11  HOH HOH A . 
G 5 HOH 12 12   12  HOH HOH A . 
G 5 HOH 13 13   13  HOH HOH A . 
G 5 HOH 14 14   14  HOH HOH A . 
G 5 HOH 15 15   15  HOH HOH A . 
G 5 HOH 16 16   16  HOH HOH A . 
G 5 HOH 17 17   17  HOH HOH A . 
G 5 HOH 18 18   18  HOH HOH A . 
G 5 HOH 19 19   19  HOH HOH A . 
G 5 HOH 20 20   20  HOH HOH A . 
G 5 HOH 21 21   21  HOH HOH A . 
G 5 HOH 22 22   22  HOH HOH A . 
G 5 HOH 23 23   23  HOH HOH A . 
G 5 HOH 24 24   24  HOH HOH A . 
G 5 HOH 25 25   25  HOH HOH A . 
G 5 HOH 26 26   26  HOH HOH A . 
# 
loop_
_pdbx_unobs_or_zero_occ_atoms.id 
_pdbx_unobs_or_zero_occ_atoms.PDB_model_num 
_pdbx_unobs_or_zero_occ_atoms.polymer_flag 
_pdbx_unobs_or_zero_occ_atoms.occupancy_flag 
_pdbx_unobs_or_zero_occ_atoms.auth_asym_id 
_pdbx_unobs_or_zero_occ_atoms.auth_comp_id 
_pdbx_unobs_or_zero_occ_atoms.auth_seq_id 
_pdbx_unobs_or_zero_occ_atoms.PDB_ins_code 
_pdbx_unobs_or_zero_occ_atoms.auth_atom_id 
_pdbx_unobs_or_zero_occ_atoms.label_alt_id 
_pdbx_unobs_or_zero_occ_atoms.label_asym_id 
_pdbx_unobs_or_zero_occ_atoms.label_comp_id 
_pdbx_unobs_or_zero_occ_atoms.label_seq_id 
_pdbx_unobs_or_zero_occ_atoms.label_atom_id 
1 1 Y 0 A MET 215  ? CE  ? A MET 131 CE  
2 1 Y 0 A ARG 222  ? CD  ? A ARG 138 CD  
3 1 Y 0 A ARG 222  ? NE  ? A ARG 138 NE  
4 1 Y 0 A ARG 222  ? CZ  ? A ARG 138 CZ  
5 1 Y 0 A ARG 222  ? NH1 ? A ARG 138 NH1 
6 1 Y 0 A ARG 222  ? NH2 ? A ARG 138 NH2 
7 1 N 1 A JST 1000 ? C13 ? F JST 1   C13 
# 
loop_
_software.name 
_software.classification 
_software.version 
_software.citation_id 
_software.pdbx_ordinal 
AMoRE  phasing          .         ? 1 
CNS    refinement       .         ? 2 
MOSFLM 'data reduction' .         ? 3 
CCP4   'data scaling'   '(SCALA)' ? 4 
# 
_cell.entry_id           1JH1 
_cell.length_a           32.99 
_cell.length_b           69.38 
_cell.length_c           72.09 
_cell.angle_alpha        90 
_cell.angle_beta         90 
_cell.angle_gamma        90 
_cell.Z_PDB              4 
_cell.pdbx_unique_axis   ? 
# 
_symmetry.entry_id                         1JH1 
_symmetry.space_group_name_H-M             'P 21 21 21' 
_symmetry.pdbx_full_space_group_name_H-M   ? 
_symmetry.cell_setting                     ? 
_symmetry.Int_Tables_number                19 
# 
_exptl.entry_id          1JH1 
_exptl.method            'X-RAY DIFFRACTION' 
_exptl.crystals_number   1 
# 
_exptl_crystal.id                    1 
_exptl_crystal.density_meas          ? 
_exptl_crystal.density_Matthews      2.34 
_exptl_crystal.density_percent_sol   47.46 
_exptl_crystal.description           ? 
# 
_exptl_crystal_grow.crystal_id      1 
_exptl_crystal_grow.method          'VAPOR DIFFUSION, SITTING DROP' 
_exptl_crystal_grow.temp            291 
_exptl_crystal_grow.temp_details    ? 
_exptl_crystal_grow.pH              6.0 
_exptl_crystal_grow.pdbx_details    
'0.1M MES, 10% PEG6K, 10mM CaCl2, 100mM NaCl, pH 6.0, VAPOR DIFFUSION, SITTING DROP, temperature 291K' 
_exptl_crystal_grow.pdbx_pH_range   . 
# 
_diffrn.id                     1 
_diffrn.ambient_temp           275 
_diffrn.ambient_temp_details   ? 
_diffrn.crystal_id             1 
# 
_diffrn_detector.diffrn_id              1 
_diffrn_detector.detector               'IMAGE PLATE' 
_diffrn_detector.type                   MARRESEARCH 
_diffrn_detector.pdbx_collection_date   2000-06-20 
_diffrn_detector.details                Monochromator 
# 
_diffrn_radiation.diffrn_id                        1 
_diffrn_radiation.wavelength_id                    1 
_diffrn_radiation.pdbx_monochromatic_or_laue_m_l   M 
_diffrn_radiation.monochromator                    graphite 
_diffrn_radiation.pdbx_diffrn_protocol             'SINGLE WAVELENGTH' 
_diffrn_radiation.pdbx_scattering_type             x-ray 
# 
_diffrn_radiation_wavelength.id           1 
_diffrn_radiation_wavelength.wavelength   1.5418 
_diffrn_radiation_wavelength.wt           1.0 
# 
_diffrn_source.diffrn_id                   1 
_diffrn_source.source                      'ROTATING ANODE' 
_diffrn_source.type                        'RIGAKU RU300' 
_diffrn_source.pdbx_synchrotron_site       ? 
_diffrn_source.pdbx_synchrotron_beamline   ? 
_diffrn_source.pdbx_wavelength             1.5418 
_diffrn_source.pdbx_wavelength_list        ? 
# 
_reflns.entry_id                     1JH1 
_reflns.observed_criterion_sigma_I   3 
_reflns.observed_criterion_sigma_F   2 
_reflns.d_resolution_low             50.0 
_reflns.d_resolution_high            2.7 
_reflns.number_obs                   4174 
_reflns.number_all                   4893 
_reflns.percent_possible_obs         85.3 
_reflns.pdbx_Rmerge_I_obs            0.0920000 
_reflns.pdbx_Rsym_value              ? 
_reflns.pdbx_netI_over_sigmaI        5.5 
_reflns.B_iso_Wilson_estimate        48 
_reflns.pdbx_redundancy              2.8 
_reflns.R_free_details               ? 
_reflns.limit_h_max                  ? 
_reflns.limit_h_min                  ? 
_reflns.limit_k_max                  ? 
_reflns.limit_k_min                  ? 
_reflns.limit_l_max                  ? 
_reflns.limit_l_min                  ? 
_reflns.observed_criterion_F_max     ? 
_reflns.observed_criterion_F_min     ? 
_reflns.pdbx_diffrn_id               1 
_reflns.pdbx_ordinal                 1 
# 
_reflns_shell.d_res_high             2.7 
_reflns_shell.d_res_low              2.8 
_reflns_shell.percent_possible_all   72.4 
_reflns_shell.Rmerge_I_obs           0.3200000 
_reflns_shell.pdbx_Rsym_value        ? 
_reflns_shell.meanI_over_sigI_obs    ? 
_reflns_shell.pdbx_redundancy        1.9 
_reflns_shell.percent_possible_obs   ? 
_reflns_shell.number_unique_all      ? 
_reflns_shell.pdbx_diffrn_id         ? 
_reflns_shell.pdbx_ordinal           1 
# 
_refine.entry_id                                 1JH1 
_refine.ls_number_reflns_obs                     4174 
_refine.ls_number_reflns_all                     4893 
_refine.pdbx_ls_sigma_I                          0.0 
_refine.pdbx_ls_sigma_F                          2.0 
_refine.pdbx_data_cutoff_high_absF               ? 
_refine.pdbx_data_cutoff_low_absF                ? 
_refine.ls_d_res_low                             50.0 
_refine.ls_d_res_high                            2.7 
_refine.ls_percent_reflns_obs                    85.3 
_refine.ls_R_factor_obs                          0.2110000 
_refine.ls_R_factor_all                          0.2110000 
_refine.ls_R_factor_R_work                       0.2110000 
_refine.ls_R_factor_R_free                       0.2640000 
_refine.ls_R_factor_R_free_error                 ? 
_refine.ls_R_factor_R_free_error_details         ? 
_refine.ls_percent_reflns_R_free                 ? 
_refine.ls_number_reflns_R_free                  191 
_refine.ls_number_parameters                     ? 
_refine.ls_number_restraints                     ? 
_refine.occupancy_min                            ? 
_refine.occupancy_max                            ? 
_refine.B_iso_mean                               11.3 
_refine.aniso_B[1][1]                            4.2 
_refine.aniso_B[2][2]                            3.9 
_refine.aniso_B[3][3]                            -8.1 
_refine.aniso_B[1][2]                            0 
_refine.aniso_B[1][3]                            0 
_refine.aniso_B[2][3]                            0 
_refine.solvent_model_details                    ? 
_refine.solvent_model_param_ksol                 ? 
_refine.solvent_model_param_bsol                 ? 
_refine.pdbx_ls_cross_valid_method               THROUGHOUT 
_refine.details                                  ? 
_refine.pdbx_starting_model                      MMP-8 
_refine.pdbx_method_to_determine_struct          'MOLECULAR REPLACEMENT' 
_refine.pdbx_isotropic_thermal_model             isotropic 
_refine.pdbx_stereochemistry_target_values       'Engh & Huber' 
_refine.pdbx_stereochem_target_val_spec_case     ? 
_refine.pdbx_R_Free_selection_details            random 
_refine.pdbx_overall_ESU_R_Free                  ? 
_refine.overall_SU_B                             ? 
_refine.ls_redundancy_reflns_obs                 ? 
_refine.B_iso_min                                ? 
_refine.B_iso_max                                ? 
_refine.correlation_coeff_Fo_to_Fc               ? 
_refine.correlation_coeff_Fo_to_Fc_free          ? 
_refine.overall_SU_R_Cruickshank_DPI             ? 
_refine.overall_SU_R_free                        ? 
_refine.overall_SU_ML                            ? 
_refine.pdbx_overall_ESU_R                       ? 
_refine.pdbx_data_cutoff_high_rms_absF           ? 
_refine.pdbx_refine_id                           'X-RAY DIFFRACTION' 
_refine.pdbx_diffrn_id                           1 
_refine.pdbx_TLS_residual_ADP_flag               ? 
_refine.pdbx_solvent_vdw_probe_radii             ? 
_refine.pdbx_solvent_ion_probe_radii             ? 
_refine.pdbx_solvent_shrinkage_radii             ? 
_refine.pdbx_overall_phase_error                 ? 
_refine.pdbx_overall_SU_R_free_Cruickshank_DPI   ? 
_refine.pdbx_overall_SU_R_Blow_DPI               ? 
_refine.pdbx_overall_SU_R_free_Blow_DPI          ? 
# 
_refine_hist.pdbx_refine_id                   'X-RAY DIFFRACTION' 
_refine_hist.cycle_id                         LAST 
_refine_hist.pdbx_number_atoms_protein        1249 
_refine_hist.pdbx_number_atoms_nucleic_acid   0 
_refine_hist.pdbx_number_atoms_ligand         21 
_refine_hist.number_atoms_solvent             26 
_refine_hist.number_atoms_total               1296 
_refine_hist.d_res_high                       2.7 
_refine_hist.d_res_low                        50.0 
# 
loop_
_refine_ls_restr.type 
_refine_ls_restr.dev_ideal 
_refine_ls_restr.dev_ideal_target 
_refine_ls_restr.weight 
_refine_ls_restr.number 
_refine_ls_restr.pdbx_refine_id 
_refine_ls_restr.pdbx_restraint_function 
c_bond_d    0.006961 ? ? ? 'X-RAY DIFFRACTION' ? 
c_angle_deg 1.27     ? ? ? 'X-RAY DIFFRACTION' ? 
# 
_struct.entry_id                  1JH1 
_struct.title                     'Crystal Structure of MMP-8 complexed with a 6H-1,3,4-thiadiazine derived inhibitor' 
_struct.pdbx_model_details        ? 
_struct.pdbx_CASP_flag            ? 
_struct.pdbx_model_type_details   ? 
# 
_struct_keywords.entry_id        1JH1 
_struct_keywords.pdbx_keywords   HYDROLASE 
_struct_keywords.text            'Collagenase, Inhibitor, thiadiazine, HYDROLASE' 
# 
loop_
_struct_asym.id 
_struct_asym.pdbx_blank_PDB_chainid_flag 
_struct_asym.pdbx_modified 
_struct_asym.entity_id 
_struct_asym.details 
A N N 1 ? 
B N N 2 ? 
C N N 2 ? 
D N N 3 ? 
E N N 3 ? 
F N N 4 ? 
G N N 5 ? 
# 
_struct_ref.id                         1 
_struct_ref.db_name                    UNP 
_struct_ref.db_code                    MMP8_HUMAN 
_struct_ref.entity_id                  1 
_struct_ref.pdbx_seq_one_letter_code   
;LTPGNPKWERTNLTYRIRNYTPQLSEAEVERAIKDAFELWSVASPLIFTRISQGEADINIAFYQRDHGDNSPFDGPNGIL
AHAFQPGQGIGGDAHFDAEETWTNTSANYNLFLVAAHEFGHSLGLAHSSDPGALMYPNYAFRETSNYSLPQDDIDGIQAI
YG
;
_struct_ref.pdbx_align_begin           105 
_struct_ref.pdbx_db_accession          P22894 
_struct_ref.pdbx_db_isoform            ? 
# 
_struct_ref_seq.align_id                      1 
_struct_ref_seq.ref_id                        1 
_struct_ref_seq.pdbx_PDB_id_code              1JH1 
_struct_ref_seq.pdbx_strand_id                A 
_struct_ref_seq.seq_align_beg                 1 
_struct_ref_seq.pdbx_seq_align_beg_ins_code   ? 
_struct_ref_seq.seq_align_end                 158 
_struct_ref_seq.pdbx_seq_align_end_ins_code   ? 
_struct_ref_seq.pdbx_db_accession             P22894 
_struct_ref_seq.db_align_beg                  105 
_struct_ref_seq.pdbx_db_align_beg_ins_code    ? 
_struct_ref_seq.db_align_end                  262 
_struct_ref_seq.pdbx_db_align_end_ins_code    ? 
_struct_ref_seq.pdbx_auth_seq_align_beg       85 
_struct_ref_seq.pdbx_auth_seq_align_end       242 
# 
_pdbx_struct_assembly.id                   1 
_pdbx_struct_assembly.details              author_defined_assembly 
_pdbx_struct_assembly.method_details       ? 
_pdbx_struct_assembly.oligomeric_details   monomeric 
_pdbx_struct_assembly.oligomeric_count     1 
# 
_pdbx_struct_assembly_gen.assembly_id       1 
_pdbx_struct_assembly_gen.oper_expression   1 
_pdbx_struct_assembly_gen.asym_id_list      A,B,C,D,E,F,G 
# 
_pdbx_struct_oper_list.id                   1 
_pdbx_struct_oper_list.type                 'identity operation' 
_pdbx_struct_oper_list.name                 1_555 
_pdbx_struct_oper_list.symmetry_operation   x,y,z 
_pdbx_struct_oper_list.matrix[1][1]         1.0000000000 
_pdbx_struct_oper_list.matrix[1][2]         0.0000000000 
_pdbx_struct_oper_list.matrix[1][3]         0.0000000000 
_pdbx_struct_oper_list.vector[1]            0.0000000000 
_pdbx_struct_oper_list.matrix[2][1]         0.0000000000 
_pdbx_struct_oper_list.matrix[2][2]         1.0000000000 
_pdbx_struct_oper_list.matrix[2][3]         0.0000000000 
_pdbx_struct_oper_list.vector[2]            0.0000000000 
_pdbx_struct_oper_list.matrix[3][1]         0.0000000000 
_pdbx_struct_oper_list.matrix[3][2]         0.0000000000 
_pdbx_struct_oper_list.matrix[3][3]         1.0000000000 
_pdbx_struct_oper_list.vector[3]            0.0000000000 
# 
loop_
_struct_conf.conf_type_id 
_struct_conf.id 
_struct_conf.pdbx_PDB_helix_id 
_struct_conf.beg_label_comp_id 
_struct_conf.beg_label_asym_id 
_struct_conf.beg_label_seq_id 
_struct_conf.pdbx_beg_PDB_ins_code 
_struct_conf.end_label_comp_id 
_struct_conf.end_label_asym_id 
_struct_conf.end_label_seq_id 
_struct_conf.pdbx_end_PDB_ins_code 
_struct_conf.beg_auth_comp_id 
_struct_conf.beg_auth_asym_id 
_struct_conf.beg_auth_seq_id 
_struct_conf.end_auth_comp_id 
_struct_conf.end_auth_asym_id 
_struct_conf.end_auth_seq_id 
_struct_conf.pdbx_PDB_helix_class 
_struct_conf.details 
_struct_conf.pdbx_PDB_helix_length 
HELX_P HELX_P1 1 SER A 21  ? VAL A 38  ? SER A 105 VAL A 122 1 ? 18 
HELX_P HELX_P2 2 ASN A 106 ? LEU A 119 ? ASN A 190 LEU A 203 1 ? 14 
HELX_P HELX_P3 3 PRO A 146 ? TYR A 157 ? PRO A 230 TYR A 241 1 ? 12 
# 
_struct_conf_type.id          HELX_P 
_struct_conf_type.criteria    ? 
_struct_conf_type.reference   ? 
# 
loop_
_struct_conn.id 
_struct_conn.conn_type_id 
_struct_conn.pdbx_leaving_atom_flag 
_struct_conn.pdbx_PDB_id 
_struct_conn.ptnr1_label_asym_id 
_struct_conn.ptnr1_label_comp_id 
_struct_conn.ptnr1_label_seq_id 
_struct_conn.ptnr1_label_atom_id 
_struct_conn.pdbx_ptnr1_label_alt_id 
_struct_conn.pdbx_ptnr1_PDB_ins_code 
_struct_conn.pdbx_ptnr1_standard_comp_id 
_struct_conn.ptnr1_symmetry 
_struct_conn.ptnr2_label_asym_id 
_struct_conn.ptnr2_label_comp_id 
_struct_conn.ptnr2_label_seq_id 
_struct_conn.ptnr2_label_atom_id 
_struct_conn.pdbx_ptnr2_label_alt_id 
_struct_conn.pdbx_ptnr2_PDB_ins_code 
_struct_conn.ptnr1_auth_asym_id 
_struct_conn.ptnr1_auth_comp_id 
_struct_conn.ptnr1_auth_seq_id 
_struct_conn.ptnr2_auth_asym_id 
_struct_conn.ptnr2_auth_comp_id 
_struct_conn.ptnr2_auth_seq_id 
_struct_conn.ptnr2_symmetry 
_struct_conn.pdbx_ptnr3_label_atom_id 
_struct_conn.pdbx_ptnr3_label_seq_id 
_struct_conn.pdbx_ptnr3_label_comp_id 
_struct_conn.pdbx_ptnr3_label_asym_id 
_struct_conn.pdbx_ptnr3_label_alt_id 
_struct_conn.pdbx_ptnr3_PDB_ins_code 
_struct_conn.details 
_struct_conn.pdbx_dist_value 
_struct_conn.pdbx_value_order 
_struct_conn.pdbx_role 
metalc1  metalc ? ? G HOH .   O   ? ? ? 1_555 B CA  . CA ? ? A HOH 22  A CA  996  1_555 ? ? ? ? ? ? ? 2.667 ? ? 
metalc2  metalc ? ? A ASP 53  O   ? ? ? 1_555 B CA  . CA ? ? A ASP 137 A CA  996  1_555 ? ? ? ? ? ? ? 2.692 ? ? 
metalc3  metalc ? ? A HIS 63  NE2 ? ? ? 1_555 D ZN  . ZN ? ? A HIS 147 A ZN  998  1_555 ? ? ? ? ? ? ? 2.201 ? ? 
metalc4  metalc ? ? A ASP 65  OD2 ? ? ? 1_555 D ZN  . ZN ? ? A ASP 149 A ZN  998  1_555 ? ? ? ? ? ? ? 2.192 ? ? 
metalc5  metalc ? ? A ASP 70  OD1 ? ? ? 1_555 C CA  . CA ? ? A ASP 154 A CA  997  1_555 ? ? ? ? ? ? ? 2.783 ? ? 
metalc6  metalc ? ? A GLY 71  O   ? ? ? 1_555 C CA  . CA ? ? A GLY 155 A CA  997  1_555 ? ? ? ? ? ? ? 2.521 ? ? 
metalc7  metalc ? ? A ASN 73  O   ? ? ? 1_555 C CA  . CA ? ? A ASN 157 A CA  997  1_555 ? ? ? ? ? ? ? 2.631 ? ? 
metalc8  metalc ? ? A ILE 75  O   ? ? ? 1_555 C CA  . CA ? ? A ILE 159 A CA  997  1_555 ? ? ? ? ? ? ? 2.754 ? ? 
metalc9  metalc ? ? A HIS 78  NE2 ? ? ? 1_555 D ZN  . ZN ? ? A HIS 162 A ZN  998  1_555 ? ? ? ? ? ? ? 2.499 ? ? 
metalc10 metalc ? ? A GLY 85  O   ? ? ? 1_555 B CA  . CA ? ? A GLY 169 A CA  996  1_555 ? ? ? ? ? ? ? 2.580 ? ? 
metalc11 metalc ? ? A GLY 87  O   ? ? ? 1_555 B CA  . CA ? ? A GLY 171 A CA  996  1_555 ? ? ? ? ? ? ? 2.577 ? ? 
metalc12 metalc ? ? A ASP 89  OD1 ? ? ? 1_555 B CA  . CA ? ? A ASP 173 A CA  996  1_555 ? ? ? ? ? ? ? 3.110 ? ? 
metalc13 metalc ? ? A ASP 89  OD2 ? ? ? 1_555 B CA  . CA ? ? A ASP 173 A CA  996  1_555 ? ? ? ? ? ? ? 3.398 ? ? 
metalc14 metalc ? ? A HIS 91  ND1 ? ? ? 1_555 D ZN  . ZN ? ? A HIS 175 A ZN  998  1_555 ? ? ? ? ? ? ? 2.293 ? ? 
metalc15 metalc ? ? A ASP 93  OD2 ? ? ? 1_555 C CA  . CA ? ? A ASP 177 A CA  997  1_555 ? ? ? ? ? ? ? 2.721 ? ? 
metalc16 metalc ? ? A GLU 96  OE2 ? ? ? 1_555 C CA  . CA ? ? A GLU 180 A CA  997  1_555 ? ? ? ? ? ? ? 2.639 ? ? 
metalc17 metalc ? ? A HIS 113 NE2 ? ? ? 1_555 E ZN  . ZN ? ? A HIS 197 A ZN  999  1_555 ? ? ? ? ? ? ? 2.245 ? ? 
metalc18 metalc ? ? A HIS 117 NE2 ? ? ? 1_555 E ZN  . ZN ? ? A HIS 201 A ZN  999  1_555 ? ? ? ? ? ? ? 2.269 ? ? 
metalc19 metalc ? ? A HIS 123 NE2 ? ? ? 1_555 E ZN  . ZN ? ? A HIS 207 A ZN  999  1_555 ? ? ? ? ? ? ? 2.192 ? ? 
metalc20 metalc ? ? E ZN  .   ZN  ? ? ? 1_555 F JST . N3 ? ? A ZN  999 A JST 1000 1_555 ? ? ? ? ? ? ? 2.543 ? ? 
# 
_struct_conn_type.id          metalc 
_struct_conn_type.criteria    ? 
_struct_conn_type.reference   ? 
# 
loop_
_pdbx_struct_conn_angle.id 
_pdbx_struct_conn_angle.ptnr1_label_atom_id 
_pdbx_struct_conn_angle.ptnr1_label_alt_id 
_pdbx_struct_conn_angle.ptnr1_label_asym_id 
_pdbx_struct_conn_angle.ptnr1_label_comp_id 
_pdbx_struct_conn_angle.ptnr1_label_seq_id 
_pdbx_struct_conn_angle.ptnr1_auth_atom_id 
_pdbx_struct_conn_angle.ptnr1_auth_asym_id 
_pdbx_struct_conn_angle.ptnr1_auth_comp_id 
_pdbx_struct_conn_angle.ptnr1_auth_seq_id 
_pdbx_struct_conn_angle.ptnr1_PDB_ins_code 
_pdbx_struct_conn_angle.ptnr1_symmetry 
_pdbx_struct_conn_angle.ptnr2_label_atom_id 
_pdbx_struct_conn_angle.ptnr2_label_alt_id 
_pdbx_struct_conn_angle.ptnr2_label_asym_id 
_pdbx_struct_conn_angle.ptnr2_label_comp_id 
_pdbx_struct_conn_angle.ptnr2_label_seq_id 
_pdbx_struct_conn_angle.ptnr2_auth_atom_id 
_pdbx_struct_conn_angle.ptnr2_auth_asym_id 
_pdbx_struct_conn_angle.ptnr2_auth_comp_id 
_pdbx_struct_conn_angle.ptnr2_auth_seq_id 
_pdbx_struct_conn_angle.ptnr2_PDB_ins_code 
_pdbx_struct_conn_angle.ptnr2_symmetry 
_pdbx_struct_conn_angle.ptnr3_label_atom_id 
_pdbx_struct_conn_angle.ptnr3_label_alt_id 
_pdbx_struct_conn_angle.ptnr3_label_asym_id 
_pdbx_struct_conn_angle.ptnr3_label_comp_id 
_pdbx_struct_conn_angle.ptnr3_label_seq_id 
_pdbx_struct_conn_angle.ptnr3_auth_atom_id 
_pdbx_struct_conn_angle.ptnr3_auth_asym_id 
_pdbx_struct_conn_angle.ptnr3_auth_comp_id 
_pdbx_struct_conn_angle.ptnr3_auth_seq_id 
_pdbx_struct_conn_angle.ptnr3_PDB_ins_code 
_pdbx_struct_conn_angle.ptnr3_symmetry 
_pdbx_struct_conn_angle.value 
_pdbx_struct_conn_angle.value_esd 
1  O   ? G HOH .   ? A HOH 22  ? 1_555 CA ? B CA . ? A CA 996 ? 1_555 O   ? A ASP 53  ? A ASP 137  ? 1_555 73.7  ? 
2  O   ? G HOH .   ? A HOH 22  ? 1_555 CA ? B CA . ? A CA 996 ? 1_555 O   ? A GLY 85  ? A GLY 169  ? 1_555 125.2 ? 
3  O   ? A ASP 53  ? A ASP 137 ? 1_555 CA ? B CA . ? A CA 996 ? 1_555 O   ? A GLY 85  ? A GLY 169  ? 1_555 128.5 ? 
4  O   ? G HOH .   ? A HOH 22  ? 1_555 CA ? B CA . ? A CA 996 ? 1_555 O   ? A GLY 87  ? A GLY 171  ? 1_555 84.4  ? 
5  O   ? A ASP 53  ? A ASP 137 ? 1_555 CA ? B CA . ? A CA 996 ? 1_555 O   ? A GLY 87  ? A GLY 171  ? 1_555 108.5 ? 
6  O   ? A GLY 85  ? A GLY 169 ? 1_555 CA ? B CA . ? A CA 996 ? 1_555 O   ? A GLY 87  ? A GLY 171  ? 1_555 119.8 ? 
7  O   ? G HOH .   ? A HOH 22  ? 1_555 CA ? B CA . ? A CA 996 ? 1_555 OD1 ? A ASP 89  ? A ASP 173  ? 1_555 135.4 ? 
8  O   ? A ASP 53  ? A ASP 137 ? 1_555 CA ? B CA . ? A CA 996 ? 1_555 OD1 ? A ASP 89  ? A ASP 173  ? 1_555 61.7  ? 
9  O   ? A GLY 85  ? A GLY 169 ? 1_555 CA ? B CA . ? A CA 996 ? 1_555 OD1 ? A ASP 89  ? A ASP 173  ? 1_555 85.4  ? 
10 O   ? A GLY 87  ? A GLY 171 ? 1_555 CA ? B CA . ? A CA 996 ? 1_555 OD1 ? A ASP 89  ? A ASP 173  ? 1_555 109.3 ? 
11 O   ? G HOH .   ? A HOH 22  ? 1_555 CA ? B CA . ? A CA 996 ? 1_555 OD2 ? A ASP 89  ? A ASP 173  ? 1_555 169.4 ? 
12 O   ? A ASP 53  ? A ASP 137 ? 1_555 CA ? B CA . ? A CA 996 ? 1_555 OD2 ? A ASP 89  ? A ASP 173  ? 1_555 100.0 ? 
13 O   ? A GLY 85  ? A GLY 169 ? 1_555 CA ? B CA . ? A CA 996 ? 1_555 OD2 ? A ASP 89  ? A ASP 173  ? 1_555 52.1  ? 
14 O   ? A GLY 87  ? A GLY 171 ? 1_555 CA ? B CA . ? A CA 996 ? 1_555 OD2 ? A ASP 89  ? A ASP 173  ? 1_555 105.8 ? 
15 OD1 ? A ASP 89  ? A ASP 173 ? 1_555 CA ? B CA . ? A CA 996 ? 1_555 OD2 ? A ASP 89  ? A ASP 173  ? 1_555 39.0  ? 
16 NE2 ? A HIS 63  ? A HIS 147 ? 1_555 ZN ? D ZN . ? A ZN 998 ? 1_555 OD2 ? A ASP 65  ? A ASP 149  ? 1_555 111.5 ? 
17 NE2 ? A HIS 63  ? A HIS 147 ? 1_555 ZN ? D ZN . ? A ZN 998 ? 1_555 NE2 ? A HIS 78  ? A HIS 162  ? 1_555 115.3 ? 
18 OD2 ? A ASP 65  ? A ASP 149 ? 1_555 ZN ? D ZN . ? A ZN 998 ? 1_555 NE2 ? A HIS 78  ? A HIS 162  ? 1_555 97.3  ? 
19 NE2 ? A HIS 63  ? A HIS 147 ? 1_555 ZN ? D ZN . ? A ZN 998 ? 1_555 ND1 ? A HIS 91  ? A HIS 175  ? 1_555 107.6 ? 
20 OD2 ? A ASP 65  ? A ASP 149 ? 1_555 ZN ? D ZN . ? A ZN 998 ? 1_555 ND1 ? A HIS 91  ? A HIS 175  ? 1_555 103.2 ? 
21 NE2 ? A HIS 78  ? A HIS 162 ? 1_555 ZN ? D ZN . ? A ZN 998 ? 1_555 ND1 ? A HIS 91  ? A HIS 175  ? 1_555 120.7 ? 
22 OD1 ? A ASP 70  ? A ASP 154 ? 1_555 CA ? C CA . ? A CA 997 ? 1_555 O   ? A GLY 71  ? A GLY 155  ? 1_555 100.3 ? 
23 OD1 ? A ASP 70  ? A ASP 154 ? 1_555 CA ? C CA . ? A CA 997 ? 1_555 O   ? A ASN 73  ? A ASN 157  ? 1_555 94.5  ? 
24 O   ? A GLY 71  ? A GLY 155 ? 1_555 CA ? C CA . ? A CA 997 ? 1_555 O   ? A ASN 73  ? A ASN 157  ? 1_555 69.1  ? 
25 OD1 ? A ASP 70  ? A ASP 154 ? 1_555 CA ? C CA . ? A CA 997 ? 1_555 O   ? A ILE 75  ? A ILE 159  ? 1_555 76.7  ? 
26 O   ? A GLY 71  ? A GLY 155 ? 1_555 CA ? C CA . ? A CA 997 ? 1_555 O   ? A ILE 75  ? A ILE 159  ? 1_555 173.5 ? 
27 O   ? A ASN 73  ? A ASN 157 ? 1_555 CA ? C CA . ? A CA 997 ? 1_555 O   ? A ILE 75  ? A ILE 159  ? 1_555 116.8 ? 
28 OD1 ? A ASP 70  ? A ASP 154 ? 1_555 CA ? C CA . ? A CA 997 ? 1_555 OD2 ? A ASP 93  ? A ASP 177  ? 1_555 84.4  ? 
29 O   ? A GLY 71  ? A GLY 155 ? 1_555 CA ? C CA . ? A CA 997 ? 1_555 OD2 ? A ASP 93  ? A ASP 177  ? 1_555 98.1  ? 
30 O   ? A ASN 73  ? A ASN 157 ? 1_555 CA ? C CA . ? A CA 997 ? 1_555 OD2 ? A ASP 93  ? A ASP 177  ? 1_555 166.8 ? 
31 O   ? A ILE 75  ? A ILE 159 ? 1_555 CA ? C CA . ? A CA 997 ? 1_555 OD2 ? A ASP 93  ? A ASP 177  ? 1_555 75.9  ? 
32 OD1 ? A ASP 70  ? A ASP 154 ? 1_555 CA ? C CA . ? A CA 997 ? 1_555 OE2 ? A GLU 96  ? A GLU 180  ? 1_555 170.9 ? 
33 O   ? A GLY 71  ? A GLY 155 ? 1_555 CA ? C CA . ? A CA 997 ? 1_555 OE2 ? A GLU 96  ? A GLU 180  ? 1_555 79.7  ? 
34 O   ? A ASN 73  ? A ASN 157 ? 1_555 CA ? C CA . ? A CA 997 ? 1_555 OE2 ? A GLU 96  ? A GLU 180  ? 1_555 76.9  ? 
35 O   ? A ILE 75  ? A ILE 159 ? 1_555 CA ? C CA . ? A CA 997 ? 1_555 OE2 ? A GLU 96  ? A GLU 180  ? 1_555 104.2 ? 
36 OD2 ? A ASP 93  ? A ASP 177 ? 1_555 CA ? C CA . ? A CA 997 ? 1_555 OE2 ? A GLU 96  ? A GLU 180  ? 1_555 104.7 ? 
37 NE2 ? A HIS 113 ? A HIS 197 ? 1_555 ZN ? E ZN . ? A ZN 999 ? 1_555 NE2 ? A HIS 117 ? A HIS 201  ? 1_555 103.2 ? 
38 NE2 ? A HIS 113 ? A HIS 197 ? 1_555 ZN ? E ZN . ? A ZN 999 ? 1_555 NE2 ? A HIS 123 ? A HIS 207  ? 1_555 95.8  ? 
39 NE2 ? A HIS 117 ? A HIS 201 ? 1_555 ZN ? E ZN . ? A ZN 999 ? 1_555 NE2 ? A HIS 123 ? A HIS 207  ? 1_555 101.0 ? 
40 NE2 ? A HIS 113 ? A HIS 197 ? 1_555 ZN ? E ZN . ? A ZN 999 ? 1_555 N3  ? F JST .   ? A JST 1000 ? 1_555 116.5 ? 
41 NE2 ? A HIS 117 ? A HIS 201 ? 1_555 ZN ? E ZN . ? A ZN 999 ? 1_555 N3  ? F JST .   ? A JST 1000 ? 1_555 105.0 ? 
42 NE2 ? A HIS 123 ? A HIS 207 ? 1_555 ZN ? E ZN . ? A ZN 999 ? 1_555 N3  ? F JST .   ? A JST 1000 ? 1_555 131.7 ? 
# 
_struct_mon_prot_cis.pdbx_id                1 
_struct_mon_prot_cis.label_comp_id          ASN 
_struct_mon_prot_cis.label_seq_id           104 
_struct_mon_prot_cis.label_asym_id          A 
_struct_mon_prot_cis.label_alt_id           . 
_struct_mon_prot_cis.pdbx_PDB_ins_code      ? 
_struct_mon_prot_cis.auth_comp_id           ASN 
_struct_mon_prot_cis.auth_seq_id            188 
_struct_mon_prot_cis.auth_asym_id           A 
_struct_mon_prot_cis.pdbx_label_comp_id_2   TYR 
_struct_mon_prot_cis.pdbx_label_seq_id_2    105 
_struct_mon_prot_cis.pdbx_label_asym_id_2   A 
_struct_mon_prot_cis.pdbx_PDB_ins_code_2    ? 
_struct_mon_prot_cis.pdbx_auth_comp_id_2    TYR 
_struct_mon_prot_cis.pdbx_auth_seq_id_2     189 
_struct_mon_prot_cis.pdbx_auth_asym_id_2    A 
_struct_mon_prot_cis.pdbx_PDB_model_num     1 
_struct_mon_prot_cis.pdbx_omega_angle       0.03 
# 
_struct_sheet.id               A 
_struct_sheet.type             ? 
_struct_sheet.number_strands   5 
_struct_sheet.details          ? 
# 
loop_
_struct_sheet_order.sheet_id 
_struct_sheet_order.range_id_1 
_struct_sheet_order.range_id_2 
_struct_sheet_order.offset 
_struct_sheet_order.sense 
A 1 2 ? parallel      
A 2 3 ? parallel      
A 3 4 ? parallel      
A 4 5 ? anti-parallel 
# 
loop_
_struct_sheet_range.sheet_id 
_struct_sheet_range.id 
_struct_sheet_range.beg_label_comp_id 
_struct_sheet_range.beg_label_asym_id 
_struct_sheet_range.beg_label_seq_id 
_struct_sheet_range.pdbx_beg_PDB_ins_code 
_struct_sheet_range.end_label_comp_id 
_struct_sheet_range.end_label_asym_id 
_struct_sheet_range.end_label_seq_id 
_struct_sheet_range.pdbx_end_PDB_ins_code 
_struct_sheet_range.beg_auth_comp_id 
_struct_sheet_range.beg_auth_asym_id 
_struct_sheet_range.beg_auth_seq_id 
_struct_sheet_range.end_auth_comp_id 
_struct_sheet_range.end_auth_asym_id 
_struct_sheet_range.end_auth_seq_id 
A 1 ILE A 43 ? ARG A 46 ? ILE A 127 ARG A 130 
A 2 ASN A 8  ? ILE A 13 ? ASN A 92  ILE A 97  
A 3 ILE A 54 ? TYR A 59 ? ILE A 138 TYR A 143 
A 4 ALA A 90 ? ASP A 93 ? ALA A 174 ASP A 177 
A 5 ALA A 77 ? ALA A 79 ? ALA A 161 ALA A 163 
# 
loop_
_pdbx_struct_sheet_hbond.sheet_id 
_pdbx_struct_sheet_hbond.range_id_1 
_pdbx_struct_sheet_hbond.range_id_2 
_pdbx_struct_sheet_hbond.range_1_label_atom_id 
_pdbx_struct_sheet_hbond.range_1_label_comp_id 
_pdbx_struct_sheet_hbond.range_1_label_asym_id 
_pdbx_struct_sheet_hbond.range_1_label_seq_id 
_pdbx_struct_sheet_hbond.range_1_PDB_ins_code 
_pdbx_struct_sheet_hbond.range_1_auth_atom_id 
_pdbx_struct_sheet_hbond.range_1_auth_comp_id 
_pdbx_struct_sheet_hbond.range_1_auth_asym_id 
_pdbx_struct_sheet_hbond.range_1_auth_seq_id 
_pdbx_struct_sheet_hbond.range_2_label_atom_id 
_pdbx_struct_sheet_hbond.range_2_label_comp_id 
_pdbx_struct_sheet_hbond.range_2_label_asym_id 
_pdbx_struct_sheet_hbond.range_2_label_seq_id 
_pdbx_struct_sheet_hbond.range_2_PDB_ins_code 
_pdbx_struct_sheet_hbond.range_2_auth_atom_id 
_pdbx_struct_sheet_hbond.range_2_auth_comp_id 
_pdbx_struct_sheet_hbond.range_2_auth_asym_id 
_pdbx_struct_sheet_hbond.range_2_auth_seq_id 
A 1 2 N THR A 45 ? N THR A 129 O LEU A 9  ? O LEU A 93  
A 2 3 O THR A 10 ? O THR A 94  N ILE A 54 ? N ILE A 138 
A 3 4 O ASN A 55 ? O ASN A 139 N ALA A 90 ? N ALA A 174 
A 4 5 N HIS A 91 ? N HIS A 175 O HIS A 78 ? O HIS A 162 
# 
loop_
_struct_site.id 
_struct_site.pdbx_evidence_code 
_struct_site.pdbx_auth_asym_id 
_struct_site.pdbx_auth_comp_id 
_struct_site.pdbx_auth_seq_id 
_struct_site.pdbx_auth_ins_code 
_struct_site.pdbx_num_residues 
_struct_site.details 
AC1 Software A CA  996  ? 5 'BINDING SITE FOR RESIDUE CA A 996'   
AC2 Software A CA  997  ? 6 'BINDING SITE FOR RESIDUE CA A 997'   
AC3 Software A ZN  998  ? 4 'BINDING SITE FOR RESIDUE ZN A 998'   
AC4 Software A ZN  999  ? 4 'BINDING SITE FOR RESIDUE ZN A 999'   
AC5 Software A JST 1000 ? 8 'BINDING SITE FOR RESIDUE JST A 1000' 
# 
loop_
_struct_site_gen.id 
_struct_site_gen.site_id 
_struct_site_gen.pdbx_num_res 
_struct_site_gen.label_comp_id 
_struct_site_gen.label_asym_id 
_struct_site_gen.label_seq_id 
_struct_site_gen.pdbx_auth_ins_code 
_struct_site_gen.auth_comp_id 
_struct_site_gen.auth_asym_id 
_struct_site_gen.auth_seq_id 
_struct_site_gen.label_atom_id 
_struct_site_gen.label_alt_id 
_struct_site_gen.symmetry 
_struct_site_gen.details 
1  AC1 5 HOH G .   ? HOH A 22   . ? 1_555 ? 
2  AC1 5 ASP A 53  ? ASP A 137  . ? 1_555 ? 
3  AC1 5 GLY A 85  ? GLY A 169  . ? 1_555 ? 
4  AC1 5 GLY A 87  ? GLY A 171  . ? 1_555 ? 
5  AC1 5 ASP A 89  ? ASP A 173  . ? 1_555 ? 
6  AC2 6 ASP A 70  ? ASP A 154  . ? 1_555 ? 
7  AC2 6 GLY A 71  ? GLY A 155  . ? 1_555 ? 
8  AC2 6 ASN A 73  ? ASN A 157  . ? 1_555 ? 
9  AC2 6 ILE A 75  ? ILE A 159  . ? 1_555 ? 
10 AC2 6 ASP A 93  ? ASP A 177  . ? 1_555 ? 
11 AC2 6 GLU A 96  ? GLU A 180  . ? 1_555 ? 
12 AC3 4 HIS A 63  ? HIS A 147  . ? 1_555 ? 
13 AC3 4 ASP A 65  ? ASP A 149  . ? 1_555 ? 
14 AC3 4 HIS A 78  ? HIS A 162  . ? 1_555 ? 
15 AC3 4 HIS A 91  ? HIS A 175  . ? 1_555 ? 
16 AC4 4 HIS A 113 ? HIS A 197  . ? 1_555 ? 
17 AC4 4 HIS A 117 ? HIS A 201  . ? 1_555 ? 
18 AC4 4 HIS A 123 ? HIS A 207  . ? 1_555 ? 
19 AC4 4 JST F .   ? JST A 1000 . ? 1_555 ? 
20 AC5 8 HOH G .   ? HOH A 1    . ? 1_555 ? 
21 AC5 8 ALA A 77  ? ALA A 161  . ? 1_555 ? 
22 AC5 8 HIS A 78  ? HIS A 162  . ? 1_555 ? 
23 AC5 8 ALA A 79  ? ALA A 163  . ? 1_555 ? 
24 AC5 8 HIS A 113 ? HIS A 197  . ? 1_555 ? 
25 AC5 8 GLU A 114 ? GLU A 198  . ? 1_555 ? 
26 AC5 8 HIS A 117 ? HIS A 201  . ? 1_555 ? 
27 AC5 8 ZN  E .   ? ZN  A 999  . ? 1_555 ? 
# 
loop_
_pdbx_validate_torsion.id 
_pdbx_validate_torsion.PDB_model_num 
_pdbx_validate_torsion.auth_comp_id 
_pdbx_validate_torsion.auth_asym_id 
_pdbx_validate_torsion.auth_seq_id 
_pdbx_validate_torsion.PDB_ins_code 
_pdbx_validate_torsion.label_alt_id 
_pdbx_validate_torsion.phi 
_pdbx_validate_torsion.psi 
1 1 ARG A 145 ? ? 31.77   -123.26 
2 1 ASP A 149 ? ? -141.26 26.38   
3 1 ASN A 150 ? ? 60.00   16.95   
4 1 PRO A 156 ? ? -38.01  137.61  
5 1 ASN A 157 ? ? 56.56   -174.85 
6 1 ALA A 161 ? ? 174.14  -173.38 
7 1 THR A 185 ? ? -100.20 -150.87 
8 1 ALA A 220 ? ? -172.56 133.75  
9 1 TYR A 241 ? ? -99.62  -120.16 
# 
loop_
_chem_comp_atom.comp_id 
_chem_comp_atom.atom_id 
_chem_comp_atom.type_symbol 
_chem_comp_atom.pdbx_aromatic_flag 
_chem_comp_atom.pdbx_stereo_config 
_chem_comp_atom.pdbx_ordinal 
ALA N    N  N N 1   
ALA CA   C  N S 2   
ALA C    C  N N 3   
ALA O    O  N N 4   
ALA CB   C  N N 5   
ALA OXT  O  N N 6   
ALA H    H  N N 7   
ALA H2   H  N N 8   
ALA HA   H  N N 9   
ALA HB1  H  N N 10  
ALA HB2  H  N N 11  
ALA HB3  H  N N 12  
ALA HXT  H  N N 13  
ARG N    N  N N 14  
ARG CA   C  N S 15  
ARG C    C  N N 16  
ARG O    O  N N 17  
ARG CB   C  N N 18  
ARG CG   C  N N 19  
ARG CD   C  N N 20  
ARG NE   N  N N 21  
ARG CZ   C  N N 22  
ARG NH1  N  N N 23  
ARG NH2  N  N N 24  
ARG OXT  O  N N 25  
ARG H    H  N N 26  
ARG H2   H  N N 27  
ARG HA   H  N N 28  
ARG HB2  H  N N 29  
ARG HB3  H  N N 30  
ARG HG2  H  N N 31  
ARG HG3  H  N N 32  
ARG HD2  H  N N 33  
ARG HD3  H  N N 34  
ARG HE   H  N N 35  
ARG HH11 H  N N 36  
ARG HH12 H  N N 37  
ARG HH21 H  N N 38  
ARG HH22 H  N N 39  
ARG HXT  H  N N 40  
ASN N    N  N N 41  
ASN CA   C  N S 42  
ASN C    C  N N 43  
ASN O    O  N N 44  
ASN CB   C  N N 45  
ASN CG   C  N N 46  
ASN OD1  O  N N 47  
ASN ND2  N  N N 48  
ASN OXT  O  N N 49  
ASN H    H  N N 50  
ASN H2   H  N N 51  
ASN HA   H  N N 52  
ASN HB2  H  N N 53  
ASN HB3  H  N N 54  
ASN HD21 H  N N 55  
ASN HD22 H  N N 56  
ASN HXT  H  N N 57  
ASP N    N  N N 58  
ASP CA   C  N S 59  
ASP C    C  N N 60  
ASP O    O  N N 61  
ASP CB   C  N N 62  
ASP CG   C  N N 63  
ASP OD1  O  N N 64  
ASP OD2  O  N N 65  
ASP OXT  O  N N 66  
ASP H    H  N N 67  
ASP H2   H  N N 68  
ASP HA   H  N N 69  
ASP HB2  H  N N 70  
ASP HB3  H  N N 71  
ASP HD2  H  N N 72  
ASP HXT  H  N N 73  
CA  CA   CA N N 74  
GLN N    N  N N 75  
GLN CA   C  N S 76  
GLN C    C  N N 77  
GLN O    O  N N 78  
GLN CB   C  N N 79  
GLN CG   C  N N 80  
GLN CD   C  N N 81  
GLN OE1  O  N N 82  
GLN NE2  N  N N 83  
GLN OXT  O  N N 84  
GLN H    H  N N 85  
GLN H2   H  N N 86  
GLN HA   H  N N 87  
GLN HB2  H  N N 88  
GLN HB3  H  N N 89  
GLN HG2  H  N N 90  
GLN HG3  H  N N 91  
GLN HE21 H  N N 92  
GLN HE22 H  N N 93  
GLN HXT  H  N N 94  
GLU N    N  N N 95  
GLU CA   C  N S 96  
GLU C    C  N N 97  
GLU O    O  N N 98  
GLU CB   C  N N 99  
GLU CG   C  N N 100 
GLU CD   C  N N 101 
GLU OE1  O  N N 102 
GLU OE2  O  N N 103 
GLU OXT  O  N N 104 
GLU H    H  N N 105 
GLU H2   H  N N 106 
GLU HA   H  N N 107 
GLU HB2  H  N N 108 
GLU HB3  H  N N 109 
GLU HG2  H  N N 110 
GLU HG3  H  N N 111 
GLU HE2  H  N N 112 
GLU HXT  H  N N 113 
GLY N    N  N N 114 
GLY CA   C  N N 115 
GLY C    C  N N 116 
GLY O    O  N N 117 
GLY OXT  O  N N 118 
GLY H    H  N N 119 
GLY H2   H  N N 120 
GLY HA2  H  N N 121 
GLY HA3  H  N N 122 
GLY HXT  H  N N 123 
HIS N    N  N N 124 
HIS CA   C  N S 125 
HIS C    C  N N 126 
HIS O    O  N N 127 
HIS CB   C  N N 128 
HIS CG   C  Y N 129 
HIS ND1  N  Y N 130 
HIS CD2  C  Y N 131 
HIS CE1  C  Y N 132 
HIS NE2  N  Y N 133 
HIS OXT  O  N N 134 
HIS H    H  N N 135 
HIS H2   H  N N 136 
HIS HA   H  N N 137 
HIS HB2  H  N N 138 
HIS HB3  H  N N 139 
HIS HD1  H  N N 140 
HIS HD2  H  N N 141 
HIS HE1  H  N N 142 
HIS HE2  H  N N 143 
HIS HXT  H  N N 144 
HOH O    O  N N 145 
HOH H1   H  N N 146 
HOH H2   H  N N 147 
ILE N    N  N N 148 
ILE CA   C  N S 149 
ILE C    C  N N 150 
ILE O    O  N N 151 
ILE CB   C  N S 152 
ILE CG1  C  N N 153 
ILE CG2  C  N N 154 
ILE CD1  C  N N 155 
ILE OXT  O  N N 156 
ILE H    H  N N 157 
ILE H2   H  N N 158 
ILE HA   H  N N 159 
ILE HB   H  N N 160 
ILE HG12 H  N N 161 
ILE HG13 H  N N 162 
ILE HG21 H  N N 163 
ILE HG22 H  N N 164 
ILE HG23 H  N N 165 
ILE HD11 H  N N 166 
ILE HD12 H  N N 167 
ILE HD13 H  N N 168 
ILE HXT  H  N N 169 
JST S1   S  N N 170 
JST CL1  CL N N 171 
JST N1   N  N N 172 
JST N2   N  N N 173 
JST N3   N  N N 174 
JST C1   C  Y N 175 
JST C2   C  Y N 176 
JST C3   C  Y N 177 
JST C4   C  Y N 178 
JST C5   C  Y N 179 
JST C6   C  Y N 180 
JST C7   C  N N 181 
JST C8   C  N N 182 
JST C9   C  N N 183 
JST C10  C  N N 184 
JST C11  C  N N 185 
JST C12  C  N N 186 
JST C13  C  N N 187 
JST HN2  H  N N 188 
JST H1   H  N N 189 
JST H2   H  N N 190 
JST H4   H  N N 191 
JST H5   H  N N 192 
JST H82  H  N N 193 
JST H81  H  N N 194 
JST H101 H  N N 195 
JST H102 H  N N 196 
JST H111 H  N N 197 
JST H112 H  N N 198 
JST H12  H  N N 199 
JST H131 H  N N 200 
JST H132 H  N N 201 
LEU N    N  N N 202 
LEU CA   C  N S 203 
LEU C    C  N N 204 
LEU O    O  N N 205 
LEU CB   C  N N 206 
LEU CG   C  N N 207 
LEU CD1  C  N N 208 
LEU CD2  C  N N 209 
LEU OXT  O  N N 210 
LEU H    H  N N 211 
LEU H2   H  N N 212 
LEU HA   H  N N 213 
LEU HB2  H  N N 214 
LEU HB3  H  N N 215 
LEU HG   H  N N 216 
LEU HD11 H  N N 217 
LEU HD12 H  N N 218 
LEU HD13 H  N N 219 
LEU HD21 H  N N 220 
LEU HD22 H  N N 221 
LEU HD23 H  N N 222 
LEU HXT  H  N N 223 
LYS N    N  N N 224 
LYS CA   C  N S 225 
LYS C    C  N N 226 
LYS O    O  N N 227 
LYS CB   C  N N 228 
LYS CG   C  N N 229 
LYS CD   C  N N 230 
LYS CE   C  N N 231 
LYS NZ   N  N N 232 
LYS OXT  O  N N 233 
LYS H    H  N N 234 
LYS H2   H  N N 235 
LYS HA   H  N N 236 
LYS HB2  H  N N 237 
LYS HB3  H  N N 238 
LYS HG2  H  N N 239 
LYS HG3  H  N N 240 
LYS HD2  H  N N 241 
LYS HD3  H  N N 242 
LYS HE2  H  N N 243 
LYS HE3  H  N N 244 
LYS HZ1  H  N N 245 
LYS HZ2  H  N N 246 
LYS HZ3  H  N N 247 
LYS HXT  H  N N 248 
MET N    N  N N 249 
MET CA   C  N S 250 
MET C    C  N N 251 
MET O    O  N N 252 
MET CB   C  N N 253 
MET CG   C  N N 254 
MET SD   S  N N 255 
MET CE   C  N N 256 
MET OXT  O  N N 257 
MET H    H  N N 258 
MET H2   H  N N 259 
MET HA   H  N N 260 
MET HB2  H  N N 261 
MET HB3  H  N N 262 
MET HG2  H  N N 263 
MET HG3  H  N N 264 
MET HE1  H  N N 265 
MET HE2  H  N N 266 
MET HE3  H  N N 267 
MET HXT  H  N N 268 
PHE N    N  N N 269 
PHE CA   C  N S 270 
PHE C    C  N N 271 
PHE O    O  N N 272 
PHE CB   C  N N 273 
PHE CG   C  Y N 274 
PHE CD1  C  Y N 275 
PHE CD2  C  Y N 276 
PHE CE1  C  Y N 277 
PHE CE2  C  Y N 278 
PHE CZ   C  Y N 279 
PHE OXT  O  N N 280 
PHE H    H  N N 281 
PHE H2   H  N N 282 
PHE HA   H  N N 283 
PHE HB2  H  N N 284 
PHE HB3  H  N N 285 
PHE HD1  H  N N 286 
PHE HD2  H  N N 287 
PHE HE1  H  N N 288 
PHE HE2  H  N N 289 
PHE HZ   H  N N 290 
PHE HXT  H  N N 291 
PRO N    N  N N 292 
PRO CA   C  N S 293 
PRO C    C  N N 294 
PRO O    O  N N 295 
PRO CB   C  N N 296 
PRO CG   C  N N 297 
PRO CD   C  N N 298 
PRO OXT  O  N N 299 
PRO H    H  N N 300 
PRO HA   H  N N 301 
PRO HB2  H  N N 302 
PRO HB3  H  N N 303 
PRO HG2  H  N N 304 
PRO HG3  H  N N 305 
PRO HD2  H  N N 306 
PRO HD3  H  N N 307 
PRO HXT  H  N N 308 
SER N    N  N N 309 
SER CA   C  N S 310 
SER C    C  N N 311 
SER O    O  N N 312 
SER CB   C  N N 313 
SER OG   O  N N 314 
SER OXT  O  N N 315 
SER H    H  N N 316 
SER H2   H  N N 317 
SER HA   H  N N 318 
SER HB2  H  N N 319 
SER HB3  H  N N 320 
SER HG   H  N N 321 
SER HXT  H  N N 322 
THR N    N  N N 323 
THR CA   C  N S 324 
THR C    C  N N 325 
THR O    O  N N 326 
THR CB   C  N R 327 
THR OG1  O  N N 328 
THR CG2  C  N N 329 
THR OXT  O  N N 330 
THR H    H  N N 331 
THR H2   H  N N 332 
THR HA   H  N N 333 
THR HB   H  N N 334 
THR HG1  H  N N 335 
THR HG21 H  N N 336 
THR HG22 H  N N 337 
THR HG23 H  N N 338 
THR HXT  H  N N 339 
TRP N    N  N N 340 
TRP CA   C  N S 341 
TRP C    C  N N 342 
TRP O    O  N N 343 
TRP CB   C  N N 344 
TRP CG   C  Y N 345 
TRP CD1  C  Y N 346 
TRP CD2  C  Y N 347 
TRP NE1  N  Y N 348 
TRP CE2  C  Y N 349 
TRP CE3  C  Y N 350 
TRP CZ2  C  Y N 351 
TRP CZ3  C  Y N 352 
TRP CH2  C  Y N 353 
TRP OXT  O  N N 354 
TRP H    H  N N 355 
TRP H2   H  N N 356 
TRP HA   H  N N 357 
TRP HB2  H  N N 358 
TRP HB3  H  N N 359 
TRP HD1  H  N N 360 
TRP HE1  H  N N 361 
TRP HE3  H  N N 362 
TRP HZ2  H  N N 363 
TRP HZ3  H  N N 364 
TRP HH2  H  N N 365 
TRP HXT  H  N N 366 
TYR N    N  N N 367 
TYR CA   C  N S 368 
TYR C    C  N N 369 
TYR O    O  N N 370 
TYR CB   C  N N 371 
TYR CG   C  Y N 372 
TYR CD1  C  Y N 373 
TYR CD2  C  Y N 374 
TYR CE1  C  Y N 375 
TYR CE2  C  Y N 376 
TYR CZ   C  Y N 377 
TYR OH   O  N N 378 
TYR OXT  O  N N 379 
TYR H    H  N N 380 
TYR H2   H  N N 381 
TYR HA   H  N N 382 
TYR HB2  H  N N 383 
TYR HB3  H  N N 384 
TYR HD1  H  N N 385 
TYR HD2  H  N N 386 
TYR HE1  H  N N 387 
TYR HE2  H  N N 388 
TYR HH   H  N N 389 
TYR HXT  H  N N 390 
VAL N    N  N N 391 
VAL CA   C  N S 392 
VAL C    C  N N 393 
VAL O    O  N N 394 
VAL CB   C  N N 395 
VAL CG1  C  N N 396 
VAL CG2  C  N N 397 
VAL OXT  O  N N 398 
VAL H    H  N N 399 
VAL H2   H  N N 400 
VAL HA   H  N N 401 
VAL HB   H  N N 402 
VAL HG11 H  N N 403 
VAL HG12 H  N N 404 
VAL HG13 H  N N 405 
VAL HG21 H  N N 406 
VAL HG22 H  N N 407 
VAL HG23 H  N N 408 
VAL HXT  H  N N 409 
ZN  ZN   ZN N N 410 
# 
loop_
_chem_comp_bond.comp_id 
_chem_comp_bond.atom_id_1 
_chem_comp_bond.atom_id_2 
_chem_comp_bond.value_order 
_chem_comp_bond.pdbx_aromatic_flag 
_chem_comp_bond.pdbx_stereo_config 
_chem_comp_bond.pdbx_ordinal 
ALA N   CA   sing N N 1   
ALA N   H    sing N N 2   
ALA N   H2   sing N N 3   
ALA CA  C    sing N N 4   
ALA CA  CB   sing N N 5   
ALA CA  HA   sing N N 6   
ALA C   O    doub N N 7   
ALA C   OXT  sing N N 8   
ALA CB  HB1  sing N N 9   
ALA CB  HB2  sing N N 10  
ALA CB  HB3  sing N N 11  
ALA OXT HXT  sing N N 12  
ARG N   CA   sing N N 13  
ARG N   H    sing N N 14  
ARG N   H2   sing N N 15  
ARG CA  C    sing N N 16  
ARG CA  CB   sing N N 17  
ARG CA  HA   sing N N 18  
ARG C   O    doub N N 19  
ARG C   OXT  sing N N 20  
ARG CB  CG   sing N N 21  
ARG CB  HB2  sing N N 22  
ARG CB  HB3  sing N N 23  
ARG CG  CD   sing N N 24  
ARG CG  HG2  sing N N 25  
ARG CG  HG3  sing N N 26  
ARG CD  NE   sing N N 27  
ARG CD  HD2  sing N N 28  
ARG CD  HD3  sing N N 29  
ARG NE  CZ   sing N N 30  
ARG NE  HE   sing N N 31  
ARG CZ  NH1  sing N N 32  
ARG CZ  NH2  doub N N 33  
ARG NH1 HH11 sing N N 34  
ARG NH1 HH12 sing N N 35  
ARG NH2 HH21 sing N N 36  
ARG NH2 HH22 sing N N 37  
ARG OXT HXT  sing N N 38  
ASN N   CA   sing N N 39  
ASN N   H    sing N N 40  
ASN N   H2   sing N N 41  
ASN CA  C    sing N N 42  
ASN CA  CB   sing N N 43  
ASN CA  HA   sing N N 44  
ASN C   O    doub N N 45  
ASN C   OXT  sing N N 46  
ASN CB  CG   sing N N 47  
ASN CB  HB2  sing N N 48  
ASN CB  HB3  sing N N 49  
ASN CG  OD1  doub N N 50  
ASN CG  ND2  sing N N 51  
ASN ND2 HD21 sing N N 52  
ASN ND2 HD22 sing N N 53  
ASN OXT HXT  sing N N 54  
ASP N   CA   sing N N 55  
ASP N   H    sing N N 56  
ASP N   H2   sing N N 57  
ASP CA  C    sing N N 58  
ASP CA  CB   sing N N 59  
ASP CA  HA   sing N N 60  
ASP C   O    doub N N 61  
ASP C   OXT  sing N N 62  
ASP CB  CG   sing N N 63  
ASP CB  HB2  sing N N 64  
ASP CB  HB3  sing N N 65  
ASP CG  OD1  doub N N 66  
ASP CG  OD2  sing N N 67  
ASP OD2 HD2  sing N N 68  
ASP OXT HXT  sing N N 69  
GLN N   CA   sing N N 70  
GLN N   H    sing N N 71  
GLN N   H2   sing N N 72  
GLN CA  C    sing N N 73  
GLN CA  CB   sing N N 74  
GLN CA  HA   sing N N 75  
GLN C   O    doub N N 76  
GLN C   OXT  sing N N 77  
GLN CB  CG   sing N N 78  
GLN CB  HB2  sing N N 79  
GLN CB  HB3  sing N N 80  
GLN CG  CD   sing N N 81  
GLN CG  HG2  sing N N 82  
GLN CG  HG3  sing N N 83  
GLN CD  OE1  doub N N 84  
GLN CD  NE2  sing N N 85  
GLN NE2 HE21 sing N N 86  
GLN NE2 HE22 sing N N 87  
GLN OXT HXT  sing N N 88  
GLU N   CA   sing N N 89  
GLU N   H    sing N N 90  
GLU N   H2   sing N N 91  
GLU CA  C    sing N N 92  
GLU CA  CB   sing N N 93  
GLU CA  HA   sing N N 94  
GLU C   O    doub N N 95  
GLU C   OXT  sing N N 96  
GLU CB  CG   sing N N 97  
GLU CB  HB2  sing N N 98  
GLU CB  HB3  sing N N 99  
GLU CG  CD   sing N N 100 
GLU CG  HG2  sing N N 101 
GLU CG  HG3  sing N N 102 
GLU CD  OE1  doub N N 103 
GLU CD  OE2  sing N N 104 
GLU OE2 HE2  sing N N 105 
GLU OXT HXT  sing N N 106 
GLY N   CA   sing N N 107 
GLY N   H    sing N N 108 
GLY N   H2   sing N N 109 
GLY CA  C    sing N N 110 
GLY CA  HA2  sing N N 111 
GLY CA  HA3  sing N N 112 
GLY C   O    doub N N 113 
GLY C   OXT  sing N N 114 
GLY OXT HXT  sing N N 115 
HIS N   CA   sing N N 116 
HIS N   H    sing N N 117 
HIS N   H2   sing N N 118 
HIS CA  C    sing N N 119 
HIS CA  CB   sing N N 120 
HIS CA  HA   sing N N 121 
HIS C   O    doub N N 122 
HIS C   OXT  sing N N 123 
HIS CB  CG   sing N N 124 
HIS CB  HB2  sing N N 125 
HIS CB  HB3  sing N N 126 
HIS CG  ND1  sing Y N 127 
HIS CG  CD2  doub Y N 128 
HIS ND1 CE1  doub Y N 129 
HIS ND1 HD1  sing N N 130 
HIS CD2 NE2  sing Y N 131 
HIS CD2 HD2  sing N N 132 
HIS CE1 NE2  sing Y N 133 
HIS CE1 HE1  sing N N 134 
HIS NE2 HE2  sing N N 135 
HIS OXT HXT  sing N N 136 
HOH O   H1   sing N N 137 
HOH O   H2   sing N N 138 
ILE N   CA   sing N N 139 
ILE N   H    sing N N 140 
ILE N   H2   sing N N 141 
ILE CA  C    sing N N 142 
ILE CA  CB   sing N N 143 
ILE CA  HA   sing N N 144 
ILE C   O    doub N N 145 
ILE C   OXT  sing N N 146 
ILE CB  CG1  sing N N 147 
ILE CB  CG2  sing N N 148 
ILE CB  HB   sing N N 149 
ILE CG1 CD1  sing N N 150 
ILE CG1 HG12 sing N N 151 
ILE CG1 HG13 sing N N 152 
ILE CG2 HG21 sing N N 153 
ILE CG2 HG22 sing N N 154 
ILE CG2 HG23 sing N N 155 
ILE CD1 HD11 sing N N 156 
ILE CD1 HD12 sing N N 157 
ILE CD1 HD13 sing N N 158 
ILE OXT HXT  sing N N 159 
JST S1  C8   sing N N 160 
JST S1  C9   sing N N 161 
JST CL1 C3   sing N N 162 
JST N1  N2   sing N N 163 
JST N1  C7   doub N N 164 
JST N2  C9   sing N N 165 
JST N2  HN2  sing N N 166 
JST N3  C9   doub N N 167 
JST N3  C10  sing N N 168 
JST C1  C2   doub Y N 169 
JST C1  C6   sing Y N 170 
JST C1  H1   sing N N 171 
JST C2  C3   sing Y N 172 
JST C2  H2   sing N N 173 
JST C3  C4   doub Y N 174 
JST C4  C5   sing Y N 175 
JST C4  H4   sing N N 176 
JST C5  C6   doub Y N 177 
JST C5  H5   sing N N 178 
JST C6  C7   sing N N 179 
JST C7  C8   sing N N 180 
JST C8  H82  sing N N 181 
JST C8  H81  sing N N 182 
JST C10 C11  sing N N 183 
JST C10 H101 sing N N 184 
JST C10 H102 sing N N 185 
JST C11 C12  sing N N 186 
JST C11 H111 sing N N 187 
JST C11 H112 sing N N 188 
JST C12 C13  doub N N 189 
JST C12 H12  sing N N 190 
JST C13 H131 sing N N 191 
JST C13 H132 sing N N 192 
LEU N   CA   sing N N 193 
LEU N   H    sing N N 194 
LEU N   H2   sing N N 195 
LEU CA  C    sing N N 196 
LEU CA  CB   sing N N 197 
LEU CA  HA   sing N N 198 
LEU C   O    doub N N 199 
LEU C   OXT  sing N N 200 
LEU CB  CG   sing N N 201 
LEU CB  HB2  sing N N 202 
LEU CB  HB3  sing N N 203 
LEU CG  CD1  sing N N 204 
LEU CG  CD2  sing N N 205 
LEU CG  HG   sing N N 206 
LEU CD1 HD11 sing N N 207 
LEU CD1 HD12 sing N N 208 
LEU CD1 HD13 sing N N 209 
LEU CD2 HD21 sing N N 210 
LEU CD2 HD22 sing N N 211 
LEU CD2 HD23 sing N N 212 
LEU OXT HXT  sing N N 213 
LYS N   CA   sing N N 214 
LYS N   H    sing N N 215 
LYS N   H2   sing N N 216 
LYS CA  C    sing N N 217 
LYS CA  CB   sing N N 218 
LYS CA  HA   sing N N 219 
LYS C   O    doub N N 220 
LYS C   OXT  sing N N 221 
LYS CB  CG   sing N N 222 
LYS CB  HB2  sing N N 223 
LYS CB  HB3  sing N N 224 
LYS CG  CD   sing N N 225 
LYS CG  HG2  sing N N 226 
LYS CG  HG3  sing N N 227 
LYS CD  CE   sing N N 228 
LYS CD  HD2  sing N N 229 
LYS CD  HD3  sing N N 230 
LYS CE  NZ   sing N N 231 
LYS CE  HE2  sing N N 232 
LYS CE  HE3  sing N N 233 
LYS NZ  HZ1  sing N N 234 
LYS NZ  HZ2  sing N N 235 
LYS NZ  HZ3  sing N N 236 
LYS OXT HXT  sing N N 237 
MET N   CA   sing N N 238 
MET N   H    sing N N 239 
MET N   H2   sing N N 240 
MET CA  C    sing N N 241 
MET CA  CB   sing N N 242 
MET CA  HA   sing N N 243 
MET C   O    doub N N 244 
MET C   OXT  sing N N 245 
MET CB  CG   sing N N 246 
MET CB  HB2  sing N N 247 
MET CB  HB3  sing N N 248 
MET CG  SD   sing N N 249 
MET CG  HG2  sing N N 250 
MET CG  HG3  sing N N 251 
MET SD  CE   sing N N 252 
MET CE  HE1  sing N N 253 
MET CE  HE2  sing N N 254 
MET CE  HE3  sing N N 255 
MET OXT HXT  sing N N 256 
PHE N   CA   sing N N 257 
PHE N   H    sing N N 258 
PHE N   H2   sing N N 259 
PHE CA  C    sing N N 260 
PHE CA  CB   sing N N 261 
PHE CA  HA   sing N N 262 
PHE C   O    doub N N 263 
PHE C   OXT  sing N N 264 
PHE CB  CG   sing N N 265 
PHE CB  HB2  sing N N 266 
PHE CB  HB3  sing N N 267 
PHE CG  CD1  doub Y N 268 
PHE CG  CD2  sing Y N 269 
PHE CD1 CE1  sing Y N 270 
PHE CD1 HD1  sing N N 271 
PHE CD2 CE2  doub Y N 272 
PHE CD2 HD2  sing N N 273 
PHE CE1 CZ   doub Y N 274 
PHE CE1 HE1  sing N N 275 
PHE CE2 CZ   sing Y N 276 
PHE CE2 HE2  sing N N 277 
PHE CZ  HZ   sing N N 278 
PHE OXT HXT  sing N N 279 
PRO N   CA   sing N N 280 
PRO N   CD   sing N N 281 
PRO N   H    sing N N 282 
PRO CA  C    sing N N 283 
PRO CA  CB   sing N N 284 
PRO CA  HA   sing N N 285 
PRO C   O    doub N N 286 
PRO C   OXT  sing N N 287 
PRO CB  CG   sing N N 288 
PRO CB  HB2  sing N N 289 
PRO CB  HB3  sing N N 290 
PRO CG  CD   sing N N 291 
PRO CG  HG2  sing N N 292 
PRO CG  HG3  sing N N 293 
PRO CD  HD2  sing N N 294 
PRO CD  HD3  sing N N 295 
PRO OXT HXT  sing N N 296 
SER N   CA   sing N N 297 
SER N   H    sing N N 298 
SER N   H2   sing N N 299 
SER CA  C    sing N N 300 
SER CA  CB   sing N N 301 
SER CA  HA   sing N N 302 
SER C   O    doub N N 303 
SER C   OXT  sing N N 304 
SER CB  OG   sing N N 305 
SER CB  HB2  sing N N 306 
SER CB  HB3  sing N N 307 
SER OG  HG   sing N N 308 
SER OXT HXT  sing N N 309 
THR N   CA   sing N N 310 
THR N   H    sing N N 311 
THR N   H2   sing N N 312 
THR CA  C    sing N N 313 
THR CA  CB   sing N N 314 
THR CA  HA   sing N N 315 
THR C   O    doub N N 316 
THR C   OXT  sing N N 317 
THR CB  OG1  sing N N 318 
THR CB  CG2  sing N N 319 
THR CB  HB   sing N N 320 
THR OG1 HG1  sing N N 321 
THR CG2 HG21 sing N N 322 
THR CG2 HG22 sing N N 323 
THR CG2 HG23 sing N N 324 
THR OXT HXT  sing N N 325 
TRP N   CA   sing N N 326 
TRP N   H    sing N N 327 
TRP N   H2   sing N N 328 
TRP CA  C    sing N N 329 
TRP CA  CB   sing N N 330 
TRP CA  HA   sing N N 331 
TRP C   O    doub N N 332 
TRP C   OXT  sing N N 333 
TRP CB  CG   sing N N 334 
TRP CB  HB2  sing N N 335 
TRP CB  HB3  sing N N 336 
TRP CG  CD1  doub Y N 337 
TRP CG  CD2  sing Y N 338 
TRP CD1 NE1  sing Y N 339 
TRP CD1 HD1  sing N N 340 
TRP CD2 CE2  doub Y N 341 
TRP CD2 CE3  sing Y N 342 
TRP NE1 CE2  sing Y N 343 
TRP NE1 HE1  sing N N 344 
TRP CE2 CZ2  sing Y N 345 
TRP CE3 CZ3  doub Y N 346 
TRP CE3 HE3  sing N N 347 
TRP CZ2 CH2  doub Y N 348 
TRP CZ2 HZ2  sing N N 349 
TRP CZ3 CH2  sing Y N 350 
TRP CZ3 HZ3  sing N N 351 
TRP CH2 HH2  sing N N 352 
TRP OXT HXT  sing N N 353 
TYR N   CA   sing N N 354 
TYR N   H    sing N N 355 
TYR N   H2   sing N N 356 
TYR CA  C    sing N N 357 
TYR CA  CB   sing N N 358 
TYR CA  HA   sing N N 359 
TYR C   O    doub N N 360 
TYR C   OXT  sing N N 361 
TYR CB  CG   sing N N 362 
TYR CB  HB2  sing N N 363 
TYR CB  HB3  sing N N 364 
TYR CG  CD1  doub Y N 365 
TYR CG  CD2  sing Y N 366 
TYR CD1 CE1  sing Y N 367 
TYR CD1 HD1  sing N N 368 
TYR CD2 CE2  doub Y N 369 
TYR CD2 HD2  sing N N 370 
TYR CE1 CZ   doub Y N 371 
TYR CE1 HE1  sing N N 372 
TYR CE2 CZ   sing Y N 373 
TYR CE2 HE2  sing N N 374 
TYR CZ  OH   sing N N 375 
TYR OH  HH   sing N N 376 
TYR OXT HXT  sing N N 377 
VAL N   CA   sing N N 378 
VAL N   H    sing N N 379 
VAL N   H2   sing N N 380 
VAL CA  C    sing N N 381 
VAL CA  CB   sing N N 382 
VAL CA  HA   sing N N 383 
VAL C   O    doub N N 384 
VAL C   OXT  sing N N 385 
VAL CB  CG1  sing N N 386 
VAL CB  CG2  sing N N 387 
VAL CB  HB   sing N N 388 
VAL CG1 HG11 sing N N 389 
VAL CG1 HG12 sing N N 390 
VAL CG1 HG13 sing N N 391 
VAL CG2 HG21 sing N N 392 
VAL CG2 HG22 sing N N 393 
VAL CG2 HG23 sing N N 394 
VAL OXT HXT  sing N N 395 
# 
_pdbx_initial_refinement_model.accession_code   ? 
_pdbx_initial_refinement_model.id               1 
_pdbx_initial_refinement_model.entity_id_list   ? 
_pdbx_initial_refinement_model.type             other 
_pdbx_initial_refinement_model.source_name      ? 
_pdbx_initial_refinement_model.details          MMP-8 
# 
_atom_sites.entry_id                    1JH1 
_atom_sites.fract_transf_matrix[1][1]   -0.00658186 
_atom_sites.fract_transf_matrix[1][2]   -0.02746561 
_atom_sites.fract_transf_matrix[1][3]   0.01100622 
_atom_sites.fract_transf_matrix[2][1]   0.01383385 
_atom_sites.fract_transf_matrix[2][2]   -0.00188008 
_atom_sites.fract_transf_matrix[2][3]   0.00358115 
_atom_sites.fract_transf_matrix[3][1]   -0.00246604 
_atom_sites.fract_transf_matrix[3][2]   0.00558291 
_atom_sites.fract_transf_matrix[3][3]   0.01245722 
_atom_sites.fract_transf_vector[1]      0.526968 
_atom_sites.fract_transf_vector[2]      0.839678 
_atom_sites.fract_transf_vector[3]      0.702583 
# 
loop_
_atom_type.symbol 
C  
CA 
CL 
N  
O  
S  
ZN 
# 
loop_
_atom_site.group_PDB 
_atom_site.id 
_atom_site.type_symbol 
_atom_site.label_atom_id 
_atom_site.label_alt_id 
_atom_site.label_comp_id 
_atom_site.label_asym_id 
_atom_site.label_entity_id 
_atom_site.label_seq_id 
_atom_site.pdbx_PDB_ins_code 
_atom_site.Cartn_x 
_atom_site.Cartn_y 
_atom_site.Cartn_z 
_atom_site.occupancy 
_atom_site.B_iso_or_equiv 
_atom_site.pdbx_formal_charge 
_atom_site.auth_seq_id 
_atom_site.auth_comp_id 
_atom_site.auth_asym_id 
_atom_site.auth_atom_id 
_atom_site.pdbx_PDB_model_num 
ATOM   1    N  N   . ASN A 1 1   ? -8.004  5.599   16.268  1.00 37.75 ? 85   ASN A N   1 
ATOM   2    C  CA  . ASN A 1 1   ? -8.346  5.967   14.861  1.00 37.24 ? 85   ASN A CA  1 
ATOM   3    C  C   . ASN A 1 1   ? -7.492  7.131   14.329  1.00 35.22 ? 85   ASN A C   1 
ATOM   4    O  O   . ASN A 1 1   ? -7.971  7.981   13.574  1.00 34.69 ? 85   ASN A O   1 
ATOM   5    C  CB  . ASN A 1 1   ? -9.836  6.324   14.777  1.00 39.52 ? 85   ASN A CB  1 
ATOM   6    C  CG  . ASN A 1 1   ? -10.268 6.715   13.370  1.00 41.54 ? 85   ASN A CG  1 
ATOM   7    O  OD1 . ASN A 1 1   ? -10.029 5.977   12.410  1.00 41.97 ? 85   ASN A OD1 1 
ATOM   8    N  ND2 . ASN A 1 1   ? -10.909 7.878   13.244  1.00 42.18 ? 85   ASN A ND2 1 
ATOM   9    N  N   . PRO A 1 2   ? -6.206  7.176   14.706  1.00 32.95 ? 86   PRO A N   1 
ATOM   10   C  CA  . PRO A 1 2   ? -5.348  8.263   14.233  1.00 30.17 ? 86   PRO A CA  1 
ATOM   11   C  C   . PRO A 1 2   ? -5.371  8.450   12.720  1.00 27.33 ? 86   PRO A C   1 
ATOM   12   O  O   . PRO A 1 2   ? -5.340  7.492   11.955  1.00 27.37 ? 86   PRO A O   1 
ATOM   13   C  CB  . PRO A 1 2   ? -3.969  7.853   14.735  1.00 31.37 ? 86   PRO A CB  1 
ATOM   14   C  CG  . PRO A 1 2   ? -4.284  7.105   15.987  1.00 32.24 ? 86   PRO A CG  1 
ATOM   15   C  CD  . PRO A 1 2   ? -5.441  6.245   15.551  1.00 32.49 ? 86   PRO A CD  1 
ATOM   16   N  N   . LYS A 1 3   ? -5.434  9.703   12.300  1.00 25.07 ? 87   LYS A N   1 
ATOM   17   C  CA  . LYS A 1 3   ? -5.435  10.036  10.888  1.00 22.23 ? 87   LYS A CA  1 
ATOM   18   C  C   . LYS A 1 3   ? -4.434  11.161  10.659  1.00 20.07 ? 87   LYS A C   1 
ATOM   19   O  O   . LYS A 1 3   ? -3.972  11.800  11.607  1.00 17.59 ? 87   LYS A O   1 
ATOM   20   C  CB  . LYS A 1 3   ? -6.841  10.448  10.430  1.00 22.02 ? 87   LYS A CB  1 
ATOM   21   C  CG  . LYS A 1 3   ? -7.788  10.874  11.551  1.00 22.76 ? 87   LYS A CG  1 
ATOM   22   C  CD  . LYS A 1 3   ? -7.569  12.309  11.990  1.00 24.24 ? 87   LYS A CD  1 
ATOM   23   C  CE  . LYS A 1 3   ? -7.988  13.290  10.906  1.00 25.73 ? 87   LYS A CE  1 
ATOM   24   N  NZ  . LYS A 1 3   ? -9.414  13.117  10.502  1.00 26.27 ? 87   LYS A NZ  1 
ATOM   25   N  N   . TRP A 1 4   ? -4.075  11.371  9.401   1.00 18.02 ? 88   TRP A N   1 
ATOM   26   C  CA  . TRP A 1 4   ? -3.138  12.415  9.059   1.00 17.00 ? 88   TRP A CA  1 
ATOM   27   C  C   . TRP A 1 4   ? -3.861  13.747  9.209   1.00 18.68 ? 88   TRP A C   1 
ATOM   28   O  O   . TRP A 1 4   ? -5.074  13.826  8.995   1.00 19.62 ? 88   TRP A O   1 
ATOM   29   C  CB  . TRP A 1 4   ? -2.657  12.245  7.621   1.00 14.95 ? 88   TRP A CB  1 
ATOM   30   C  CG  . TRP A 1 4   ? -1.986  10.939  7.346   1.00 13.17 ? 88   TRP A CG  1 
ATOM   31   C  CD1 . TRP A 1 4   ? -2.578  9.787   6.929   1.00 12.94 ? 88   TRP A CD1 1 
ATOM   32   C  CD2 . TRP A 1 4   ? -0.584  10.659  7.437   1.00 12.19 ? 88   TRP A CD2 1 
ATOM   33   N  NE1 . TRP A 1 4   ? -1.635  8.803   6.745   1.00 11.18 ? 88   TRP A NE1 1 
ATOM   34   C  CE2 . TRP A 1 4   ? -0.402  9.311   7.051   1.00 12.10 ? 88   TRP A CE2 1 
ATOM   35   C  CE3 . TRP A 1 4   ? 0.535   11.414  7.807   1.00 11.59 ? 88   TRP A CE3 1 
ATOM   36   C  CZ2 . TRP A 1 4   ? 0.859   8.703   7.021   1.00 12.15 ? 88   TRP A CZ2 1 
ATOM   37   C  CZ3 . TRP A 1 4   ? 1.788   10.810  7.780   1.00 11.05 ? 88   TRP A CZ3 1 
ATOM   38   C  CH2 . TRP A 1 4   ? 1.937   9.466   7.389   1.00 12.48 ? 88   TRP A CH2 1 
ATOM   39   N  N   . GLU A 1 5   ? -3.124  14.789  9.581   1.00 19.45 ? 89   GLU A N   1 
ATOM   40   C  CA  . GLU A 1 5   ? -3.710  16.110  9.755   1.00 19.05 ? 89   GLU A CA  1 
ATOM   41   C  C   . GLU A 1 5   ? -3.486  16.942  8.507   1.00 17.99 ? 89   GLU A C   1 
ATOM   42   O  O   . GLU A 1 5   ? -3.963  18.066  8.404   1.00 18.43 ? 89   GLU A O   1 
ATOM   43   C  CB  . GLU A 1 5   ? -3.090  16.818  10.966  1.00 20.89 ? 89   GLU A CB  1 
ATOM   44   C  CG  . GLU A 1 5   ? -3.306  16.106  12.297  1.00 24.65 ? 89   GLU A CG  1 
ATOM   45   C  CD  . GLU A 1 5   ? -4.714  15.522  12.447  1.00 28.97 ? 89   GLU A CD  1 
ATOM   46   O  OE1 . GLU A 1 5   ? -5.703  16.168  12.018  1.00 29.65 ? 89   GLU A OE1 1 
ATOM   47   O  OE2 . GLU A 1 5   ? -4.835  14.410  13.007  1.00 30.98 ? 89   GLU A OE2 1 
ATOM   48   N  N   . ARG A 1 6   ? -2.761  16.373  7.555   1.00 18.10 ? 90   ARG A N   1 
ATOM   49   C  CA  . ARG A 1 6   ? -2.453  17.047  6.301   1.00 17.94 ? 90   ARG A CA  1 
ATOM   50   C  C   . ARG A 1 6   ? -3.134  16.258  5.183   1.00 17.59 ? 90   ARG A C   1 
ATOM   51   O  O   . ARG A 1 6   ? -3.265  15.041  5.285   1.00 19.03 ? 90   ARG A O   1 
ATOM   52   C  CB  . ARG A 1 6   ? -0.936  17.051  6.117   1.00 18.99 ? 90   ARG A CB  1 
ATOM   53   C  CG  . ARG A 1 6   ? -0.368  18.300  5.464   1.00 21.35 ? 90   ARG A CG  1 
ATOM   54   C  CD  . ARG A 1 6   ? 1.128   18.464  5.770   1.00 20.95 ? 90   ARG A CD  1 
ATOM   55   N  NE  . ARG A 1 6   ? 1.895   17.263  5.448   1.00 21.18 ? 90   ARG A NE  1 
ATOM   56   C  CZ  . ARG A 1 6   ? 2.435   16.444  6.351   1.00 21.82 ? 90   ARG A CZ  1 
ATOM   57   N  NH1 . ARG A 1 6   ? 2.305   16.694  7.650   1.00 22.09 ? 90   ARG A NH1 1 
ATOM   58   N  NH2 . ARG A 1 6   ? 3.084   15.358  5.952   1.00 20.03 ? 90   ARG A NH2 1 
ATOM   59   N  N   . THR A 1 7   ? -3.579  16.926  4.124   1.00 15.98 ? 91   THR A N   1 
ATOM   60   C  CA  . THR A 1 7   ? -4.233  16.203  3.033   1.00 15.22 ? 91   THR A CA  1 
ATOM   61   C  C   . THR A 1 7   ? -3.297  15.872  1.873   1.00 14.21 ? 91   THR A C   1 
ATOM   62   O  O   . THR A 1 7   ? -3.522  14.900  1.149   1.00 12.59 ? 91   THR A O   1 
ATOM   63   C  CB  . THR A 1 7   ? -5.447  16.972  2.474   1.00 15.82 ? 91   THR A CB  1 
ATOM   64   O  OG1 . THR A 1 7   ? -5.027  18.237  1.950   1.00 16.47 ? 91   THR A OG1 1 
ATOM   65   C  CG2 . THR A 1 7   ? -6.472  17.181  3.558   1.00 15.69 ? 91   THR A CG2 1 
ATOM   66   N  N   . ASN A 1 8   ? -2.265  16.689  1.678   1.00 12.28 ? 92   ASN A N   1 
ATOM   67   C  CA  . ASN A 1 8   ? -1.304  16.435  0.614   1.00 10.90 ? 92   ASN A CA  1 
ATOM   68   C  C   . ASN A 1 8   ? -0.132  15.754  1.284   1.00 9.81  ? 92   ASN A C   1 
ATOM   69   O  O   . ASN A 1 8   ? 0.587   16.373  2.061   1.00 11.47 ? 92   ASN A O   1 
ATOM   70   C  CB  . ASN A 1 8   ? -0.839  17.740  -0.039  1.00 13.18 ? 92   ASN A CB  1 
ATOM   71   C  CG  . ASN A 1 8   ? 0.105   17.503  -1.231  1.00 15.33 ? 92   ASN A CG  1 
ATOM   72   O  OD1 . ASN A 1 8   ? 0.565   18.454  -1.882  1.00 13.23 ? 92   ASN A OD1 1 
ATOM   73   N  ND2 . ASN A 1 8   ? 0.394   16.236  -1.514  1.00 15.32 ? 92   ASN A ND2 1 
ATOM   74   N  N   . LEU A 1 9   ? 0.050   14.472  0.991   1.00 7.81  ? 93   LEU A N   1 
ATOM   75   C  CA  . LEU A 1 9   ? 1.127   13.696  1.580   1.00 5.49  ? 93   LEU A CA  1 
ATOM   76   C  C   . LEU A 1 9   ? 2.166   13.343  0.516   1.00 4.95  ? 93   LEU A C   1 
ATOM   77   O  O   . LEU A 1 9   ? 1.845   13.214  -0.662  1.00 6.04  ? 93   LEU A O   1 
ATOM   78   C  CB  . LEU A 1 9   ? 0.548   12.427  2.210   1.00 3.99  ? 93   LEU A CB  1 
ATOM   79   C  CG  . LEU A 1 9   ? -0.585  12.686  3.213   1.00 4.37  ? 93   LEU A CG  1 
ATOM   80   C  CD1 . LEU A 1 9   ? -1.353  11.404  3.488   1.00 6.02  ? 93   LEU A CD1 1 
ATOM   81   C  CD2 . LEU A 1 9   ? -0.021  13.269  4.495   1.00 3.74  ? 93   LEU A CD2 1 
ATOM   82   N  N   . THR A 1 10  ? 3.418   13.206  0.929   1.00 3.68  ? 94   THR A N   1 
ATOM   83   C  CA  . THR A 1 10  ? 4.467   12.863  -0.006  1.00 3.18  ? 94   THR A CA  1 
ATOM   84   C  C   . THR A 1 10  ? 4.845   11.408  0.218   1.00 4.87  ? 94   THR A C   1 
ATOM   85   O  O   . THR A 1 10  ? 4.670   10.873  1.314   1.00 5.04  ? 94   THR A O   1 
ATOM   86   C  CB  . THR A 1 10  ? 5.725   13.739  0.199   1.00 2.02  ? 94   THR A CB  1 
ATOM   87   O  OG1 . THR A 1 10  ? 6.262   13.518  1.507   1.00 0.00  ? 94   THR A OG1 1 
ATOM   88   C  CG2 . THR A 1 10  ? 5.384   15.202  0.041   1.00 1.86  ? 94   THR A CG2 1 
ATOM   89   N  N   . TYR A 1 11  ? 5.353   10.760  -0.823  1.00 5.14  ? 95   TYR A N   1 
ATOM   90   C  CA  . TYR A 1 11  ? 5.764   9.375   -0.690  1.00 5.62  ? 95   TYR A CA  1 
ATOM   91   C  C   . TYR A 1 11  ? 7.076   9.148   -1.438  1.00 6.09  ? 95   TYR A C   1 
ATOM   92   O  O   . TYR A 1 11  ? 7.441   9.933   -2.310  1.00 7.26  ? 95   TYR A O   1 
ATOM   93   C  CB  . TYR A 1 11  ? 4.645   8.432   -1.175  1.00 5.13  ? 95   TYR A CB  1 
ATOM   94   C  CG  . TYR A 1 11  ? 4.431   8.334   -2.676  1.00 5.59  ? 95   TYR A CG  1 
ATOM   95   C  CD1 . TYR A 1 11  ? 5.232   7.504   -3.465  1.00 4.61  ? 95   TYR A CD1 1 
ATOM   96   C  CD2 . TYR A 1 11  ? 3.385   9.021   -3.298  1.00 5.51  ? 95   TYR A CD2 1 
ATOM   97   C  CE1 . TYR A 1 11  ? 4.993   7.355   -4.825  1.00 3.78  ? 95   TYR A CE1 1 
ATOM   98   C  CE2 . TYR A 1 11  ? 3.143   8.878   -4.658  1.00 5.01  ? 95   TYR A CE2 1 
ATOM   99   C  CZ  . TYR A 1 11  ? 3.949   8.041   -5.412  1.00 4.67  ? 95   TYR A CZ  1 
ATOM   100  O  OH  . TYR A 1 11  ? 3.699   7.884   -6.751  1.00 5.45  ? 95   TYR A OH  1 
ATOM   101  N  N   . ARG A 1 12  ? 7.792   8.089   -1.073  1.00 6.15  ? 96   ARG A N   1 
ATOM   102  C  CA  . ARG A 1 12  ? 9.067   7.794   -1.702  1.00 6.43  ? 96   ARG A CA  1 
ATOM   103  C  C   . ARG A 1 12  ? 9.373   6.302   -1.821  1.00 6.66  ? 96   ARG A C   1 
ATOM   104  O  O   . ARG A 1 12  ? 9.247   5.547   -0.862  1.00 6.52  ? 96   ARG A O   1 
ATOM   105  C  CB  . ARG A 1 12  ? 10.196  8.492   -0.926  1.00 5.57  ? 96   ARG A CB  1 
ATOM   106  C  CG  . ARG A 1 12  ? 11.601  7.989   -1.263  1.00 5.37  ? 96   ARG A CG  1 
ATOM   107  C  CD  . ARG A 1 12  ? 12.682  8.705   -0.466  1.00 6.00  ? 96   ARG A CD  1 
ATOM   108  N  NE  . ARG A 1 12  ? 13.986  8.079   -0.673  1.00 7.32  ? 96   ARG A NE  1 
ATOM   109  C  CZ  . ARG A 1 12  ? 15.134  8.509   -0.151  1.00 8.55  ? 96   ARG A CZ  1 
ATOM   110  N  NH1 . ARG A 1 12  ? 15.166  9.591   0.623   1.00 9.83  ? 96   ARG A NH1 1 
ATOM   111  N  NH2 . ARG A 1 12  ? 16.256  7.845   -0.398  1.00 7.07  ? 96   ARG A NH2 1 
ATOM   112  N  N   . ILE A 1 13  ? 9.764   5.884   -3.016  1.00 6.45  ? 97   ILE A N   1 
ATOM   113  C  CA  . ILE A 1 13  ? 10.134  4.503   -3.232  1.00 6.56  ? 97   ILE A CA  1 
ATOM   114  C  C   . ILE A 1 13  ? 11.646  4.496   -3.084  1.00 7.44  ? 97   ILE A C   1 
ATOM   115  O  O   . ILE A 1 13  ? 12.361  5.134   -3.856  1.00 7.53  ? 97   ILE A O   1 
ATOM   116  C  CB  . ILE A 1 13  ? 9.725   4.001   -4.634  1.00 7.11  ? 97   ILE A CB  1 
ATOM   117  C  CG1 . ILE A 1 13  ? 8.213   3.776   -4.682  1.00 8.24  ? 97   ILE A CG1 1 
ATOM   118  C  CG2 . ILE A 1 13  ? 10.420  2.694   -4.953  1.00 5.53  ? 97   ILE A CG2 1 
ATOM   119  C  CD1 . ILE A 1 13  ? 7.402   5.042   -4.533  1.00 10.35 ? 97   ILE A CD1 1 
ATOM   120  N  N   . ARG A 1 14  ? 12.117  3.781   -2.069  1.00 8.06  ? 98   ARG A N   1 
ATOM   121  C  CA  . ARG A 1 14  ? 13.529  3.696   -1.764  1.00 8.42  ? 98   ARG A CA  1 
ATOM   122  C  C   . ARG A 1 14  ? 14.271  2.623   -2.558  1.00 9.12  ? 98   ARG A C   1 
ATOM   123  O  O   . ARG A 1 14  ? 15.470  2.741   -2.784  1.00 10.19 ? 98   ARG A O   1 
ATOM   124  C  CB  . ARG A 1 14  ? 13.690  3.452   -0.271  1.00 8.99  ? 98   ARG A CB  1 
ATOM   125  C  CG  . ARG A 1 14  ? 12.804  4.335   0.588   1.00 9.95  ? 98   ARG A CG  1 
ATOM   126  C  CD  . ARG A 1 14  ? 12.922  3.935   2.050   1.00 11.74 ? 98   ARG A CD  1 
ATOM   127  N  NE  . ARG A 1 14  ? 14.278  4.159   2.543   1.00 11.17 ? 98   ARG A NE  1 
ATOM   128  C  CZ  . ARG A 1 14  ? 14.813  5.362   2.738   1.00 10.59 ? 98   ARG A CZ  1 
ATOM   129  N  NH1 . ARG A 1 14  ? 14.114  6.460   2.490   1.00 8.76  ? 98   ARG A NH1 1 
ATOM   130  N  NH2 . ARG A 1 14  ? 16.058  5.467   3.172   1.00 11.92 ? 98   ARG A NH2 1 
ATOM   131  N  N   . ASN A 1 15  ? 13.576  1.569   -2.967  1.00 8.23  ? 99   ASN A N   1 
ATOM   132  C  CA  . ASN A 1 15  ? 14.212  0.514   -3.753  1.00 8.38  ? 99   ASN A CA  1 
ATOM   133  C  C   . ASN A 1 15  ? 13.169  -0.235  -4.542  1.00 9.27  ? 99   ASN A C   1 
ATOM   134  O  O   . ASN A 1 15  ? 11.969  -0.057  -4.317  1.00 9.29  ? 99   ASN A O   1 
ATOM   135  C  CB  . ASN A 1 15  ? 14.992  -0.468  -2.870  1.00 7.96  ? 99   ASN A CB  1 
ATOM   136  C  CG  . ASN A 1 15  ? 14.177  -0.995  -1.705  1.00 8.33  ? 99   ASN A CG  1 
ATOM   137  O  OD1 . ASN A 1 15  ? 13.040  -1.428  -1.873  1.00 10.42 ? 99   ASN A OD1 1 
ATOM   138  N  ND2 . ASN A 1 15  ? 14.765  -0.972  -0.514  1.00 7.27  ? 99   ASN A ND2 1 
ATOM   139  N  N   . TYR A 1 16  ? 13.626  -1.078  -5.464  1.00 9.96  ? 100  TYR A N   1 
ATOM   140  C  CA  . TYR A 1 16  ? 12.720  -1.842  -6.313  1.00 10.78 ? 100  TYR A CA  1 
ATOM   141  C  C   . TYR A 1 16  ? 13.004  -3.327  -6.238  1.00 11.34 ? 100  TYR A C   1 
ATOM   142  O  O   . TYR A 1 16  ? 13.890  -3.761  -5.510  1.00 13.51 ? 100  TYR A O   1 
ATOM   143  C  CB  . TYR A 1 16  ? 12.848  -1.374  -7.762  1.00 10.99 ? 100  TYR A CB  1 
ATOM   144  C  CG  . TYR A 1 16  ? 12.727  0.124   -7.920  1.00 12.30 ? 100  TYR A CG  1 
ATOM   145  C  CD1 . TYR A 1 16  ? 13.749  0.982   -7.498  1.00 11.09 ? 100  TYR A CD1 1 
ATOM   146  C  CD2 . TYR A 1 16  ? 11.566  0.692   -8.439  1.00 12.87 ? 100  TYR A CD2 1 
ATOM   147  C  CE1 . TYR A 1 16  ? 13.611  2.353   -7.582  1.00 10.44 ? 100  TYR A CE1 1 
ATOM   148  C  CE2 . TYR A 1 16  ? 11.423  2.068   -8.526  1.00 11.93 ? 100  TYR A CE2 1 
ATOM   149  C  CZ  . TYR A 1 16  ? 12.444  2.887   -8.095  1.00 11.80 ? 100  TYR A CZ  1 
ATOM   150  O  OH  . TYR A 1 16  ? 12.274  4.246   -8.162  1.00 16.52 ? 100  TYR A OH  1 
ATOM   151  N  N   . THR A 1 17  ? 12.239  -4.108  -6.990  1.00 12.22 ? 101  THR A N   1 
ATOM   152  C  CA  . THR A 1 17  ? 12.430  -5.548  -7.019  1.00 13.58 ? 101  THR A CA  1 
ATOM   153  C  C   . THR A 1 17  ? 12.801  -5.945  -8.457  1.00 14.26 ? 101  THR A C   1 
ATOM   154  O  O   . THR A 1 17  ? 12.193  -5.486  -9.408  1.00 13.87 ? 101  THR A O   1 
ATOM   155  C  CB  . THR A 1 17  ? 11.146  -6.276  -6.526  1.00 13.19 ? 101  THR A CB  1 
ATOM   156  O  OG1 . THR A 1 17  ? 11.386  -7.688  -6.468  1.00 14.79 ? 101  THR A OG1 1 
ATOM   157  C  CG2 . THR A 1 17  ? 9.965   -5.991  -7.437  1.00 12.75 ? 101  THR A CG2 1 
ATOM   158  N  N   . PRO A 1 18  ? 13.828  -6.788  -8.635  1.00 15.94 ? 102  PRO A N   1 
ATOM   159  C  CA  . PRO A 1 18  ? 14.207  -7.178  -10.001 1.00 17.34 ? 102  PRO A CA  1 
ATOM   160  C  C   . PRO A 1 18  ? 13.079  -7.788  -10.839 1.00 18.41 ? 102  PRO A C   1 
ATOM   161  O  O   . PRO A 1 18  ? 13.152  -7.801  -12.068 1.00 18.10 ? 102  PRO A O   1 
ATOM   162  C  CB  . PRO A 1 18  ? 15.355  -8.161  -9.770  1.00 16.15 ? 102  PRO A CB  1 
ATOM   163  C  CG  . PRO A 1 18  ? 15.961  -7.671  -8.500  1.00 15.68 ? 102  PRO A CG  1 
ATOM   164  C  CD  . PRO A 1 18  ? 14.746  -7.385  -7.651  1.00 16.06 ? 102  PRO A CD  1 
ATOM   165  N  N   . GLN A 1 19  ? 12.042  -8.288  -10.175 1.00 19.51 ? 103  GLN A N   1 
ATOM   166  C  CA  . GLN A 1 19  ? 10.918  -8.902  -10.867 1.00 20.43 ? 103  GLN A CA  1 
ATOM   167  C  C   . GLN A 1 19  ? 10.373  -8.079  -12.028 1.00 21.32 ? 103  GLN A C   1 
ATOM   168  O  O   . GLN A 1 19  ? 10.459  -8.491  -13.178 1.00 24.16 ? 103  GLN A O   1 
ATOM   169  C  CB  . GLN A 1 19  ? 9.776   -9.182  -9.897  1.00 21.40 ? 103  GLN A CB  1 
ATOM   170  C  CG  . GLN A 1 19  ? 9.530   -10.647 -9.641  1.00 21.57 ? 103  GLN A CG  1 
ATOM   171  C  CD  . GLN A 1 19  ? 10.204  -11.110 -8.383  1.00 21.00 ? 103  GLN A CD  1 
ATOM   172  O  OE1 . GLN A 1 19  ? 11.402  -10.927 -8.210  1.00 21.72 ? 103  GLN A OE1 1 
ATOM   173  N  NE2 . GLN A 1 19  ? 9.438   -11.710 -7.490  1.00 21.35 ? 103  GLN A NE2 1 
ATOM   174  N  N   . LEU A 1 20  ? 9.801   -6.918  -11.732 1.00 21.37 ? 104  LEU A N   1 
ATOM   175  C  CA  . LEU A 1 20  ? 9.237   -6.083  -12.781 1.00 21.09 ? 104  LEU A CA  1 
ATOM   176  C  C   . LEU A 1 20  ? 10.230  -5.011  -13.189 1.00 20.02 ? 104  LEU A C   1 
ATOM   177  O  O   . LEU A 1 20  ? 11.350  -4.977  -12.689 1.00 20.66 ? 104  LEU A O   1 
ATOM   178  C  CB  . LEU A 1 20  ? 7.940   -5.435  -12.293 1.00 20.71 ? 104  LEU A CB  1 
ATOM   179  C  CG  . LEU A 1 20  ? 7.002   -6.361  -11.516 1.00 19.79 ? 104  LEU A CG  1 
ATOM   180  C  CD1 . LEU A 1 20  ? 7.333   -6.281  -10.041 1.00 19.16 ? 104  LEU A CD1 1 
ATOM   181  C  CD2 . LEU A 1 20  ? 5.569   -5.951  -11.739 1.00 20.80 ? 104  LEU A CD2 1 
ATOM   182  N  N   . SER A 1 21  ? 9.832   -4.142  -14.109 1.00 18.07 ? 105  SER A N   1 
ATOM   183  C  CA  . SER A 1 21  ? 10.728  -3.080  -14.525 1.00 17.07 ? 105  SER A CA  1 
ATOM   184  C  C   . SER A 1 21  ? 10.580  -1.973  -13.495 1.00 17.23 ? 105  SER A C   1 
ATOM   185  O  O   . SER A 1 21  ? 9.782   -2.083  -12.568 1.00 17.81 ? 105  SER A O   1 
ATOM   186  C  CB  . SER A 1 21  ? 10.375  -2.566  -15.927 1.00 16.76 ? 105  SER A CB  1 
ATOM   187  O  OG  . SER A 1 21  ? 9.266   -1.684  -15.916 1.00 17.05 ? 105  SER A OG  1 
ATOM   188  N  N   . GLU A 1 22  ? 11.346  -0.906  -13.650 1.00 17.40 ? 106  GLU A N   1 
ATOM   189  C  CA  . GLU A 1 22  ? 11.280  0.180   -12.701 1.00 18.17 ? 106  GLU A CA  1 
ATOM   190  C  C   . GLU A 1 22  ? 9.999   0.988   -12.891 1.00 18.20 ? 106  GLU A C   1 
ATOM   191  O  O   . GLU A 1 22  ? 9.372   1.410   -11.918 1.00 19.14 ? 106  GLU A O   1 
ATOM   192  C  CB  . GLU A 1 22  ? 12.501  1.064   -12.872 1.00 19.41 ? 106  GLU A CB  1 
ATOM   193  C  CG  . GLU A 1 22  ? 13.028  1.641   -11.588 1.00 22.70 ? 106  GLU A CG  1 
ATOM   194  C  CD  . GLU A 1 22  ? 14.296  2.441   -11.806 1.00 24.63 ? 106  GLU A CD  1 
ATOM   195  O  OE1 . GLU A 1 22  ? 14.216  3.518   -12.446 1.00 23.42 ? 106  GLU A OE1 1 
ATOM   196  O  OE2 . GLU A 1 22  ? 15.368  1.984   -11.343 1.00 25.25 ? 106  GLU A OE2 1 
ATOM   197  N  N   . ALA A 1 23  ? 9.609   1.191   -14.145 1.00 15.98 ? 107  ALA A N   1 
ATOM   198  C  CA  . ALA A 1 23  ? 8.398   1.945   -14.458 1.00 14.12 ? 107  ALA A CA  1 
ATOM   199  C  C   . ALA A 1 23  ? 7.137   1.147   -14.172 1.00 14.07 ? 107  ALA A C   1 
ATOM   200  O  O   . ALA A 1 23  ? 6.031   1.661   -14.303 1.00 15.57 ? 107  ALA A O   1 
ATOM   201  C  CB  . ALA A 1 23  ? 8.406   2.371   -15.924 1.00 14.00 ? 107  ALA A CB  1 
ATOM   202  N  N   . GLU A 1 24  ? 7.301   -0.114  -13.796 1.00 13.41 ? 108  GLU A N   1 
ATOM   203  C  CA  . GLU A 1 24  ? 6.161   -0.967  -13.496 1.00 11.37 ? 108  GLU A CA  1 
ATOM   204  C  C   . GLU A 1 24  ? 5.911   -0.982  -11.998 1.00 10.72 ? 108  GLU A C   1 
ATOM   205  O  O   . GLU A 1 24  ? 4.833   -1.337  -11.539 1.00 10.90 ? 108  GLU A O   1 
ATOM   206  C  CB  . GLU A 1 24  ? 6.412   -2.379  -14.026 1.00 10.30 ? 108  GLU A CB  1 
ATOM   207  C  CG  . GLU A 1 24  ? 6.614   -2.408  -15.537 1.00 9.34  ? 108  GLU A CG  1 
ATOM   208  C  CD  . GLU A 1 24  ? 6.620   -3.807  -16.119 1.00 9.52  ? 108  GLU A CD  1 
ATOM   209  O  OE1 . GLU A 1 24  ? 7.515   -4.601  -15.754 1.00 7.54  ? 108  GLU A OE1 1 
ATOM   210  O  OE2 . GLU A 1 24  ? 5.727   -4.108  -16.948 1.00 10.40 ? 108  GLU A OE2 1 
ATOM   211  N  N   . VAL A 1 25  ? 6.923   -0.591  -11.238 1.00 10.82 ? 109  VAL A N   1 
ATOM   212  C  CA  . VAL A 1 25  ? 6.798   -0.524  -9.791  1.00 11.74 ? 109  VAL A CA  1 
ATOM   213  C  C   . VAL A 1 25  ? 6.110   0.788   -9.442  1.00 12.19 ? 109  VAL A C   1 
ATOM   214  O  O   . VAL A 1 25  ? 5.220   0.835   -8.591  1.00 13.12 ? 109  VAL A O   1 
ATOM   215  C  CB  . VAL A 1 25  ? 8.181   -0.553  -9.096  1.00 10.45 ? 109  VAL A CB  1 
ATOM   216  C  CG1 . VAL A 1 25  ? 8.143   0.254   -7.801  1.00 10.14 ? 109  VAL A CG1 1 
ATOM   217  C  CG2 . VAL A 1 25  ? 8.543   -1.950  -8.764  1.00 7.85  ? 109  VAL A CG2 1 
ATOM   218  N  N   . GLU A 1 26  ? 6.535   1.850   -10.118 1.00 12.10 ? 110  GLU A N   1 
ATOM   219  C  CA  . GLU A 1 26  ? 5.992   3.176   -9.890  1.00 10.49 ? 110  GLU A CA  1 
ATOM   220  C  C   . GLU A 1 26  ? 4.545   3.261   -10.329 1.00 8.49  ? 110  GLU A C   1 
ATOM   221  O  O   . GLU A 1 26  ? 3.707   3.791   -9.605  1.00 7.33  ? 110  GLU A O   1 
ATOM   222  C  CB  . GLU A 1 26  ? 6.846   4.199   -10.624 1.00 11.51 ? 110  GLU A CB  1 
ATOM   223  C  CG  . GLU A 1 26  ? 8.318   3.953   -10.387 1.00 16.91 ? 110  GLU A CG  1 
ATOM   224  C  CD  . GLU A 1 26  ? 9.167   5.147   -10.716 1.00 20.27 ? 110  GLU A CD  1 
ATOM   225  O  OE1 . GLU A 1 26  ? 10.408  5.064   -10.557 1.00 22.21 ? 110  GLU A OE1 1 
ATOM   226  O  OE2 . GLU A 1 26  ? 8.584   6.170   -11.129 1.00 25.06 ? 110  GLU A OE2 1 
ATOM   227  N  N   . ARG A 1 27  ? 4.251   2.731   -11.511 1.00 7.69  ? 111  ARG A N   1 
ATOM   228  C  CA  . ARG A 1 27  ? 2.884   2.739   -12.011 1.00 8.33  ? 111  ARG A CA  1 
ATOM   229  C  C   . ARG A 1 27  ? 2.004   2.006   -11.011 1.00 7.86  ? 111  ARG A C   1 
ATOM   230  O  O   . ARG A 1 27  ? 0.947   2.504   -10.636 1.00 8.23  ? 111  ARG A O   1 
ATOM   231  C  CB  . ARG A 1 27  ? 2.800   2.057   -13.384 1.00 8.90  ? 111  ARG A CB  1 
ATOM   232  C  CG  . ARG A 1 27  ? 1.377   1.855   -13.925 1.00 7.73  ? 111  ARG A CG  1 
ATOM   233  C  CD  . ARG A 1 27  ? 0.601   3.159   -14.003 1.00 10.19 ? 111  ARG A CD  1 
ATOM   234  N  NE  . ARG A 1 27  ? 1.165   4.104   -14.969 1.00 10.75 ? 111  ARG A NE  1 
ATOM   235  C  CZ  . ARG A 1 27  ? 0.801   5.381   -15.064 1.00 10.04 ? 111  ARG A CZ  1 
ATOM   236  N  NH1 . ARG A 1 27  ? -0.126  5.872   -14.251 1.00 10.81 ? 111  ARG A NH1 1 
ATOM   237  N  NH2 . ARG A 1 27  ? 1.358   6.168   -15.973 1.00 9.76  ? 111  ARG A NH2 1 
ATOM   238  N  N   . ALA A 1 28  ? 2.445   0.831   -10.566 1.00 5.63  ? 112  ALA A N   1 
ATOM   239  C  CA  . ALA A 1 28  ? 1.671   0.057   -9.602  1.00 4.26  ? 112  ALA A CA  1 
ATOM   240  C  C   . ALA A 1 28  ? 1.407   0.876   -8.353  1.00 4.92  ? 112  ALA A C   1 
ATOM   241  O  O   . ALA A 1 28  ? 0.277   0.966   -7.877  1.00 5.21  ? 112  ALA A O   1 
ATOM   242  C  CB  . ALA A 1 28  ? 2.402   -1.207  -9.231  1.00 2.58  ? 112  ALA A CB  1 
ATOM   243  N  N   . ILE A 1 29  ? 2.458   1.480   -7.823  1.00 6.20  ? 113  ILE A N   1 
ATOM   244  C  CA  . ILE A 1 29  ? 2.323   2.282   -6.623  1.00 5.84  ? 113  ILE A CA  1 
ATOM   245  C  C   . ILE A 1 29  ? 1.504   3.525   -6.915  1.00 6.71  ? 113  ILE A C   1 
ATOM   246  O  O   . ILE A 1 29  ? 0.594   3.866   -6.157  1.00 7.45  ? 113  ILE A O   1 
ATOM   247  C  CB  . ILE A 1 29  ? 3.703   2.677   -6.087  1.00 5.53  ? 113  ILE A CB  1 
ATOM   248  C  CG1 . ILE A 1 29  ? 4.533   1.410   -5.839  1.00 5.36  ? 113  ILE A CG1 1 
ATOM   249  C  CG2 . ILE A 1 29  ? 3.559   3.484   -4.814  1.00 6.48  ? 113  ILE A CG2 1 
ATOM   250  C  CD1 . ILE A 1 29  ? 3.841   0.374   -4.991  1.00 2.26  ? 113  ILE A CD1 1 
ATOM   251  N  N   . LYS A 1 30  ? 1.823   4.189   -8.025  1.00 6.39  ? 114  LYS A N   1 
ATOM   252  C  CA  . LYS A 1 30  ? 1.132   5.409   -8.440  1.00 7.05  ? 114  LYS A CA  1 
ATOM   253  C  C   . LYS A 1 30  ? -0.371  5.247   -8.441  1.00 6.80  ? 114  LYS A C   1 
ATOM   254  O  O   . LYS A 1 30  ? -1.101  6.064   -7.887  1.00 6.53  ? 114  LYS A O   1 
ATOM   255  C  CB  . LYS A 1 30  ? 1.565   5.822   -9.847  1.00 8.60  ? 114  LYS A CB  1 
ATOM   256  C  CG  . LYS A 1 30  ? 0.851   7.061   -10.367 1.00 8.38  ? 114  LYS A CG  1 
ATOM   257  C  CD  . LYS A 1 30  ? 1.472   7.534   -11.650 1.00 9.91  ? 114  LYS A CD  1 
ATOM   258  C  CE  . LYS A 1 30  ? 1.164   9.006   -11.918 1.00 12.98 ? 114  LYS A CE  1 
ATOM   259  N  NZ  . LYS A 1 30  ? -0.267  9.273   -12.234 1.00 14.07 ? 114  LYS A NZ  1 
ATOM   260  N  N   . ASP A 1 31  ? -0.824  4.183   -9.089  1.00 6.71  ? 115  ASP A N   1 
ATOM   261  C  CA  . ASP A 1 31  ? -2.238  3.878   -9.198  1.00 6.48  ? 115  ASP A CA  1 
ATOM   262  C  C   . ASP A 1 31  ? -2.858  3.479   -7.861  1.00 6.48  ? 115  ASP A C   1 
ATOM   263  O  O   . ASP A 1 31  ? -3.987  3.872   -7.547  1.00 6.55  ? 115  ASP A O   1 
ATOM   264  C  CB  . ASP A 1 31  ? -2.439  2.764   -10.229 1.00 6.19  ? 115  ASP A CB  1 
ATOM   265  C  CG  . ASP A 1 31  ? -2.258  3.247   -11.664 1.00 6.59  ? 115  ASP A CG  1 
ATOM   266  O  OD1 . ASP A 1 31  ? -1.966  4.447   -11.888 1.00 5.88  ? 115  ASP A OD1 1 
ATOM   267  O  OD2 . ASP A 1 31  ? -2.421  2.413   -12.576 1.00 7.49  ? 115  ASP A OD2 1 
ATOM   268  N  N   . ALA A 1 32  ? -2.130  2.696   -7.071  1.00 7.45  ? 116  ALA A N   1 
ATOM   269  C  CA  . ALA A 1 32  ? -2.650  2.271   -5.778  1.00 8.77  ? 116  ALA A CA  1 
ATOM   270  C  C   . ALA A 1 32  ? -2.983  3.513   -4.951  1.00 9.87  ? 116  ALA A C   1 
ATOM   271  O  O   . ALA A 1 32  ? -3.927  3.510   -4.157  1.00 10.30 ? 116  ALA A O   1 
ATOM   272  C  CB  . ALA A 1 32  ? -1.624  1.395   -5.050  1.00 7.71  ? 116  ALA A CB  1 
ATOM   273  N  N   . PHE A 1 33  ? -2.210  4.578   -5.144  1.00 9.60  ? 117  PHE A N   1 
ATOM   274  C  CA  . PHE A 1 33  ? -2.442  5.814   -4.412  1.00 9.40  ? 117  PHE A CA  1 
ATOM   275  C  C   . PHE A 1 33  ? -3.638  6.591   -4.954  1.00 10.63 ? 117  PHE A C   1 
ATOM   276  O  O   . PHE A 1 33  ? -4.325  7.273   -4.200  1.00 11.41 ? 117  PHE A O   1 
ATOM   277  C  CB  . PHE A 1 33  ? -1.180  6.693   -4.417  1.00 7.63  ? 117  PHE A CB  1 
ATOM   278  C  CG  . PHE A 1 33  ? -0.262  6.433   -3.255  1.00 6.23  ? 117  PHE A CG  1 
ATOM   279  C  CD1 . PHE A 1 33  ? -0.746  6.477   -1.951  1.00 5.07  ? 117  PHE A CD1 1 
ATOM   280  C  CD2 . PHE A 1 33  ? 1.081   6.138   -3.457  1.00 5.65  ? 117  PHE A CD2 1 
ATOM   281  C  CE1 . PHE A 1 33  ? 0.091   6.231   -0.871  1.00 5.06  ? 117  PHE A CE1 1 
ATOM   282  C  CE2 . PHE A 1 33  ? 1.933   5.890   -2.378  1.00 2.93  ? 117  PHE A CE2 1 
ATOM   283  C  CZ  . PHE A 1 33  ? 1.439   5.936   -1.088  1.00 4.06  ? 117  PHE A CZ  1 
ATOM   284  N  N   . GLU A 1 34  ? -3.888  6.484   -6.257  1.00 12.37 ? 118  GLU A N   1 
ATOM   285  C  CA  . GLU A 1 34  ? -5.021  7.175   -6.874  1.00 14.66 ? 118  GLU A CA  1 
ATOM   286  C  C   . GLU A 1 34  ? -6.364  6.671   -6.339  1.00 13.94 ? 118  GLU A C   1 
ATOM   287  O  O   . GLU A 1 34  ? -7.275  7.464   -6.113  1.00 13.50 ? 118  GLU A O   1 
ATOM   288  C  CB  . GLU A 1 34  ? -5.004  6.997   -8.392  1.00 17.21 ? 118  GLU A CB  1 
ATOM   289  C  CG  . GLU A 1 34  ? -3.950  7.802   -9.110  1.00 22.12 ? 118  GLU A CG  1 
ATOM   290  C  CD  . GLU A 1 34  ? -4.133  9.289   -8.895  1.00 25.96 ? 118  GLU A CD  1 
ATOM   291  O  OE1 . GLU A 1 34  ? -5.307  9.722   -8.783  1.00 27.51 ? 118  GLU A OE1 1 
ATOM   292  O  OE2 . GLU A 1 34  ? -3.112  10.018  -8.849  1.00 25.36 ? 118  GLU A OE2 1 
ATOM   293  N  N   . LEU A 1 35  ? -6.479  5.355   -6.151  1.00 11.85 ? 119  LEU A N   1 
ATOM   294  C  CA  . LEU A 1 35  ? -7.708  4.756   -5.641  1.00 10.60 ? 119  LEU A CA  1 
ATOM   295  C  C   . LEU A 1 35  ? -8.251  5.496   -4.430  1.00 9.68  ? 119  LEU A C   1 
ATOM   296  O  O   . LEU A 1 35  ? -9.405  5.922   -4.431  1.00 9.74  ? 119  LEU A O   1 
ATOM   297  C  CB  . LEU A 1 35  ? -7.484  3.290   -5.260  1.00 11.52 ? 119  LEU A CB  1 
ATOM   298  C  CG  . LEU A 1 35  ? -7.238  2.263   -6.368  1.00 11.30 ? 119  LEU A CG  1 
ATOM   299  C  CD1 . LEU A 1 35  ? -6.893  0.917   -5.753  1.00 10.33 ? 119  LEU A CD1 1 
ATOM   300  C  CD2 . LEU A 1 35  ? -8.470  2.145   -7.242  1.00 10.76 ? 119  LEU A CD2 1 
ATOM   301  N  N   . TRP A 1 36  ? -7.424  5.647   -3.400  1.00 8.64  ? 120  TRP A N   1 
ATOM   302  C  CA  . TRP A 1 36  ? -7.855  6.324   -2.184  1.00 7.95  ? 120  TRP A CA  1 
ATOM   303  C  C   . TRP A 1 36  ? -8.088  7.797   -2.403  1.00 8.06  ? 120  TRP A C   1 
ATOM   304  O  O   . TRP A 1 36  ? -8.902  8.423   -1.724  1.00 9.39  ? 120  TRP A O   1 
ATOM   305  C  CB  . TRP A 1 36  ? -6.823  6.150   -1.083  1.00 8.53  ? 120  TRP A CB  1 
ATOM   306  C  CG  . TRP A 1 36  ? -6.588  4.737   -0.744  1.00 9.96  ? 120  TRP A CG  1 
ATOM   307  C  CD1 . TRP A 1 36  ? -5.506  3.983   -1.086  1.00 9.53  ? 120  TRP A CD1 1 
ATOM   308  C  CD2 . TRP A 1 36  ? -7.476  3.875   -0.031  1.00 10.68 ? 120  TRP A CD2 1 
ATOM   309  N  NE1 . TRP A 1 36  ? -5.667  2.698   -0.630  1.00 11.24 ? 120  TRP A NE1 1 
ATOM   310  C  CE2 . TRP A 1 36  ? -6.869  2.603   0.021   1.00 10.93 ? 120  TRP A CE2 1 
ATOM   311  C  CE3 . TRP A 1 36  ? -8.728  4.053   0.570   1.00 11.29 ? 120  TRP A CE3 1 
ATOM   312  C  CZ2 . TRP A 1 36  ? -7.469  1.511   0.652   1.00 10.53 ? 120  TRP A CZ2 1 
ATOM   313  C  CZ3 . TRP A 1 36  ? -9.327  2.967   1.201   1.00 10.44 ? 120  TRP A CZ3 1 
ATOM   314  C  CH2 . TRP A 1 36  ? -8.695  1.712   1.235   1.00 10.56 ? 120  TRP A CH2 1 
ATOM   315  N  N   . SER A 1 37  ? -7.370  8.348   -3.367  1.00 7.62  ? 121  SER A N   1 
ATOM   316  C  CA  . SER A 1 37  ? -7.475  9.759   -3.673  1.00 5.85  ? 121  SER A CA  1 
ATOM   317  C  C   . SER A 1 37  ? -8.854  10.151  -4.225  1.00 6.59  ? 121  SER A C   1 
ATOM   318  O  O   . SER A 1 37  ? -9.440  11.157  -3.805  1.00 6.85  ? 121  SER A O   1 
ATOM   319  C  CB  . SER A 1 37  ? -6.377  10.127  -4.661  1.00 4.14  ? 121  SER A CB  1 
ATOM   320  O  OG  . SER A 1 37  ? -6.106  11.510  -4.609  1.00 5.44  ? 121  SER A OG  1 
ATOM   321  N  N   . VAL A 1 38  ? -9.382  9.351   -5.148  1.00 4.96  ? 122  VAL A N   1 
ATOM   322  C  CA  . VAL A 1 38  ? -10.674 9.648   -5.752  1.00 5.66  ? 122  VAL A CA  1 
ATOM   323  C  C   . VAL A 1 38  ? -11.858 9.392   -4.826  1.00 7.79  ? 122  VAL A C   1 
ATOM   324  O  O   . VAL A 1 38  ? -13.011 9.531   -5.235  1.00 9.67  ? 122  VAL A O   1 
ATOM   325  C  CB  . VAL A 1 38  ? -10.893 8.837   -7.037  1.00 4.24  ? 122  VAL A CB  1 
ATOM   326  C  CG1 . VAL A 1 38  ? -9.766  9.094   -8.013  1.00 1.91  ? 122  VAL A CG1 1 
ATOM   327  C  CG2 . VAL A 1 38  ? -11.003 7.368   -6.705  1.00 5.77  ? 122  VAL A CG2 1 
ATOM   328  N  N   . ALA A 1 39  ? -11.576 9.022   -3.582  1.00 8.11  ? 123  ALA A N   1 
ATOM   329  C  CA  . ALA A 1 39  ? -12.628 8.752   -2.611  1.00 7.00  ? 123  ALA A CA  1 
ATOM   330  C  C   . ALA A 1 39  ? -12.368 9.531   -1.329  1.00 7.05  ? 123  ALA A C   1 
ATOM   331  O  O   . ALA A 1 39  ? -12.990 9.276   -0.302  1.00 7.00  ? 123  ALA A O   1 
ATOM   332  C  CB  . ALA A 1 39  ? -12.685 7.261   -2.316  1.00 6.32  ? 123  ALA A CB  1 
ATOM   333  N  N   . SER A 1 40  ? -11.441 10.483  -1.398  1.00 5.90  ? 124  SER A N   1 
ATOM   334  C  CA  . SER A 1 40  ? -11.087 11.292  -0.243  1.00 5.90  ? 124  SER A CA  1 
ATOM   335  C  C   . SER A 1 40  ? -10.426 12.602  -0.670  1.00 7.45  ? 124  SER A C   1 
ATOM   336  O  O   . SER A 1 40  ? -10.142 12.821  -1.856  1.00 8.35  ? 124  SER A O   1 
ATOM   337  C  CB  . SER A 1 40  ? -10.113 10.528  0.634   1.00 3.97  ? 124  SER A CB  1 
ATOM   338  O  OG  . SER A 1 40  ? -8.903  10.348  -0.073  1.00 6.20  ? 124  SER A OG  1 
ATOM   339  N  N   . PRO A 1 41  ? -10.166 13.493  0.298   1.00 7.03  ? 125  PRO A N   1 
ATOM   340  C  CA  . PRO A 1 41  ? -9.532  14.778  0.006   1.00 7.41  ? 125  PRO A CA  1 
ATOM   341  C  C   . PRO A 1 41  ? -8.007  14.657  0.017   1.00 8.80  ? 125  PRO A C   1 
ATOM   342  O  O   . PRO A 1 41  ? -7.287  15.660  0.076   1.00 10.20 ? 125  PRO A O   1 
ATOM   343  C  CB  . PRO A 1 41  ? -10.040 15.650  1.139   1.00 6.45  ? 125  PRO A CB  1 
ATOM   344  C  CG  . PRO A 1 41  ? -10.018 14.707  2.281   1.00 5.75  ? 125  PRO A CG  1 
ATOM   345  C  CD  . PRO A 1 41  ? -10.659 13.471  1.687   1.00 5.93  ? 125  PRO A CD  1 
ATOM   346  N  N   . LEU A 1 42  ? -7.519  13.423  -0.047  1.00 9.18  ? 126  LEU A N   1 
ATOM   347  C  CA  . LEU A 1 42  ? -6.085  13.173  -0.001  1.00 9.07  ? 126  LEU A CA  1 
ATOM   348  C  C   . LEU A 1 42  ? -5.406  13.238  -1.357  1.00 9.65  ? 126  LEU A C   1 
ATOM   349  O  O   . LEU A 1 42  ? -5.860  12.641  -2.330  1.00 10.17 ? 126  LEU A O   1 
ATOM   350  C  CB  . LEU A 1 42  ? -5.818  11.808  0.644   1.00 8.88  ? 126  LEU A CB  1 
ATOM   351  C  CG  . LEU A 1 42  ? -6.324  11.634  2.080   1.00 8.27  ? 126  LEU A CG  1 
ATOM   352  C  CD1 . LEU A 1 42  ? -6.090  10.218  2.551   1.00 6.87  ? 126  LEU A CD1 1 
ATOM   353  C  CD2 . LEU A 1 42  ? -5.613  12.609  2.987   1.00 8.55  ? 126  LEU A CD2 1 
ATOM   354  N  N   . ILE A 1 43  ? -4.313  13.984  -1.414  1.00 10.13 ? 127  ILE A N   1 
ATOM   355  C  CA  . ILE A 1 43  ? -3.545  14.110  -2.644  1.00 9.64  ? 127  ILE A CA  1 
ATOM   356  C  C   . ILE A 1 43  ? -2.154  13.599  -2.318  1.00 9.28  ? 127  ILE A C   1 
ATOM   357  O  O   . ILE A 1 43  ? -1.581  13.962  -1.295  1.00 11.15 ? 127  ILE A O   1 
ATOM   358  C  CB  . ILE A 1 43  ? -3.475  15.573  -3.121  1.00 8.58  ? 127  ILE A CB  1 
ATOM   359  C  CG1 . ILE A 1 43  ? -4.890  16.069  -3.432  1.00 8.68  ? 127  ILE A CG1 1 
ATOM   360  C  CG2 . ILE A 1 43  ? -2.600  15.676  -4.359  1.00 8.70  ? 127  ILE A CG2 1 
ATOM   361  C  CD1 . ILE A 1 43  ? -4.985  17.537  -3.750  1.00 8.70  ? 127  ILE A CD1 1 
ATOM   362  N  N   . PHE A 1 44  ? -1.619  12.741  -3.172  1.00 7.21  ? 128  PHE A N   1 
ATOM   363  C  CA  . PHE A 1 44  ? -0.306  12.181  -2.923  1.00 6.63  ? 128  PHE A CA  1 
ATOM   364  C  C   . PHE A 1 44  ? 0.712   12.698  -3.939  1.00 8.62  ? 128  PHE A C   1 
ATOM   365  O  O   . PHE A 1 44  ? 0.449   12.754  -5.148  1.00 8.73  ? 128  PHE A O   1 
ATOM   366  C  CB  . PHE A 1 44  ? -0.399  10.648  -2.953  1.00 5.26  ? 128  PHE A CB  1 
ATOM   367  C  CG  . PHE A 1 44  ? -1.432  10.088  -2.006  1.00 4.18  ? 128  PHE A CG  1 
ATOM   368  C  CD1 . PHE A 1 44  ? -1.088  9.736   -0.704  1.00 4.22  ? 128  PHE A CD1 1 
ATOM   369  C  CD2 . PHE A 1 44  ? -2.761  9.945   -2.406  1.00 3.14  ? 128  PHE A CD2 1 
ATOM   370  C  CE1 . PHE A 1 44  ? -2.051  9.254   0.182   1.00 3.43  ? 128  PHE A CE1 1 
ATOM   371  C  CE2 . PHE A 1 44  ? -3.727  9.468   -1.527  1.00 0.75  ? 128  PHE A CE2 1 
ATOM   372  C  CZ  . PHE A 1 44  ? -3.372  9.122   -0.234  1.00 2.21  ? 128  PHE A CZ  1 
ATOM   373  N  N   . THR A 1 45  ? 1.874   13.090  -3.428  1.00 9.15  ? 129  THR A N   1 
ATOM   374  C  CA  . THR A 1 45  ? 2.948   13.613  -4.256  1.00 10.32 ? 129  THR A CA  1 
ATOM   375  C  C   . THR A 1 45  ? 4.184   12.732  -4.112  1.00 11.04 ? 129  THR A C   1 
ATOM   376  O  O   . THR A 1 45  ? 4.541   12.325  -3.005  1.00 12.00 ? 129  THR A O   1 
ATOM   377  C  CB  . THR A 1 45  ? 3.288   15.051  -3.842  1.00 10.60 ? 129  THR A CB  1 
ATOM   378  O  OG1 . THR A 1 45  ? 2.136   15.875  -4.044  1.00 11.81 ? 129  THR A OG1 1 
ATOM   379  C  CG2 . THR A 1 45  ? 4.455   15.595  -4.658  1.00 10.85 ? 129  THR A CG2 1 
ATOM   380  N  N   . ARG A 1 46  ? 4.834   12.440  -5.233  1.00 10.99 ? 130  ARG A N   1 
ATOM   381  C  CA  . ARG A 1 46  ? 6.017   11.592  -5.240  1.00 12.22 ? 130  ARG A CA  1 
ATOM   382  C  C   . ARG A 1 46  ? 7.294   12.415  -5.203  1.00 13.31 ? 130  ARG A C   1 
ATOM   383  O  O   . ARG A 1 46  ? 7.310   13.553  -5.664  1.00 15.02 ? 130  ARG A O   1 
ATOM   384  C  CB  . ARG A 1 46  ? 5.998   10.720  -6.492  1.00 12.05 ? 130  ARG A CB  1 
ATOM   385  C  CG  . ARG A 1 46  ? 7.253   9.922   -6.753  1.00 14.35 ? 130  ARG A CG  1 
ATOM   386  C  CD  . ARG A 1 46  ? 7.112   9.199   -8.081  1.00 16.15 ? 130  ARG A CD  1 
ATOM   387  N  NE  . ARG A 1 46  ? 8.261   8.361   -8.406  1.00 19.44 ? 130  ARG A NE  1 
ATOM   388  C  CZ  . ARG A 1 46  ? 9.486   8.822   -8.622  1.00 22.25 ? 130  ARG A CZ  1 
ATOM   389  N  NH1 . ARG A 1 46  ? 9.728   10.123  -8.543  1.00 25.71 ? 130  ARG A NH1 1 
ATOM   390  N  NH2 . ARG A 1 46  ? 10.468  7.983   -8.929  1.00 23.64 ? 130  ARG A NH2 1 
ATOM   391  N  N   . ILE A 1 47  ? 8.358   11.837  -4.645  1.00 12.99 ? 131  ILE A N   1 
ATOM   392  C  CA  . ILE A 1 47  ? 9.658   12.505  -4.561  1.00 13.70 ? 131  ILE A CA  1 
ATOM   393  C  C   . ILE A 1 47  ? 10.770  11.461  -4.713  1.00 14.51 ? 131  ILE A C   1 
ATOM   394  O  O   . ILE A 1 47  ? 10.692  10.389  -4.123  1.00 15.00 ? 131  ILE A O   1 
ATOM   395  C  CB  . ILE A 1 47  ? 9.826   13.276  -3.213  1.00 13.14 ? 131  ILE A CB  1 
ATOM   396  C  CG1 . ILE A 1 47  ? 9.944   12.309  -2.037  1.00 13.08 ? 131  ILE A CG1 1 
ATOM   397  C  CG2 . ILE A 1 47  ? 8.619   14.173  -2.972  1.00 12.51 ? 131  ILE A CG2 1 
ATOM   398  C  CD1 . ILE A 1 47  ? 10.024  13.014  -0.689  1.00 11.46 ? 131  ILE A CD1 1 
ATOM   399  N  N   . SER A 1 48  ? 11.790  11.770  -5.513  1.00 15.71 ? 132  SER A N   1 
ATOM   400  C  CA  . SER A 1 48  ? 12.899  10.840  -5.759  1.00 17.24 ? 132  SER A CA  1 
ATOM   401  C  C   . SER A 1 48  ? 13.765  10.544  -4.540  1.00 19.24 ? 132  SER A C   1 
ATOM   402  O  O   . SER A 1 48  ? 14.068  9.385   -4.250  1.00 21.14 ? 132  SER A O   1 
ATOM   403  C  CB  . SER A 1 48  ? 13.794  11.357  -6.888  1.00 16.00 ? 132  SER A CB  1 
ATOM   404  O  OG  . SER A 1 48  ? 13.123  11.336  -8.135  1.00 16.19 ? 132  SER A OG  1 
ATOM   405  N  N   . GLN A 1 49  ? 14.176  11.598  -3.844  1.00 20.12 ? 133  GLN A N   1 
ATOM   406  C  CA  . GLN A 1 49  ? 15.001  11.481  -2.646  1.00 20.81 ? 133  GLN A CA  1 
ATOM   407  C  C   . GLN A 1 49  ? 14.380  12.369  -1.581  1.00 21.11 ? 133  GLN A C   1 
ATOM   408  O  O   . GLN A 1 49  ? 13.362  13.016  -1.818  1.00 21.12 ? 133  GLN A O   1 
ATOM   409  C  CB  . GLN A 1 49  ? 16.431  11.972  -2.916  1.00 22.26 ? 133  GLN A CB  1 
ATOM   410  C  CG  . GLN A 1 49  ? 17.427  10.933  -3.443  1.00 23.46 ? 133  GLN A CG  1 
ATOM   411  C  CD  . GLN A 1 49  ? 17.058  10.365  -4.804  1.00 24.21 ? 133  GLN A CD  1 
ATOM   412  O  OE1 . GLN A 1 49  ? 16.561  11.074  -5.683  1.00 23.58 ? 133  GLN A OE1 1 
ATOM   413  N  NE2 . GLN A 1 49  ? 17.322  9.078   -4.988  1.00 25.71 ? 133  GLN A NE2 1 
ATOM   414  N  N   . GLY A 1 50  ? 14.999  12.403  -0.411  1.00 21.60 ? 134  GLY A N   1 
ATOM   415  C  CA  . GLY A 1 50  ? 14.491  13.248  0.649   1.00 22.29 ? 134  GLY A CA  1 
ATOM   416  C  C   . GLY A 1 50  ? 13.553  12.556  1.610   1.00 22.67 ? 134  GLY A C   1 
ATOM   417  O  O   . GLY A 1 50  ? 13.266  11.357  1.492   1.00 22.27 ? 134  GLY A O   1 
ATOM   418  N  N   . GLU A 1 51  ? 13.082  13.326  2.582   1.00 21.80 ? 135  GLU A N   1 
ATOM   419  C  CA  . GLU A 1 51  ? 12.164  12.809  3.573   1.00 23.00 ? 135  GLU A CA  1 
ATOM   420  C  C   . GLU A 1 51  ? 10.757  12.837  3.019   1.00 21.86 ? 135  GLU A C   1 
ATOM   421  O  O   . GLU A 1 51  ? 10.330  13.844  2.467   1.00 21.77 ? 135  GLU A O   1 
ATOM   422  C  CB  . GLU A 1 51  ? 12.240  13.645  4.847   1.00 24.84 ? 135  GLU A CB  1 
ATOM   423  C  CG  . GLU A 1 51  ? 13.420  13.283  5.713   1.00 28.58 ? 135  GLU A CG  1 
ATOM   424  C  CD  . GLU A 1 51  ? 13.483  11.791  5.971   1.00 31.70 ? 135  GLU A CD  1 
ATOM   425  O  OE1 . GLU A 1 51  ? 12.460  11.222  6.414   1.00 33.04 ? 135  GLU A OE1 1 
ATOM   426  O  OE2 . GLU A 1 51  ? 14.552  11.188  5.727   1.00 32.77 ? 135  GLU A OE2 1 
ATOM   427  N  N   . ALA A 1 52  ? 10.042  11.726  3.150   1.00 19.71 ? 136  ALA A N   1 
ATOM   428  C  CA  . ALA A 1 52  ? 8.675   11.665  2.658   1.00 17.39 ? 136  ALA A CA  1 
ATOM   429  C  C   . ALA A 1 52  ? 7.789   11.034  3.716   1.00 15.83 ? 136  ALA A C   1 
ATOM   430  O  O   . ALA A 1 52  ? 8.261   10.260  4.556   1.00 15.68 ? 136  ALA A O   1 
ATOM   431  C  CB  . ALA A 1 52  ? 8.609   10.860  1.361   1.00 18.15 ? 136  ALA A CB  1 
ATOM   432  N  N   . ASP A 1 53  ? 6.506   11.372  3.679   1.00 13.48 ? 137  ASP A N   1 
ATOM   433  C  CA  . ASP A 1 53  ? 5.571   10.820  4.637   1.00 12.19 ? 137  ASP A CA  1 
ATOM   434  C  C   . ASP A 1 53  ? 5.548   9.299   4.537   1.00 11.74 ? 137  ASP A C   1 
ATOM   435  O  O   . ASP A 1 53  ? 6.000   8.597   5.439   1.00 12.58 ? 137  ASP A O   1 
ATOM   436  C  CB  . ASP A 1 53  ? 4.173   11.388  4.399   1.00 10.43 ? 137  ASP A CB  1 
ATOM   437  C  CG  . ASP A 1 53  ? 4.092   12.867  4.712   1.00 10.43 ? 137  ASP A CG  1 
ATOM   438  O  OD1 . ASP A 1 53  ? 4.548   13.256  5.805   1.00 11.31 ? 137  ASP A OD1 1 
ATOM   439  O  OD2 . ASP A 1 53  ? 3.570   13.640  3.879   1.00 9.66  ? 137  ASP A OD2 1 
ATOM   440  N  N   . ILE A 1 54  ? 5.044   8.786   3.425   1.00 10.26 ? 138  ILE A N   1 
ATOM   441  C  CA  . ILE A 1 54  ? 4.964   7.349   3.252   1.00 8.33  ? 138  ILE A CA  1 
ATOM   442  C  C   . ILE A 1 54  ? 6.163   6.797   2.487   1.00 9.21  ? 138  ILE A C   1 
ATOM   443  O  O   . ILE A 1 54  ? 6.350   7.069   1.302   1.00 9.14  ? 138  ILE A O   1 
ATOM   444  C  CB  . ILE A 1 54  ? 3.654   6.975   2.531   1.00 6.58  ? 138  ILE A CB  1 
ATOM   445  C  CG1 . ILE A 1 54  ? 2.472   7.579   3.297   1.00 4.05  ? 138  ILE A CG1 1 
ATOM   446  C  CG2 . ILE A 1 54  ? 3.527   5.463   2.418   1.00 2.49  ? 138  ILE A CG2 1 
ATOM   447  C  CD1 . ILE A 1 54  ? 1.170   7.545   2.548   1.00 4.68  ? 138  ILE A CD1 1 
ATOM   448  N  N   . ASN A 1 55  ? 6.981   6.024   3.192   1.00 9.78  ? 139  ASN A N   1 
ATOM   449  C  CA  . ASN A 1 55  ? 8.160   5.401   2.611   1.00 8.63  ? 139  ASN A CA  1 
ATOM   450  C  C   . ASN A 1 55  ? 7.807   4.019   2.102   1.00 7.86  ? 139  ASN A C   1 
ATOM   451  O  O   . ASN A 1 55  ? 7.264   3.203   2.844   1.00 8.14  ? 139  ASN A O   1 
ATOM   452  C  CB  . ASN A 1 55  ? 9.257   5.272   3.660   1.00 10.81 ? 139  ASN A CB  1 
ATOM   453  C  CG  . ASN A 1 55  ? 10.114  6.501   3.750   1.00 12.90 ? 139  ASN A CG  1 
ATOM   454  O  OD1 . ASN A 1 55  ? 10.904  6.781   2.851   1.00 15.51 ? 139  ASN A OD1 1 
ATOM   455  N  ND2 . ASN A 1 55  ? 9.963   7.251   4.830   1.00 14.12 ? 139  ASN A ND2 1 
ATOM   456  N  N   . ILE A 1 56  ? 8.120   3.764   0.836   1.00 8.15  ? 140  ILE A N   1 
ATOM   457  C  CA  . ILE A 1 56  ? 7.858   2.471   0.218   1.00 7.42  ? 140  ILE A CA  1 
ATOM   458  C  C   . ILE A 1 56  ? 9.222   1.802   0.036   1.00 7.53  ? 140  ILE A C   1 
ATOM   459  O  O   . ILE A 1 56  ? 10.178  2.445   -0.392  1.00 6.68  ? 140  ILE A O   1 
ATOM   460  C  CB  . ILE A 1 56  ? 7.213   2.613   -1.187  1.00 8.90  ? 140  ILE A CB  1 
ATOM   461  C  CG1 . ILE A 1 56  ? 6.267   3.825   -1.248  1.00 9.70  ? 140  ILE A CG1 1 
ATOM   462  C  CG2 . ILE A 1 56  ? 6.509   1.326   -1.551  1.00 7.49  ? 140  ILE A CG2 1 
ATOM   463  C  CD1 . ILE A 1 56  ? 5.170   3.844   -0.219  1.00 11.92 ? 140  ILE A CD1 1 
ATOM   464  N  N   . ALA A 1 57  ? 9.315   0.517   0.360   1.00 6.26  ? 141  ALA A N   1 
ATOM   465  C  CA  . ALA A 1 57  ? 10.575  -0.198  0.218   1.00 5.16  ? 141  ALA A CA  1 
ATOM   466  C  C   . ALA A 1 57  ? 10.352  -1.697  0.276   1.00 5.05  ? 141  ALA A C   1 
ATOM   467  O  O   . ALA A 1 57  ? 9.422   -2.175  0.933   1.00 5.58  ? 141  ALA A O   1 
ATOM   468  C  CB  . ALA A 1 57  ? 11.532  0.222   1.317   1.00 3.05  ? 141  ALA A CB  1 
ATOM   469  N  N   . PHE A 1 58  ? 11.207  -2.438  -0.424  1.00 5.86  ? 142  PHE A N   1 
ATOM   470  C  CA  . PHE A 1 58  ? 11.134  -3.894  -0.444  1.00 4.25  ? 142  PHE A CA  1 
ATOM   471  C  C   . PHE A 1 58  ? 12.239  -4.453  0.440   1.00 4.64  ? 142  PHE A C   1 
ATOM   472  O  O   . PHE A 1 58  ? 13.417  -4.181  0.213   1.00 2.38  ? 142  PHE A O   1 
ATOM   473  C  CB  . PHE A 1 58  ? 11.300  -4.416  -1.869  1.00 2.68  ? 142  PHE A CB  1 
ATOM   474  C  CG  . PHE A 1 58  ? 10.258  -3.912  -2.818  1.00 3.54  ? 142  PHE A CG  1 
ATOM   475  C  CD1 . PHE A 1 58  ? 10.262  -2.590  -3.237  1.00 4.27  ? 142  PHE A CD1 1 
ATOM   476  C  CD2 . PHE A 1 58  ? 9.251   -4.753  -3.273  1.00 4.60  ? 142  PHE A CD2 1 
ATOM   477  C  CE1 . PHE A 1 58  ? 9.278   -2.111  -4.095  1.00 2.75  ? 142  PHE A CE1 1 
ATOM   478  C  CE2 . PHE A 1 58  ? 8.265   -4.281  -4.129  1.00 4.24  ? 142  PHE A CE2 1 
ATOM   479  C  CZ  . PHE A 1 58  ? 8.280   -2.957  -4.541  1.00 3.17  ? 142  PHE A CZ  1 
ATOM   480  N  N   . TYR A 1 59  ? 11.856  -5.221  1.457   1.00 6.77  ? 143  TYR A N   1 
ATOM   481  C  CA  . TYR A 1 59  ? 12.831  -5.817  2.368   1.00 8.89  ? 143  TYR A CA  1 
ATOM   482  C  C   . TYR A 1 59  ? 12.648  -7.323  2.509   1.00 10.37 ? 143  TYR A C   1 
ATOM   483  O  O   . TYR A 1 59  ? 11.643  -7.889  2.072   1.00 10.59 ? 143  TYR A O   1 
ATOM   484  C  CB  . TYR A 1 59  ? 12.746  -5.173  3.754   1.00 8.53  ? 143  TYR A CB  1 
ATOM   485  C  CG  . TYR A 1 59  ? 13.120  -3.707  3.780   1.00 9.02  ? 143  TYR A CG  1 
ATOM   486  C  CD1 . TYR A 1 59  ? 14.350  -3.275  3.296   1.00 7.99  ? 143  TYR A CD1 1 
ATOM   487  C  CD2 . TYR A 1 59  ? 12.248  -2.751  4.312   1.00 9.37  ? 143  TYR A CD2 1 
ATOM   488  C  CE1 . TYR A 1 59  ? 14.713  -1.931  3.338   1.00 9.03  ? 143  TYR A CE1 1 
ATOM   489  C  CE2 . TYR A 1 59  ? 12.598  -1.402  4.363   1.00 9.62  ? 143  TYR A CE2 1 
ATOM   490  C  CZ  . TYR A 1 59  ? 13.836  -0.995  3.874   1.00 10.41 ? 143  TYR A CZ  1 
ATOM   491  O  OH  . TYR A 1 59  ? 14.201  0.340   3.937   1.00 9.22  ? 143  TYR A OH  1 
ATOM   492  N  N   . GLN A 1 60  ? 13.647  -7.957  3.119   1.00 12.06 ? 144  GLN A N   1 
ATOM   493  C  CA  . GLN A 1 60  ? 13.655  -9.392  3.371   1.00 11.47 ? 144  GLN A CA  1 
ATOM   494  C  C   . GLN A 1 60  ? 13.832  -9.623  4.861   1.00 11.01 ? 144  GLN A C   1 
ATOM   495  O  O   . GLN A 1 60  ? 14.507  -8.853  5.536   1.00 10.90 ? 144  GLN A O   1 
ATOM   496  C  CB  . GLN A 1 60  ? 14.818  -10.062 2.651   1.00 12.74 ? 144  GLN A CB  1 
ATOM   497  C  CG  . GLN A 1 60  ? 14.716  -10.101 1.148   1.00 16.74 ? 144  GLN A CG  1 
ATOM   498  C  CD  . GLN A 1 60  ? 15.866  -10.883 0.524   1.00 19.57 ? 144  GLN A CD  1 
ATOM   499  O  OE1 . GLN A 1 60  ? 16.049  -12.072 0.806   1.00 19.46 ? 144  GLN A OE1 1 
ATOM   500  N  NE2 . GLN A 1 60  ? 16.653  -10.215 -0.321  1.00 20.92 ? 144  GLN A NE2 1 
ATOM   501  N  N   . ARG A 1 61  ? 13.227  -10.687 5.370   1.00 10.73 ? 145  ARG A N   1 
ATOM   502  C  CA  . ARG A 1 61  ? 13.345  -11.042 6.783   1.00 12.28 ? 145  ARG A CA  1 
ATOM   503  C  C   . ARG A 1 61  ? 13.505  -9.823  7.714   1.00 12.17 ? 145  ARG A C   1 
ATOM   504  O  O   . ARG A 1 61  ? 12.671  -8.917  7.732   1.00 11.49 ? 145  ARG A O   1 
ATOM   505  C  CB  . ARG A 1 61  ? 14.545  -11.981 6.967   1.00 12.82 ? 145  ARG A CB  1 
ATOM   506  C  CG  . ARG A 1 61  ? 14.705  -13.043 5.878   1.00 13.00 ? 145  ARG A CG  1 
ATOM   507  C  CD  . ARG A 1 61  ? 13.682  -14.153 5.999   1.00 14.87 ? 145  ARG A CD  1 
ATOM   508  N  NE  . ARG A 1 61  ? 13.909  -15.204 5.010   1.00 17.85 ? 145  ARG A NE  1 
ATOM   509  C  CZ  . ARG A 1 61  ? 13.397  -16.430 5.086   1.00 18.43 ? 145  ARG A CZ  1 
ATOM   510  N  NH1 . ARG A 1 61  ? 12.622  -16.765 6.114   1.00 17.56 ? 145  ARG A NH1 1 
ATOM   511  N  NH2 . ARG A 1 61  ? 13.667  -17.322 4.140   1.00 18.12 ? 145  ARG A NH2 1 
ATOM   512  N  N   . ASP A 1 62  ? 14.589  -9.819  8.488   1.00 12.73 ? 146  ASP A N   1 
ATOM   513  C  CA  . ASP A 1 62  ? 14.884  -8.726  9.414   1.00 12.72 ? 146  ASP A CA  1 
ATOM   514  C  C   . ASP A 1 62  ? 15.215  -7.435  8.667   1.00 11.55 ? 146  ASP A C   1 
ATOM   515  O  O   . ASP A 1 62  ? 16.143  -7.394  7.861   1.00 10.80 ? 146  ASP A O   1 
ATOM   516  C  CB  . ASP A 1 62  ? 16.080  -9.089  10.295  1.00 16.06 ? 146  ASP A CB  1 
ATOM   517  C  CG  . ASP A 1 62  ? 16.056  -10.535 10.748  1.00 19.10 ? 146  ASP A CG  1 
ATOM   518  O  OD1 . ASP A 1 62  ? 15.153  -10.888 11.536  1.00 20.13 ? 146  ASP A OD1 1 
ATOM   519  O  OD2 . ASP A 1 62  ? 16.938  -11.314 10.308  1.00 18.61 ? 146  ASP A OD2 1 
ATOM   520  N  N   . HIS A 1 63  ? 14.451  -6.384  8.932   1.00 9.06  ? 147  HIS A N   1 
ATOM   521  C  CA  . HIS A 1 63  ? 14.716  -5.114  8.292   1.00 8.56  ? 147  HIS A CA  1 
ATOM   522  C  C   . HIS A 1 63  ? 14.599  -3.972  9.288   1.00 8.98  ? 147  HIS A C   1 
ATOM   523  O  O   . HIS A 1 63  ? 14.179  -2.863  8.956   1.00 9.23  ? 147  HIS A O   1 
ATOM   524  C  CB  . HIS A 1 63  ? 13.807  -4.899  7.075   1.00 6.59  ? 147  HIS A CB  1 
ATOM   525  C  CG  . HIS A 1 63  ? 12.358  -5.139  7.343   1.00 6.18  ? 147  HIS A CG  1 
ATOM   526  N  ND1 . HIS A 1 63  ? 11.868  -6.363  7.746   1.00 8.15  ? 147  HIS A ND1 1 
ATOM   527  C  CD2 . HIS A 1 63  ? 11.286  -4.324  7.228   1.00 5.02  ? 147  HIS A CD2 1 
ATOM   528  C  CE1 . HIS A 1 63  ? 10.556  -6.292  7.866   1.00 6.77  ? 147  HIS A CE1 1 
ATOM   529  N  NE2 . HIS A 1 63  ? 10.177  -5.065  7.558   1.00 4.58  ? 147  HIS A NE2 1 
ATOM   530  N  N   . GLY A 1 64  ? 14.963  -4.273  10.529  1.00 8.05  ? 148  GLY A N   1 
ATOM   531  C  CA  . GLY A 1 64  ? 14.983  -3.269  11.574  1.00 9.47  ? 148  GLY A CA  1 
ATOM   532  C  C   . GLY A 1 64  ? 13.745  -2.677  12.216  1.00 10.89 ? 148  GLY A C   1 
ATOM   533  O  O   . GLY A 1 64  ? 13.802  -1.535  12.663  1.00 10.75 ? 148  GLY A O   1 
ATOM   534  N  N   . ASP A 1 65  ? 12.641  -3.412  12.299  1.00 12.21 ? 149  ASP A N   1 
ATOM   535  C  CA  . ASP A 1 65  ? 11.461  -2.847  12.945  1.00 14.03 ? 149  ASP A CA  1 
ATOM   536  C  C   . ASP A 1 65  ? 10.675  -3.838  13.799  1.00 15.91 ? 149  ASP A C   1 
ATOM   537  O  O   . ASP A 1 65  ? 9.475   -3.678  14.010  1.00 18.39 ? 149  ASP A O   1 
ATOM   538  C  CB  . ASP A 1 65  ? 10.548  -2.184  11.907  1.00 13.16 ? 149  ASP A CB  1 
ATOM   539  C  CG  . ASP A 1 65  ? 10.033  -3.156  10.873  1.00 13.41 ? 149  ASP A CG  1 
ATOM   540  O  OD1 . ASP A 1 65  ? 10.599  -4.265  10.760  1.00 12.67 ? 149  ASP A OD1 1 
ATOM   541  O  OD2 . ASP A 1 65  ? 9.070   -2.797  10.169  1.00 12.55 ? 149  ASP A OD2 1 
ATOM   542  N  N   . ASN A 1 66  ? 11.359  -4.858  14.302  1.00 16.56 ? 150  ASN A N   1 
ATOM   543  C  CA  . ASN A 1 66  ? 10.732  -5.859  15.159  1.00 18.00 ? 150  ASN A CA  1 
ATOM   544  C  C   . ASN A 1 66  ? 9.583   -6.628  14.521  1.00 17.17 ? 150  ASN A C   1 
ATOM   545  O  O   . ASN A 1 66  ? 8.800   -7.257  15.226  1.00 18.75 ? 150  ASN A O   1 
ATOM   546  C  CB  . ASN A 1 66  ? 10.233  -5.209  16.460  1.00 21.47 ? 150  ASN A CB  1 
ATOM   547  C  CG  . ASN A 1 66  ? 11.354  -4.523  17.248  1.00 25.96 ? 150  ASN A CG  1 
ATOM   548  O  OD1 . ASN A 1 66  ? 12.436  -5.089  17.441  1.00 28.39 ? 150  ASN A OD1 1 
ATOM   549  N  ND2 . ASN A 1 66  ? 11.091  -3.306  17.717  1.00 26.73 ? 150  ASN A ND2 1 
ATOM   550  N  N   . SER A 1 67  ? 9.482   -6.583  13.196  1.00 15.86 ? 151  SER A N   1 
ATOM   551  C  CA  . SER A 1 67  ? 8.422   -7.290  12.469  1.00 14.70 ? 151  SER A CA  1 
ATOM   552  C  C   . SER A 1 67  ? 9.039   -7.906  11.208  1.00 12.91 ? 151  SER A C   1 
ATOM   553  O  O   . SER A 1 67  ? 8.804   -7.451  10.090  1.00 12.15 ? 151  SER A O   1 
ATOM   554  C  CB  . SER A 1 67  ? 7.317   -6.311  12.084  1.00 15.72 ? 151  SER A CB  1 
ATOM   555  O  OG  . SER A 1 67  ? 7.066   -5.401  13.139  1.00 16.43 ? 151  SER A OG  1 
ATOM   556  N  N   . PRO A 1 68  ? 9.835   -8.963  11.381  1.00 9.93  ? 152  PRO A N   1 
ATOM   557  C  CA  . PRO A 1 68  ? 10.502  -9.646  10.277  1.00 8.58  ? 152  PRO A CA  1 
ATOM   558  C  C   . PRO A 1 68  ? 9.568   -10.263 9.261   1.00 7.24  ? 152  PRO A C   1 
ATOM   559  O  O   . PRO A 1 68  ? 8.432   -10.577 9.577   1.00 9.27  ? 152  PRO A O   1 
ATOM   560  C  CB  . PRO A 1 68  ? 11.359  -10.681 10.996  1.00 8.33  ? 152  PRO A CB  1 
ATOM   561  C  CG  . PRO A 1 68  ? 10.522  -11.022 12.182  1.00 7.62  ? 152  PRO A CG  1 
ATOM   562  C  CD  . PRO A 1 68  ? 10.065  -9.675  12.650  1.00 8.56  ? 152  PRO A CD  1 
ATOM   563  N  N   . PHE A 1 69  ? 10.051  -10.409 8.033   1.00 6.52  ? 153  PHE A N   1 
ATOM   564  C  CA  . PHE A 1 69  ? 9.267   -11.010 6.969   1.00 5.96  ? 153  PHE A CA  1 
ATOM   565  C  C   . PHE A 1 69  ? 9.540   -12.501 7.026   1.00 6.09  ? 153  PHE A C   1 
ATOM   566  O  O   . PHE A 1 69  ? 10.444  -12.934 7.741   1.00 5.20  ? 153  PHE A O   1 
ATOM   567  C  CB  . PHE A 1 69  ? 9.650   -10.435 5.605   1.00 7.66  ? 153  PHE A CB  1 
ATOM   568  C  CG  . PHE A 1 69  ? 8.982   -9.120  5.285   1.00 10.22 ? 153  PHE A CG  1 
ATOM   569  C  CD1 . PHE A 1 69  ? 7.605   -8.959  5.451   1.00 12.03 ? 153  PHE A CD1 1 
ATOM   570  C  CD2 . PHE A 1 69  ? 9.714   -8.053  4.780   1.00 10.92 ? 153  PHE A CD2 1 
ATOM   571  C  CE1 . PHE A 1 69  ? 6.963   -7.748  5.113   1.00 13.23 ? 153  PHE A CE1 1 
ATOM   572  C  CE2 . PHE A 1 69  ? 9.084   -6.842  4.439   1.00 12.25 ? 153  PHE A CE2 1 
ATOM   573  C  CZ  . PHE A 1 69  ? 7.707   -6.694  4.606   1.00 12.36 ? 153  PHE A CZ  1 
ATOM   574  N  N   . ASP A 1 70  ? 8.779   -13.283 6.266   1.00 5.53  ? 154  ASP A N   1 
ATOM   575  C  CA  . ASP A 1 70  ? 8.898   -14.730 6.305   1.00 6.25  ? 154  ASP A CA  1 
ATOM   576  C  C   . ASP A 1 70  ? 9.226   -15.496 5.021   1.00 7.77  ? 154  ASP A C   1 
ATOM   577  O  O   . ASP A 1 70  ? 8.939   -16.688 4.937   1.00 9.27  ? 154  ASP A O   1 
ATOM   578  C  CB  . ASP A 1 70  ? 7.613   -15.288 6.908   1.00 6.05  ? 154  ASP A CB  1 
ATOM   579  C  CG  . ASP A 1 70  ? 6.370   -14.836 6.150   1.00 6.47  ? 154  ASP A CG  1 
ATOM   580  O  OD1 . ASP A 1 70  ? 6.336   -13.683 5.704   1.00 7.60  ? 154  ASP A OD1 1 
ATOM   581  O  OD2 . ASP A 1 70  ? 5.413   -15.621 6.011   1.00 5.87  ? 154  ASP A OD2 1 
ATOM   582  N  N   . GLY A 1 71  ? 9.833   -14.850 4.030   1.00 8.76  ? 155  GLY A N   1 
ATOM   583  C  CA  . GLY A 1 71  ? 10.169  -15.565 2.808   1.00 8.80  ? 155  GLY A CA  1 
ATOM   584  C  C   . GLY A 1 71  ? 8.947   -15.793 1.942   1.00 9.90  ? 155  GLY A C   1 
ATOM   585  O  O   . GLY A 1 71  ? 7.871   -15.362 2.322   1.00 9.20  ? 155  GLY A O   1 
ATOM   586  N  N   . PRO A 1 72  ? 9.059   -16.489 0.796   1.00 9.97  ? 156  PRO A N   1 
ATOM   587  C  CA  . PRO A 1 72  ? 7.915   -16.735 -0.093  1.00 10.18 ? 156  PRO A CA  1 
ATOM   588  C  C   . PRO A 1 72  ? 6.576   -17.013 0.582   1.00 10.65 ? 156  PRO A C   1 
ATOM   589  O  O   . PRO A 1 72  ? 6.502   -17.745 1.573   1.00 11.17 ? 156  PRO A O   1 
ATOM   590  C  CB  . PRO A 1 72  ? 8.386   -17.909 -0.937  1.00 8.80  ? 156  PRO A CB  1 
ATOM   591  C  CG  . PRO A 1 72  ? 9.852   -17.641 -1.050  1.00 8.98  ? 156  PRO A CG  1 
ATOM   592  C  CD  . PRO A 1 72  ? 10.219  -17.288 0.368   1.00 9.14  ? 156  PRO A CD  1 
ATOM   593  N  N   . ASN A 1 73  ? 5.527   -16.405 0.028   1.00 10.48 ? 157  ASN A N   1 
ATOM   594  C  CA  . ASN A 1 73  ? 4.153   -16.556 0.511   1.00 10.83 ? 157  ASN A CA  1 
ATOM   595  C  C   . ASN A 1 73  ? 4.024   -16.177 1.969   1.00 10.54 ? 157  ASN A C   1 
ATOM   596  O  O   . ASN A 1 73  ? 4.980   -15.711 2.563   1.00 12.98 ? 157  ASN A O   1 
ATOM   597  C  CB  . ASN A 1 73  ? 3.690   -17.990 0.280   1.00 11.00 ? 157  ASN A CB  1 
ATOM   598  C  CG  . ASN A 1 73  ? 3.865   -18.416 -1.162  1.00 11.08 ? 157  ASN A CG  1 
ATOM   599  O  OD1 . ASN A 1 73  ? 3.237   -17.864 -2.061  1.00 9.57  ? 157  ASN A OD1 1 
ATOM   600  N  ND2 . ASN A 1 73  ? 4.738   -19.389 -1.392  1.00 13.65 ? 157  ASN A ND2 1 
ATOM   601  N  N   . GLY A 1 74  ? 2.848   -16.371 2.550   1.00 9.15  ? 158  GLY A N   1 
ATOM   602  C  CA  . GLY A 1 74  ? 2.667   -16.004 3.945   1.00 8.10  ? 158  GLY A CA  1 
ATOM   603  C  C   . GLY A 1 74  ? 2.428   -14.514 4.105   1.00 6.01  ? 158  GLY A C   1 
ATOM   604  O  O   . GLY A 1 74  ? 1.450   -13.992 3.595   1.00 6.83  ? 158  GLY A O   1 
ATOM   605  N  N   . ILE A 1 75  ? 3.315   -13.821 4.809   1.00 6.43  ? 159  ILE A N   1 
ATOM   606  C  CA  . ILE A 1 75  ? 3.160   -12.379 5.009   1.00 4.81  ? 159  ILE A CA  1 
ATOM   607  C  C   . ILE A 1 75  ? 3.675   -11.589 3.810   1.00 4.68  ? 159  ILE A C   1 
ATOM   608  O  O   . ILE A 1 75  ? 4.860   -11.281 3.741   1.00 8.10  ? 159  ILE A O   1 
ATOM   609  C  CB  . ILE A 1 75  ? 3.938   -11.896 6.243   1.00 3.86  ? 159  ILE A CB  1 
ATOM   610  C  CG1 . ILE A 1 75  ? 3.517   -12.696 7.479   1.00 3.08  ? 159  ILE A CG1 1 
ATOM   611  C  CG2 . ILE A 1 75  ? 3.708   -10.401 6.440   1.00 1.89  ? 159  ILE A CG2 1 
ATOM   612  C  CD1 . ILE A 1 75  ? 4.329   -12.364 8.734   1.00 2.34  ? 159  ILE A CD1 1 
ATOM   613  N  N   . LEU A 1 76  ? 2.785   -11.233 2.891   1.00 4.13  ? 160  LEU A N   1 
ATOM   614  C  CA  . LEU A 1 76  ? 3.162   -10.494 1.688   1.00 3.21  ? 160  LEU A CA  1 
ATOM   615  C  C   . LEU A 1 76  ? 3.768   -9.103  1.922   1.00 4.50  ? 160  LEU A C   1 
ATOM   616  O  O   . LEU A 1 76  ? 4.601   -8.649  1.136   1.00 5.35  ? 160  LEU A O   1 
ATOM   617  C  CB  . LEU A 1 76  ? 1.951   -10.385 0.769   1.00 0.00  ? 160  LEU A CB  1 
ATOM   618  C  CG  . LEU A 1 76  ? 1.320   -11.739 0.437   1.00 0.00  ? 160  LEU A CG  1 
ATOM   619  C  CD1 . LEU A 1 76  ? 0.023   -11.514 -0.317  1.00 0.00  ? 160  LEU A CD1 1 
ATOM   620  C  CD2 . LEU A 1 76  ? 2.283   -12.593 -0.374  1.00 0.00  ? 160  LEU A CD2 1 
ATOM   621  N  N   . ALA A 1 77  ? 3.358   -8.432  2.994   1.00 4.36  ? 161  ALA A N   1 
ATOM   622  C  CA  . ALA A 1 77  ? 3.872   -7.100  3.320   1.00 3.47  ? 161  ALA A CA  1 
ATOM   623  C  C   . ALA A 1 77  ? 3.113   -6.535  4.512   1.00 3.81  ? 161  ALA A C   1 
ATOM   624  O  O   . ALA A 1 77  ? 2.320   -7.234  5.134   1.00 4.41  ? 161  ALA A O   1 
ATOM   625  C  CB  . ALA A 1 77  ? 3.725   -6.165  2.119   1.00 1.60  ? 161  ALA A CB  1 
ATOM   626  N  N   . HIS A 1 78  ? 3.375   -5.276  4.842   1.00 4.66  ? 162  HIS A N   1 
ATOM   627  C  CA  . HIS A 1 78  ? 2.687   -4.617  5.942   1.00 6.05  ? 162  HIS A CA  1 
ATOM   628  C  C   . HIS A 1 78  ? 2.982   -3.122  5.961   1.00 7.05  ? 162  HIS A C   1 
ATOM   629  O  O   . HIS A 1 78  ? 3.915   -2.659  5.307   1.00 6.52  ? 162  HIS A O   1 
ATOM   630  C  CB  . HIS A 1 78  ? 3.038   -5.258  7.298   1.00 6.06  ? 162  HIS A CB  1 
ATOM   631  C  CG  . HIS A 1 78  ? 4.461   -5.070  7.725   1.00 8.25  ? 162  HIS A CG  1 
ATOM   632  N  ND1 . HIS A 1 78  ? 5.454   -5.977  7.426   1.00 8.54  ? 162  HIS A ND1 1 
ATOM   633  C  CD2 . HIS A 1 78  ? 5.057   -4.080  8.431   1.00 8.51  ? 162  HIS A CD2 1 
ATOM   634  C  CE1 . HIS A 1 78  ? 6.599   -5.554  7.931   1.00 9.00  ? 162  HIS A CE1 1 
ATOM   635  N  NE2 . HIS A 1 78  ? 6.384   -4.406  8.545   1.00 8.77  ? 162  HIS A NE2 1 
ATOM   636  N  N   . ALA A 1 79  ? 2.168   -2.377  6.703   1.00 8.01  ? 163  ALA A N   1 
ATOM   637  C  CA  . ALA A 1 79  ? 2.309   -0.931  6.799   1.00 10.72 ? 163  ALA A CA  1 
ATOM   638  C  C   . ALA A 1 79  ? 2.013   -0.429  8.211   1.00 13.31 ? 163  ALA A C   1 
ATOM   639  O  O   . ALA A 1 79  ? 1.523   -1.179  9.057   1.00 14.95 ? 163  ALA A O   1 
ATOM   640  C  CB  . ALA A 1 79  ? 1.373   -0.262  5.802   1.00 9.65  ? 163  ALA A CB  1 
ATOM   641  N  N   . PHE A 1 80  ? 2.316   0.842   8.468   1.00 14.20 ? 164  PHE A N   1 
ATOM   642  C  CA  . PHE A 1 80  ? 2.075   1.429   9.784   1.00 14.57 ? 164  PHE A CA  1 
ATOM   643  C  C   . PHE A 1 80  ? 0.983   2.487   9.719   1.00 14.93 ? 164  PHE A C   1 
ATOM   644  O  O   . PHE A 1 80  ? 0.748   3.083   8.670   1.00 15.88 ? 164  PHE A O   1 
ATOM   645  C  CB  . PHE A 1 80  ? 3.361   2.049   10.330  1.00 13.92 ? 164  PHE A CB  1 
ATOM   646  C  CG  . PHE A 1 80  ? 4.499   1.077   10.453  1.00 13.25 ? 164  PHE A CG  1 
ATOM   647  C  CD1 . PHE A 1 80  ? 5.116   0.559   9.317   1.00 12.35 ? 164  PHE A CD1 1 
ATOM   648  C  CD2 . PHE A 1 80  ? 4.952   0.673   11.703  1.00 12.91 ? 164  PHE A CD2 1 
ATOM   649  C  CE1 . PHE A 1 80  ? 6.169   -0.347  9.428   1.00 11.84 ? 164  PHE A CE1 1 
ATOM   650  C  CE2 . PHE A 1 80  ? 6.002   -0.232  11.823  1.00 12.53 ? 164  PHE A CE2 1 
ATOM   651  C  CZ  . PHE A 1 80  ? 6.611   -0.742  10.683  1.00 12.29 ? 164  PHE A CZ  1 
ATOM   652  N  N   . GLN A 1 81  ? 0.311   2.720   10.843  1.00 15.57 ? 165  GLN A N   1 
ATOM   653  C  CA  . GLN A 1 81  ? -0.763  3.706   10.889  1.00 16.14 ? 165  GLN A CA  1 
ATOM   654  C  C   . GLN A 1 81  ? -0.203  5.119   10.866  1.00 15.37 ? 165  GLN A C   1 
ATOM   655  O  O   . GLN A 1 81  ? 0.991   5.323   11.100  1.00 14.10 ? 165  GLN A O   1 
ATOM   656  C  CB  . GLN A 1 81  ? -1.605  3.517   12.154  1.00 19.90 ? 165  GLN A CB  1 
ATOM   657  C  CG  . GLN A 1 81  ? -0.895  3.912   13.442  1.00 25.29 ? 165  GLN A CG  1 
ATOM   658  C  CD  . GLN A 1 81  ? -1.723  3.619   14.683  1.00 28.05 ? 165  GLN A CD  1 
ATOM   659  O  OE1 . GLN A 1 81  ? -2.088  2.466   14.942  1.00 30.78 ? 165  GLN A OE1 1 
ATOM   660  N  NE2 . GLN A 1 81  ? -2.020  4.658   15.460  1.00 28.25 ? 165  GLN A NE2 1 
ATOM   661  N  N   . PRO A 1 82  ? -1.060  6.118   10.579  1.00 14.67 ? 166  PRO A N   1 
ATOM   662  C  CA  . PRO A 1 82  ? -0.635  7.522   10.530  1.00 13.59 ? 166  PRO A CA  1 
ATOM   663  C  C   . PRO A 1 82  ? 0.214   7.919   11.736  1.00 13.21 ? 166  PRO A C   1 
ATOM   664  O  O   . PRO A 1 82  ? -0.110  7.589   12.876  1.00 13.66 ? 166  PRO A O   1 
ATOM   665  C  CB  . PRO A 1 82  ? -1.958  8.271   10.476  1.00 12.96 ? 166  PRO A CB  1 
ATOM   666  C  CG  . PRO A 1 82  ? -2.801  7.355   9.646   1.00 12.99 ? 166  PRO A CG  1 
ATOM   667  C  CD  . PRO A 1 82  ? -2.486  5.993   10.230  1.00 13.05 ? 166  PRO A CD  1 
ATOM   668  N  N   . GLY A 1 83  ? 1.308   8.621   11.476  1.00 13.01 ? 167  GLY A N   1 
ATOM   669  C  CA  . GLY A 1 83  ? 2.183   9.049   12.549  1.00 13.49 ? 167  GLY A CA  1 
ATOM   670  C  C   . GLY A 1 83  ? 3.487   9.573   11.995  1.00 14.32 ? 167  GLY A C   1 
ATOM   671  O  O   . GLY A 1 83  ? 3.626   9.791   10.794  1.00 13.74 ? 167  GLY A O   1 
ATOM   672  N  N   . GLN A 1 84  ? 4.455   9.774   12.876  1.00 16.11 ? 168  GLN A N   1 
ATOM   673  C  CA  . GLN A 1 84  ? 5.761   10.271  12.469  1.00 17.74 ? 168  GLN A CA  1 
ATOM   674  C  C   . GLN A 1 84  ? 6.764   9.162   12.145  1.00 17.46 ? 168  GLN A C   1 
ATOM   675  O  O   . GLN A 1 84  ? 6.548   7.992   12.441  1.00 17.17 ? 168  GLN A O   1 
ATOM   676  C  CB  . GLN A 1 84  ? 6.336   11.151  13.574  1.00 19.86 ? 168  GLN A CB  1 
ATOM   677  C  CG  . GLN A 1 84  ? 5.630   12.469  13.736  1.00 24.11 ? 168  GLN A CG  1 
ATOM   678  C  CD  . GLN A 1 84  ? 5.796   13.338  12.511  1.00 28.45 ? 168  GLN A CD  1 
ATOM   679  O  OE1 . GLN A 1 84  ? 6.910   13.497  12.000  1.00 30.19 ? 168  GLN A OE1 1 
ATOM   680  N  NE2 . GLN A 1 84  ? 4.692   13.914  12.029  1.00 30.18 ? 168  GLN A NE2 1 
ATOM   681  N  N   . GLY A 1 85  ? 7.867   9.558   11.529  1.00 16.38 ? 169  GLY A N   1 
ATOM   682  C  CA  . GLY A 1 85  ? 8.926   8.624   11.201  1.00 15.55 ? 169  GLY A CA  1 
ATOM   683  C  C   . GLY A 1 85  ? 8.562   7.375   10.434  1.00 14.26 ? 169  GLY A C   1 
ATOM   684  O  O   . GLY A 1 85  ? 8.619   7.353   9.201   1.00 14.73 ? 169  GLY A O   1 
ATOM   685  N  N   . ILE A 1 86  ? 8.219   6.319   11.164  1.00 14.36 ? 170  ILE A N   1 
ATOM   686  C  CA  . ILE A 1 86  ? 7.861   5.052   10.541  1.00 12.35 ? 170  ILE A CA  1 
ATOM   687  C  C   . ILE A 1 86  ? 6.363   5.003   10.257  1.00 12.58 ? 170  ILE A C   1 
ATOM   688  O  O   . ILE A 1 86  ? 5.915   4.350   9.313   1.00 12.44 ? 170  ILE A O   1 
ATOM   689  C  CB  . ILE A 1 86  ? 8.252   3.872   11.443  1.00 10.18 ? 170  ILE A CB  1 
ATOM   690  C  CG1 . ILE A 1 86  ? 8.471   2.632   10.587  1.00 10.10 ? 170  ILE A CG1 1 
ATOM   691  C  CG2 . ILE A 1 86  ? 7.175   3.615   12.484  1.00 9.31  ? 170  ILE A CG2 1 
ATOM   692  C  CD1 . ILE A 1 86  ? 8.928   1.443   11.364  1.00 6.89  ? 170  ILE A CD1 1 
ATOM   693  N  N   . GLY A 1 87  ? 5.602   5.714   11.081  1.00 11.36 ? 171  GLY A N   1 
ATOM   694  C  CA  . GLY A 1 87  ? 4.165   5.749   10.917  1.00 11.36 ? 171  GLY A CA  1 
ATOM   695  C  C   . GLY A 1 87  ? 3.787   6.130   9.509   1.00 10.38 ? 171  GLY A C   1 
ATOM   696  O  O   . GLY A 1 87  ? 4.163   7.190   9.034   1.00 11.86 ? 171  GLY A O   1 
ATOM   697  N  N   . GLY A 1 88  ? 3.041   5.259   8.840   1.00 9.39  ? 172  GLY A N   1 
ATOM   698  C  CA  . GLY A 1 88  ? 2.622   5.539   7.485   1.00 8.95  ? 172  GLY A CA  1 
ATOM   699  C  C   . GLY A 1 88  ? 3.420   4.766   6.458   1.00 7.20  ? 172  GLY A C   1 
ATOM   700  O  O   . GLY A 1 88  ? 2.914   4.435   5.393   1.00 7.72  ? 172  GLY A O   1 
ATOM   701  N  N   . ASP A 1 89  ? 4.668   4.464   6.774   1.00 7.30  ? 173  ASP A N   1 
ATOM   702  C  CA  . ASP A 1 89  ? 5.505   3.741   5.830   1.00 7.66  ? 173  ASP A CA  1 
ATOM   703  C  C   . ASP A 1 89  ? 4.959   2.360   5.515   1.00 6.52  ? 173  ASP A C   1 
ATOM   704  O  O   . ASP A 1 89  ? 4.212   1.786   6.305   1.00 4.91  ? 173  ASP A O   1 
ATOM   705  C  CB  . ASP A 1 89  ? 6.934   3.640   6.365   1.00 9.63  ? 173  ASP A CB  1 
ATOM   706  C  CG  . ASP A 1 89  ? 7.541   4.997   6.642   1.00 11.93 ? 173  ASP A CG  1 
ATOM   707  O  OD1 . ASP A 1 89  ? 7.297   5.925   5.845   1.00 13.83 ? 173  ASP A OD1 1 
ATOM   708  O  OD2 . ASP A 1 89  ? 8.266   5.141   7.648   1.00 13.22 ? 173  ASP A OD2 1 
ATOM   709  N  N   . ALA A 1 90  ? 5.347   1.837   4.355   1.00 4.57  ? 174  ALA A N   1 
ATOM   710  C  CA  . ALA A 1 90  ? 4.907   0.527   3.895   1.00 4.83  ? 174  ALA A CA  1 
ATOM   711  C  C   . ALA A 1 90  ? 6.094   -0.288  3.397   1.00 5.07  ? 174  ALA A C   1 
ATOM   712  O  O   . ALA A 1 90  ? 6.869   0.196   2.580   1.00 7.16  ? 174  ALA A O   1 
ATOM   713  C  CB  . ALA A 1 90  ? 3.885   0.695   2.782   1.00 5.09  ? 174  ALA A CB  1 
ATOM   714  N  N   . HIS A 1 91  ? 6.233   -1.522  3.886   1.00 5.89  ? 175  HIS A N   1 
ATOM   715  C  CA  . HIS A 1 91  ? 7.351   -2.401  3.493   1.00 4.80  ? 175  HIS A CA  1 
ATOM   716  C  C   . HIS A 1 91  ? 6.851   -3.679  2.845   1.00 4.22  ? 175  HIS A C   1 
ATOM   717  O  O   . HIS A 1 91  ? 5.983   -4.362  3.391   1.00 4.52  ? 175  HIS A O   1 
ATOM   718  C  CB  . HIS A 1 91  ? 8.206   -2.776  4.711   1.00 3.34  ? 175  HIS A CB  1 
ATOM   719  C  CG  . HIS A 1 91  ? 8.678   -1.599  5.506   1.00 2.65  ? 175  HIS A CG  1 
ATOM   720  N  ND1 . HIS A 1 91  ? 9.045   -1.699  6.831   1.00 1.62  ? 175  HIS A ND1 1 
ATOM   721  C  CD2 . HIS A 1 91  ? 8.807   -0.292  5.178   1.00 2.71  ? 175  HIS A CD2 1 
ATOM   722  C  CE1 . HIS A 1 91  ? 9.373   -0.503  7.285   1.00 2.02  ? 175  HIS A CE1 1 
ATOM   723  N  NE2 . HIS A 1 91  ? 9.237   0.368   6.302   1.00 2.14  ? 175  HIS A NE2 1 
ATOM   724  N  N   . PHE A 1 92  ? 7.406   -4.012  1.686   1.00 3.65  ? 176  PHE A N   1 
ATOM   725  C  CA  . PHE A 1 92  ? 6.987   -5.213  0.985   1.00 4.08  ? 176  PHE A CA  1 
ATOM   726  C  C   . PHE A 1 92  ? 8.036   -6.291  1.053   1.00 4.97  ? 176  PHE A C   1 
ATOM   727  O  O   . PHE A 1 92  ? 9.230   -6.014  0.942   1.00 5.90  ? 176  PHE A O   1 
ATOM   728  C  CB  . PHE A 1 92  ? 6.678   -4.901  -0.479  1.00 4.14  ? 176  PHE A CB  1 
ATOM   729  C  CG  . PHE A 1 92  ? 5.554   -3.946  -0.654  1.00 4.87  ? 176  PHE A CG  1 
ATOM   730  C  CD1 . PHE A 1 92  ? 5.746   -2.586  -0.450  1.00 5.37  ? 176  PHE A CD1 1 
ATOM   731  C  CD2 . PHE A 1 92  ? 4.274   -4.409  -0.940  1.00 6.24  ? 176  PHE A CD2 1 
ATOM   732  C  CE1 . PHE A 1 92  ? 4.684   -1.702  -0.522  1.00 5.78  ? 176  PHE A CE1 1 
ATOM   733  C  CE2 . PHE A 1 92  ? 3.194   -3.526  -1.015  1.00 6.06  ? 176  PHE A CE2 1 
ATOM   734  C  CZ  . PHE A 1 92  ? 3.405   -2.171  -0.803  1.00 7.50  ? 176  PHE A CZ  1 
ATOM   735  N  N   . ASP A 1 93  ? 7.578   -7.528  1.233   1.00 7.61  ? 177  ASP A N   1 
ATOM   736  C  CA  . ASP A 1 93  ? 8.470   -8.683  1.299   1.00 8.84  ? 177  ASP A CA  1 
ATOM   737  C  C   . ASP A 1 93  ? 9.171   -8.836  -0.050  1.00 7.62  ? 177  ASP A C   1 
ATOM   738  O  O   . ASP A 1 93  ? 8.528   -9.058  -1.070  1.00 7.24  ? 177  ASP A O   1 
ATOM   739  C  CB  . ASP A 1 93  ? 7.675   -9.954  1.624   1.00 9.37  ? 177  ASP A CB  1 
ATOM   740  C  CG  . ASP A 1 93  ? 8.546   -11.040 2.238   1.00 11.37 ? 177  ASP A CG  1 
ATOM   741  O  OD1 . ASP A 1 93  ? 9.588   -11.383 1.631   1.00 11.72 ? 177  ASP A OD1 1 
ATOM   742  O  OD2 . ASP A 1 93  ? 8.191   -11.544 3.328   1.00 10.39 ? 177  ASP A OD2 1 
ATOM   743  N  N   . ALA A 1 94  ? 10.492  -8.705  -0.045  1.00 7.48  ? 178  ALA A N   1 
ATOM   744  C  CA  . ALA A 1 94  ? 11.284  -8.807  -1.266  1.00 7.16  ? 178  ALA A CA  1 
ATOM   745  C  C   . ALA A 1 94  ? 11.426  -10.238 -1.778  1.00 7.58  ? 178  ALA A C   1 
ATOM   746  O  O   . ALA A 1 94  ? 11.835  -10.447 -2.912  1.00 9.06  ? 178  ALA A O   1 
ATOM   747  C  CB  . ALA A 1 94  ? 12.674  -8.198  -1.039  1.00 4.22  ? 178  ALA A CB  1 
ATOM   748  N  N   . GLU A 1 95  ? 11.085  -11.222 -0.957  1.00 9.19  ? 179  GLU A N   1 
ATOM   749  C  CA  . GLU A 1 95  ? 11.227  -12.607 -1.380  1.00 10.58 ? 179  GLU A CA  1 
ATOM   750  C  C   . GLU A 1 95  ? 9.988   -13.156 -2.066  1.00 10.98 ? 179  GLU A C   1 
ATOM   751  O  O   . GLU A 1 95  ? 9.867   -14.370 -2.275  1.00 11.06 ? 179  GLU A O   1 
ATOM   752  C  CB  . GLU A 1 95  ? 11.580  -13.474 -0.182  1.00 11.68 ? 179  GLU A CB  1 
ATOM   753  C  CG  . GLU A 1 95  ? 12.866  -13.073 0.489   1.00 13.41 ? 179  GLU A CG  1 
ATOM   754  C  CD  . GLU A 1 95  ? 13.166  -13.932 1.694   1.00 16.82 ? 179  GLU A CD  1 
ATOM   755  O  OE1 . GLU A 1 95  ? 13.411  -15.147 1.515   1.00 18.55 ? 179  GLU A OE1 1 
ATOM   756  O  OE2 . GLU A 1 95  ? 13.150  -13.396 2.820   1.00 15.93 ? 179  GLU A OE2 1 
ATOM   757  N  N   . GLU A 1 96  ? 9.079   -12.252 -2.418  1.00 9.97  ? 180  GLU A N   1 
ATOM   758  C  CA  . GLU A 1 96  ? 7.836   -12.605 -3.089  1.00 10.25 ? 180  GLU A CA  1 
ATOM   759  C  C   . GLU A 1 96  ? 7.978   -12.526 -4.610  1.00 11.48 ? 180  GLU A C   1 
ATOM   760  O  O   . GLU A 1 96  ? 8.943   -11.962 -5.123  1.00 10.53 ? 180  GLU A O   1 
ATOM   761  C  CB  . GLU A 1 96  ? 6.725   -11.652 -2.650  1.00 10.29 ? 180  GLU A CB  1 
ATOM   762  C  CG  . GLU A 1 96  ? 6.340   -11.760 -1.198  1.00 10.55 ? 180  GLU A CG  1 
ATOM   763  C  CD  . GLU A 1 96  ? 5.834   -13.133 -0.848  1.00 10.71 ? 180  GLU A CD  1 
ATOM   764  O  OE1 . GLU A 1 96  ? 5.278   -13.802 -1.740  1.00 12.86 ? 180  GLU A OE1 1 
ATOM   765  O  OE2 . GLU A 1 96  ? 5.973   -13.545 0.314   1.00 14.82 ? 180  GLU A OE2 1 
ATOM   766  N  N   . THR A 1 97  ? 7.006   -13.100 -5.319  1.00 12.67 ? 181  THR A N   1 
ATOM   767  C  CA  . THR A 1 97  ? 6.968   -13.076 -6.784  1.00 13.71 ? 181  THR A CA  1 
ATOM   768  C  C   . THR A 1 97  ? 6.015   -11.971 -7.217  1.00 13.06 ? 181  THR A C   1 
ATOM   769  O  O   . THR A 1 97  ? 4.835   -12.227 -7.476  1.00 14.50 ? 181  THR A O   1 
ATOM   770  C  CB  . THR A 1 97  ? 6.448   -14.406 -7.379  1.00 14.03 ? 181  THR A CB  1 
ATOM   771  O  OG1 . THR A 1 97  ? 7.407   -15.446 -7.156  1.00 17.68 ? 181  THR A OG1 1 
ATOM   772  C  CG2 . THR A 1 97  ? 6.229   -14.265 -8.867  1.00 15.67 ? 181  THR A CG2 1 
ATOM   773  N  N   . TRP A 1 98  ? 6.526   -10.744 -7.285  1.00 11.47 ? 182  TRP A N   1 
ATOM   774  C  CA  . TRP A 1 98  ? 5.716   -9.597  -7.672  1.00 10.02 ? 182  TRP A CA  1 
ATOM   775  C  C   . TRP A 1 98  ? 5.449   -9.603  -9.167  1.00 10.01 ? 182  TRP A C   1 
ATOM   776  O  O   . TRP A 1 98  ? 6.380   -9.614  -9.975  1.00 9.05  ? 182  TRP A O   1 
ATOM   777  C  CB  . TRP A 1 98  ? 6.410   -8.300  -7.242  1.00 9.01  ? 182  TRP A CB  1 
ATOM   778  C  CG  . TRP A 1 98  ? 6.597   -8.247  -5.757  1.00 7.61  ? 182  TRP A CG  1 
ATOM   779  C  CD1 . TRP A 1 98  ? 7.784   -8.277  -5.068  1.00 6.98  ? 182  TRP A CD1 1 
ATOM   780  C  CD2 . TRP A 1 98  ? 5.559   -8.282  -4.771  1.00 6.50  ? 182  TRP A CD2 1 
ATOM   781  N  NE1 . TRP A 1 98  ? 7.543   -8.339  -3.714  1.00 5.70  ? 182  TRP A NE1 1 
ATOM   782  C  CE2 . TRP A 1 98  ? 6.186   -8.344  -3.504  1.00 6.78  ? 182  TRP A CE2 1 
ATOM   783  C  CE3 . TRP A 1 98  ? 4.159   -8.271  -4.834  1.00 5.63  ? 182  TRP A CE3 1 
ATOM   784  C  CZ2 . TRP A 1 98  ? 5.456   -8.396  -2.308  1.00 6.56  ? 182  TRP A CZ2 1 
ATOM   785  C  CZ3 . TRP A 1 98  ? 3.431   -8.320  -3.644  1.00 5.58  ? 182  TRP A CZ3 1 
ATOM   786  C  CH2 . TRP A 1 98  ? 4.081   -8.383  -2.400  1.00 7.40  ? 182  TRP A CH2 1 
ATOM   787  N  N   . THR A 1 99  ? 4.164   -9.612  -9.524  1.00 9.91  ? 183  THR A N   1 
ATOM   788  C  CA  . THR A 1 99  ? 3.751   -9.626  -10.923 1.00 9.98  ? 183  THR A CA  1 
ATOM   789  C  C   . THR A 1 99  ? 2.878   -8.423  -11.272 1.00 10.32 ? 183  THR A C   1 
ATOM   790  O  O   . THR A 1 99  ? 2.514   -7.616  -10.410 1.00 10.18 ? 183  THR A O   1 
ATOM   791  C  CB  . THR A 1 99  ? 2.942   -10.888 -11.271 1.00 9.82  ? 183  THR A CB  1 
ATOM   792  O  OG1 . THR A 1 99  ? 1.558   -10.667 -10.963 1.00 11.00 ? 183  THR A OG1 1 
ATOM   793  C  CG2 . THR A 1 99  ? 3.441   -12.082 -10.472 1.00 8.05  ? 183  THR A CG2 1 
ATOM   794  N  N   . ASN A 1 100 ? 2.538   -8.340  -12.554 1.00 11.39 ? 184  ASN A N   1 
ATOM   795  C  CA  . ASN A 1 100 ? 1.722   -7.271  -13.127 1.00 9.64  ? 184  ASN A CA  1 
ATOM   796  C  C   . ASN A 1 100 ? 0.402   -7.880  -13.549 1.00 8.02  ? 184  ASN A C   1 
ATOM   797  O  O   . ASN A 1 100 ? -0.546  -7.190  -13.903 1.00 7.09  ? 184  ASN A O   1 
ATOM   798  C  CB  . ASN A 1 100 ? 2.419   -6.743  -14.371 1.00 10.18 ? 184  ASN A CB  1 
ATOM   799  C  CG  . ASN A 1 100 ? 2.439   -5.255  -14.422 1.00 12.31 ? 184  ASN A CG  1 
ATOM   800  O  OD1 . ASN A 1 100 ? 3.001   -4.665  -15.340 1.00 14.93 ? 184  ASN A OD1 1 
ATOM   801  N  ND2 . ASN A 1 100 ? 1.829   -4.622  -13.429 1.00 12.84 ? 184  ASN A ND2 1 
ATOM   802  N  N   . THR A 1 101 ? 0.371   -9.201  -13.489 1.00 7.60  ? 185  THR A N   1 
ATOM   803  C  CA  . THR A 1 101 ? -0.761  -9.991  -13.924 1.00 8.56  ? 185  THR A CA  1 
ATOM   804  C  C   . THR A 1 101 ? -1.707  -10.504 -12.842 1.00 8.59  ? 185  THR A C   1 
ATOM   805  O  O   . THR A 1 101 ? -1.865  -9.898  -11.773 1.00 7.33  ? 185  THR A O   1 
ATOM   806  C  CB  . THR A 1 101 ? -0.237  -11.190 -14.669 1.00 8.77  ? 185  THR A CB  1 
ATOM   807  O  OG1 . THR A 1 101 ? 0.378   -12.073 -13.726 1.00 10.41 ? 185  THR A OG1 1 
ATOM   808  C  CG2 . THR A 1 101 ? 0.818   -10.761 -15.684 1.00 9.12  ? 185  THR A CG2 1 
ATOM   809  N  N   . SER A 1 102 ? -2.330  -11.646 -13.122 1.00 8.23  ? 186  SER A N   1 
ATOM   810  C  CA  . SER A 1 102 ? -3.222  -12.294 -12.174 1.00 15.90 ? 186  SER A CA  1 
ATOM   811  C  C   . SER A 1 102 ? -2.427  -13.247 -11.274 1.00 15.95 ? 186  SER A C   1 
ATOM   812  O  O   . SER A 1 102 ? -2.934  -13.730 -10.259 1.00 15.76 ? 186  SER A O   1 
ATOM   813  C  CB  . SER A 1 102 ? -4.327  -13.052 -12.915 1.00 16.39 ? 186  SER A CB  1 
ATOM   814  O  OG  . SER A 1 102 ? -3.804  -13.908 -13.921 1.00 16.43 ? 186  SER A OG  1 
ATOM   815  N  N   . ALA A 1 103 ? -1.173  -13.496 -11.652 1.00 16.22 ? 187  ALA A N   1 
ATOM   816  C  CA  . ALA A 1 103 ? -0.276  -14.385 -10.914 1.00 16.70 ? 187  ALA A CA  1 
ATOM   817  C  C   . ALA A 1 103 ? 0.112   -13.802 -9.560  1.00 16.81 ? 187  ALA A C   1 
ATOM   818  O  O   . ALA A 1 103 ? 0.294   -12.590 -9.422  1.00 17.31 ? 187  ALA A O   1 
ATOM   819  C  CB  . ALA A 1 103 ? 0.968   -14.677 -11.745 1.00 15.70 ? 187  ALA A CB  1 
ATOM   820  N  N   . ASN A 1 104 ? 0.290   -14.678 -8.572  1.00 17.15 ? 188  ASN A N   1 
ATOM   821  C  CA  . ASN A 1 104 ? 0.617   -14.235 -7.219  1.00 17.08 ? 188  ASN A CA  1 
ATOM   822  C  C   . ASN A 1 104 ? 2.051   -13.723 -7.240  1.00 16.33 ? 188  ASN A C   1 
ATOM   823  O  O   . ASN A 1 104 ? 2.930   -14.415 -7.713  1.00 16.62 ? 188  ASN A O   1 
ATOM   824  C  CB  . ASN A 1 104 ? 0.528   -15.406 -6.252  1.00 18.25 ? 188  ASN A CB  1 
ATOM   825  C  CG  . ASN A 1 104 ? -0.902  -15.792 -5.940  1.00 19.31 ? 188  ASN A CG  1 
ATOM   826  O  OD1 . ASN A 1 104 ? -1.847  -15.217 -6.482  1.00 20.18 ? 188  ASN A OD1 1 
ATOM   827  N  ND2 . ASN A 1 104 ? -1.064  -16.760 -5.052  1.00 20.27 ? 188  ASN A ND2 1 
ATOM   828  N  N   . TYR A 1 105 ? 2.301   -12.525 -6.725  1.00 15.74 ? 189  TYR A N   1 
ATOM   829  C  CA  . TYR A 1 105 ? 1.290   -11.660 -6.136  1.00 14.90 ? 189  TYR A CA  1 
ATOM   830  C  C   . TYR A 1 105 ? 1.252   -10.331 -6.862  1.00 14.52 ? 189  TYR A C   1 
ATOM   831  O  O   . TYR A 1 105 ? 2.294   -9.752  -7.148  1.00 14.38 ? 189  TYR A O   1 
ATOM   832  C  CB  . TYR A 1 105 ? 1.628   -11.427 -4.674  1.00 15.09 ? 189  TYR A CB  1 
ATOM   833  C  CG  . TYR A 1 105 ? 1.452   -12.662 -3.840  1.00 15.39 ? 189  TYR A CG  1 
ATOM   834  C  CD1 . TYR A 1 105 ? 2.529   -13.505 -3.561  1.00 14.94 ? 189  TYR A CD1 1 
ATOM   835  C  CD2 . TYR A 1 105 ? 0.201   -12.995 -3.329  1.00 14.94 ? 189  TYR A CD2 1 
ATOM   836  C  CE1 . TYR A 1 105 ? 2.357   -14.648 -2.784  1.00 16.18 ? 189  TYR A CE1 1 
ATOM   837  C  CE2 . TYR A 1 105 ? 0.015   -14.134 -2.553  1.00 16.26 ? 189  TYR A CE2 1 
ATOM   838  C  CZ  . TYR A 1 105 ? 1.098   -14.958 -2.279  1.00 16.36 ? 189  TYR A CZ  1 
ATOM   839  O  OH  . TYR A 1 105 ? 0.929   -16.063 -1.465  1.00 17.56 ? 189  TYR A OH  1 
ATOM   840  N  N   . ASN A 1 106 ? 0.049   -9.852  -7.179  1.00 13.82 ? 190  ASN A N   1 
ATOM   841  C  CA  . ASN A 1 106 ? -0.101  -8.575  -7.880  1.00 12.57 ? 190  ASN A CA  1 
ATOM   842  C  C   . ASN A 1 106 ? 0.315   -7.425  -6.954  1.00 11.41 ? 190  ASN A C   1 
ATOM   843  O  O   . ASN A 1 106 ? -0.285  -7.202  -5.912  1.00 11.16 ? 190  ASN A O   1 
ATOM   844  C  CB  . ASN A 1 106 ? -1.541  -8.399  -8.394  1.00 11.50 ? 190  ASN A CB  1 
ATOM   845  C  CG  . ASN A 1 106 ? -1.693  -7.204  -9.304  1.00 10.14 ? 190  ASN A CG  1 
ATOM   846  O  OD1 . ASN A 1 106 ? -1.952  -6.101  -8.844  1.00 11.21 ? 190  ASN A OD1 1 
ATOM   847  N  ND2 . ASN A 1 106 ? -1.541  -7.412  -10.599 1.00 10.46 ? 190  ASN A ND2 1 
ATOM   848  N  N   . LEU A 1 107 ? 1.366   -6.710  -7.350  1.00 11.59 ? 191  LEU A N   1 
ATOM   849  C  CA  . LEU A 1 107 ? 1.880   -5.593  -6.562  1.00 11.03 ? 191  LEU A CA  1 
ATOM   850  C  C   . LEU A 1 107 ? 0.849   -4.487  -6.335  1.00 10.79 ? 191  LEU A C   1 
ATOM   851  O  O   . LEU A 1 107 ? 0.736   -3.962  -5.225  1.00 10.18 ? 191  LEU A O   1 
ATOM   852  C  CB  . LEU A 1 107 ? 3.142   -5.011  -7.211  1.00 10.37 ? 191  LEU A CB  1 
ATOM   853  C  CG  . LEU A 1 107 ? 3.801   -3.814  -6.511  1.00 10.29 ? 191  LEU A CG  1 
ATOM   854  C  CD1 . LEU A 1 107 ? 4.260   -4.196  -5.112  1.00 10.08 ? 191  LEU A CD1 1 
ATOM   855  C  CD2 . LEU A 1 107 ? 4.975   -3.310  -7.332  1.00 9.70  ? 191  LEU A CD2 1 
ATOM   856  N  N   . PHE A 1 108 ? 0.118   -4.129  -7.388  1.00 5.61  ? 192  PHE A N   1 
ATOM   857  C  CA  . PHE A 1 108 ? -0.900  -3.085  -7.310  1.00 4.04  ? 192  PHE A CA  1 
ATOM   858  C  C   . PHE A 1 108 ? -1.917  -3.327  -6.195  1.00 2.40  ? 192  PHE A C   1 
ATOM   859  O  O   . PHE A 1 108 ? -2.137  -2.457  -5.349  1.00 1.20  ? 192  PHE A O   1 
ATOM   860  C  CB  . PHE A 1 108 ? -1.622  -2.935  -8.657  1.00 4.49  ? 192  PHE A CB  1 
ATOM   861  C  CG  . PHE A 1 108 ? -2.881  -2.109  -8.586  1.00 4.08  ? 192  PHE A CG  1 
ATOM   862  C  CD1 . PHE A 1 108 ? -2.832  -0.752  -8.274  1.00 2.29  ? 192  PHE A CD1 1 
ATOM   863  C  CD2 . PHE A 1 108 ? -4.121  -2.698  -8.819  1.00 5.13  ? 192  PHE A CD2 1 
ATOM   864  C  CE1 . PHE A 1 108 ? -4.002  0.003   -8.194  1.00 1.58  ? 192  PHE A CE1 1 
ATOM   865  C  CE2 . PHE A 1 108 ? -5.294  -1.951  -8.740  1.00 3.38  ? 192  PHE A CE2 1 
ATOM   866  C  CZ  . PHE A 1 108 ? -5.235  -0.599  -8.426  1.00 4.40  ? 192  PHE A CZ  1 
ATOM   867  N  N   . LEU A 1 109 ? -2.554  -4.494  -6.219  1.00 2.78  ? 193  LEU A N   1 
ATOM   868  C  CA  . LEU A 1 109 ? -3.556  -4.840  -5.214  1.00 4.06  ? 193  LEU A CA  1 
ATOM   869  C  C   . LEU A 1 109 ? -2.998  -4.827  -3.786  1.00 3.93  ? 193  LEU A C   1 
ATOM   870  O  O   . LEU A 1 109 ? -3.628  -4.288  -2.881  1.00 3.25  ? 193  LEU A O   1 
ATOM   871  C  CB  . LEU A 1 109 ? -4.178  -6.212  -5.521  1.00 4.43  ? 193  LEU A CB  1 
ATOM   872  C  CG  . LEU A 1 109 ? -5.185  -6.328  -6.675  1.00 3.95  ? 193  LEU A CG  1 
ATOM   873  C  CD1 . LEU A 1 109 ? -5.418  -7.800  -6.993  1.00 3.48  ? 193  LEU A CD1 1 
ATOM   874  C  CD2 . LEU A 1 109 ? -6.495  -5.644  -6.307  1.00 3.25  ? 193  LEU A CD2 1 
ATOM   875  N  N   . VAL A 1 110 ? -1.816  -5.408  -3.587  1.00 2.89  ? 194  VAL A N   1 
ATOM   876  C  CA  . VAL A 1 110 ? -1.216  -5.442  -2.260  1.00 2.92  ? 194  VAL A CA  1 
ATOM   877  C  C   . VAL A 1 110 ? -0.883  -4.041  -1.751  1.00 3.02  ? 194  VAL A C   1 
ATOM   878  O  O   . VAL A 1 110 ? -1.145  -3.711  -0.594  1.00 1.65  ? 194  VAL A O   1 
ATOM   879  C  CB  . VAL A 1 110 ? 0.064   -6.307  -2.250  1.00 4.24  ? 194  VAL A CB  1 
ATOM   880  C  CG1 . VAL A 1 110 ? 0.785   -6.161  -0.919  1.00 3.90  ? 194  VAL A CG1 1 
ATOM   881  C  CG2 . VAL A 1 110 ? -0.297  -7.766  -2.481  1.00 3.94  ? 194  VAL A CG2 1 
ATOM   882  N  N   . ALA A 1 111 ? -0.300  -3.222  -2.621  1.00 3.49  ? 195  ALA A N   1 
ATOM   883  C  CA  . ALA A 1 111 ? 0.061   -1.857  -2.274  1.00 3.39  ? 195  ALA A CA  1 
ATOM   884  C  C   . ALA A 1 111 ? -1.191  -1.080  -1.900  1.00 4.36  ? 195  ALA A C   1 
ATOM   885  O  O   . ALA A 1 111 ? -1.211  -0.329  -0.918  1.00 5.51  ? 195  ALA A O   1 
ATOM   886  C  CB  . ALA A 1 111 ? 0.748   -1.194  -3.449  1.00 3.00  ? 195  ALA A CB  1 
ATOM   887  N  N   . ALA A 1 112 ? -2.240  -1.265  -2.694  1.00 4.14  ? 196  ALA A N   1 
ATOM   888  C  CA  . ALA A 1 112 ? -3.501  -0.588  -2.457  1.00 3.20  ? 196  ALA A CA  1 
ATOM   889  C  C   . ALA A 1 112 ? -4.049  -0.948  -1.074  1.00 3.09  ? 196  ALA A C   1 
ATOM   890  O  O   . ALA A 1 112 ? -4.748  -0.164  -0.447  1.00 2.60  ? 196  ALA A O   1 
ATOM   891  C  CB  . ALA A 1 112 ? -4.479  -0.972  -3.526  1.00 1.92  ? 196  ALA A CB  1 
ATOM   892  N  N   . HIS A 1 113 ? -3.709  -2.141  -0.600  1.00 4.92  ? 197  HIS A N   1 
ATOM   893  C  CA  . HIS A 1 113 ? -4.156  -2.630  0.705   1.00 3.61  ? 197  HIS A CA  1 
ATOM   894  C  C   . HIS A 1 113 ? -3.347  -1.986  1.833   1.00 4.29  ? 197  HIS A C   1 
ATOM   895  O  O   . HIS A 1 113 ? -3.900  -1.483  2.810   1.00 4.85  ? 197  HIS A O   1 
ATOM   896  C  CB  . HIS A 1 113 ? -3.998  -4.155  0.758   1.00 0.76  ? 197  HIS A CB  1 
ATOM   897  C  CG  . HIS A 1 113 ? -4.462  -4.774  2.038   1.00 0.00  ? 197  HIS A CG  1 
ATOM   898  N  ND1 . HIS A 1 113 ? -5.780  -5.094  2.277   1.00 1.58  ? 197  HIS A ND1 1 
ATOM   899  C  CD2 . HIS A 1 113 ? -3.782  -5.141  3.148   1.00 0.00  ? 197  HIS A CD2 1 
ATOM   900  C  CE1 . HIS A 1 113 ? -5.893  -5.635  3.476   1.00 0.36  ? 197  HIS A CE1 1 
ATOM   901  N  NE2 . HIS A 1 113 ? -4.695  -5.675  4.026   1.00 0.00  ? 197  HIS A NE2 1 
ATOM   902  N  N   . GLU A 1 114 ? -2.029  -2.001  1.693   1.00 4.02  ? 198  GLU A N   1 
ATOM   903  C  CA  . GLU A 1 114 ? -1.174  -1.426  2.710   1.00 4.61  ? 198  GLU A CA  1 
ATOM   904  C  C   . GLU A 1 114 ? -1.400  0.082   2.827   1.00 4.92  ? 198  GLU A C   1 
ATOM   905  O  O   . GLU A 1 114 ? -1.425  0.635   3.928   1.00 3.88  ? 198  GLU A O   1 
ATOM   906  C  CB  . GLU A 1 114 ? 0.294   -1.718  2.382   1.00 6.68  ? 198  GLU A CB  1 
ATOM   907  C  CG  . GLU A 1 114 ? 0.628   -3.198  2.159   1.00 8.05  ? 198  GLU A CG  1 
ATOM   908  C  CD  . GLU A 1 114 ? 0.035   -4.105  3.218   1.00 9.06  ? 198  GLU A CD  1 
ATOM   909  O  OE1 . GLU A 1 114 ? -0.118  -3.658  4.371   1.00 9.79  ? 198  GLU A OE1 1 
ATOM   910  O  OE2 . GLU A 1 114 ? -0.272  -5.270  2.898   1.00 9.08  ? 198  GLU A OE2 1 
ATOM   911  N  N   . PHE A 1 115 ? -1.568  0.750   1.689   1.00 5.03  ? 199  PHE A N   1 
ATOM   912  C  CA  . PHE A 1 115 ? -1.789  2.192   1.697   1.00 4.93  ? 199  PHE A CA  1 
ATOM   913  C  C   . PHE A 1 115 ? -3.055  2.543   2.470   1.00 3.18  ? 199  PHE A C   1 
ATOM   914  O  O   . PHE A 1 115 ? -3.173  3.635   3.031   1.00 0.62  ? 199  PHE A O   1 
ATOM   915  C  CB  . PHE A 1 115 ? -1.858  2.715   0.267   1.00 7.02  ? 199  PHE A CB  1 
ATOM   916  C  CG  . PHE A 1 115 ? -0.560  2.587   -0.481  1.00 10.05 ? 199  PHE A CG  1 
ATOM   917  C  CD1 . PHE A 1 115 ? 0.610   2.209   0.184   1.00 10.66 ? 199  PHE A CD1 1 
ATOM   918  C  CD2 . PHE A 1 115 ? -0.495  2.859   -1.845  1.00 11.17 ? 199  PHE A CD2 1 
ATOM   919  C  CE1 . PHE A 1 115 ? 1.821   2.103   -0.496  1.00 9.38  ? 199  PHE A CE1 1 
ATOM   920  C  CE2 . PHE A 1 115 ? 0.717   2.757   -2.535  1.00 10.69 ? 199  PHE A CE2 1 
ATOM   921  C  CZ  . PHE A 1 115 ? 1.875   2.377   -1.855  1.00 10.41 ? 199  PHE A CZ  1 
ATOM   922  N  N   . GLY A 1 116 ? -3.994  1.602   2.493   1.00 2.41  ? 200  GLY A N   1 
ATOM   923  C  CA  . GLY A 1 116 ? -5.221  1.807   3.226   1.00 1.50  ? 200  GLY A CA  1 
ATOM   924  C  C   . GLY A 1 116 ? -4.841  1.880   4.689   1.00 3.11  ? 200  GLY A C   1 
ATOM   925  O  O   . GLY A 1 116 ? -5.379  2.689   5.451   1.00 2.66  ? 200  GLY A O   1 
ATOM   926  N  N   . HIS A 1 117 ? -3.891  1.036   5.081   1.00 3.32  ? 201  HIS A N   1 
ATOM   927  C  CA  . HIS A 1 117 ? -3.427  1.013   6.459   1.00 3.63  ? 201  HIS A CA  1 
ATOM   928  C  C   . HIS A 1 117 ? -2.666  2.279   6.819   1.00 5.01  ? 201  HIS A C   1 
ATOM   929  O  O   . HIS A 1 117 ? -2.772  2.766   7.942   1.00 5.94  ? 201  HIS A O   1 
ATOM   930  C  CB  . HIS A 1 117 ? -2.520  -0.189  6.710   1.00 2.78  ? 201  HIS A CB  1 
ATOM   931  C  CG  . HIS A 1 117 ? -3.248  -1.490  6.840   1.00 2.22  ? 201  HIS A CG  1 
ATOM   932  N  ND1 . HIS A 1 117 ? -4.319  -1.662  7.691   1.00 3.30  ? 201  HIS A ND1 1 
ATOM   933  C  CD2 . HIS A 1 117 ? -3.034  -2.693  6.259   1.00 1.68  ? 201  HIS A CD2 1 
ATOM   934  C  CE1 . HIS A 1 117 ? -4.732  -2.914  7.630   1.00 3.68  ? 201  HIS A CE1 1 
ATOM   935  N  NE2 . HIS A 1 117 ? -3.969  -3.561  6.769   1.00 2.25  ? 201  HIS A NE2 1 
ATOM   936  N  N   . SER A 1 118 ? -1.892  2.807   5.874   1.00 5.52  ? 202  SER A N   1 
ATOM   937  C  CA  . SER A 1 118 ? -1.115  4.018   6.136   1.00 7.31  ? 202  SER A CA  1 
ATOM   938  C  C   . SER A 1 118 ? -2.038  5.205   6.377   1.00 7.53  ? 202  SER A C   1 
ATOM   939  O  O   . SER A 1 118 ? -1.766  6.058   7.220   1.00 8.58  ? 202  SER A O   1 
ATOM   940  C  CB  . SER A 1 118 ? -0.179  4.341   4.958   1.00 7.73  ? 202  SER A CB  1 
ATOM   941  O  OG  . SER A 1 118 ? 0.738   3.288   4.690   1.00 9.45  ? 202  SER A OG  1 
ATOM   942  N  N   . LEU A 1 119 ? -3.133  5.258   5.629   1.00 7.46  ? 203  LEU A N   1 
ATOM   943  C  CA  . LEU A 1 119 ? -4.086  6.349   5.767   1.00 6.16  ? 203  LEU A CA  1 
ATOM   944  C  C   . LEU A 1 119 ? -4.946  6.198   7.018   1.00 7.13  ? 203  LEU A C   1 
ATOM   945  O  O   . LEU A 1 119 ? -5.742  7.082   7.336   1.00 8.13  ? 203  LEU A O   1 
ATOM   946  C  CB  . LEU A 1 119 ? -4.971  6.413   4.527   1.00 3.39  ? 203  LEU A CB  1 
ATOM   947  C  CG  . LEU A 1 119 ? -4.204  6.594   3.223   1.00 0.21  ? 203  LEU A CG  1 
ATOM   948  C  CD1 . LEU A 1 119 ? -5.152  6.494   2.049   1.00 0.00  ? 203  LEU A CD1 1 
ATOM   949  C  CD2 . LEU A 1 119 ? -3.506  7.944   3.241   1.00 0.00  ? 203  LEU A CD2 1 
ATOM   950  N  N   . GLY A 1 120 ? -4.806  5.072   7.716   1.00 5.75  ? 204  GLY A N   1 
ATOM   951  C  CA  . GLY A 1 120 ? -5.570  4.870   8.933   1.00 3.78  ? 204  GLY A CA  1 
ATOM   952  C  C   . GLY A 1 120 ? -6.625  3.779   8.951   1.00 4.39  ? 204  GLY A C   1 
ATOM   953  O  O   . GLY A 1 120 ? -7.207  3.516   10.005  1.00 4.25  ? 204  GLY A O   1 
ATOM   954  N  N   . LEU A 1 121 ? -6.886  3.139   7.813   1.00 4.67  ? 205  LEU A N   1 
ATOM   955  C  CA  . LEU A 1 121 ? -7.900  2.083   7.771   1.00 4.98  ? 205  LEU A CA  1 
ATOM   956  C  C   . LEU A 1 121 ? -7.468  0.782   8.441   1.00 6.52  ? 205  LEU A C   1 
ATOM   957  O  O   . LEU A 1 121 ? -6.277  0.478   8.538   1.00 7.12  ? 205  LEU A O   1 
ATOM   958  C  CB  . LEU A 1 121 ? -8.313  1.775   6.330   1.00 2.68  ? 205  LEU A CB  1 
ATOM   959  C  CG  . LEU A 1 121 ? -9.556  2.475   5.783   1.00 2.81  ? 205  LEU A CG  1 
ATOM   960  C  CD1 . LEU A 1 121 ? -9.293  3.962   5.629   1.00 3.78  ? 205  LEU A CD1 1 
ATOM   961  C  CD2 . LEU A 1 121 ? -9.926  1.864   4.446   1.00 1.99  ? 205  LEU A CD2 1 
ATOM   962  N  N   . ALA A 1 122 ? -8.453  0.020   8.905   1.00 6.58  ? 206  ALA A N   1 
ATOM   963  C  CA  . ALA A 1 122 ? -8.211  -1.266  9.541   1.00 6.77  ? 206  ALA A CA  1 
ATOM   964  C  C   . ALA A 1 122 ? -8.799  -2.349  8.635   1.00 7.68  ? 206  ALA A C   1 
ATOM   965  O  O   . ALA A 1 122 ? -9.270  -2.058  7.533   1.00 9.90  ? 206  ALA A O   1 
ATOM   966  C  CB  . ALA A 1 122 ? -8.871  -1.301  10.907  1.00 6.05  ? 206  ALA A CB  1 
ATOM   967  N  N   . HIS A 1 123 ? -8.777  -3.597  9.086   1.00 7.59  ? 207  HIS A N   1 
ATOM   968  C  CA  . HIS A 1 123 ? -9.320  -4.671  8.271   1.00 6.68  ? 207  HIS A CA  1 
ATOM   969  C  C   . HIS A 1 123 ? -10.828 -4.693  8.262   1.00 7.56  ? 207  HIS A C   1 
ATOM   970  O  O   . HIS A 1 123 ? -11.485 -4.243  9.206   1.00 7.32  ? 207  HIS A O   1 
ATOM   971  C  CB  . HIS A 1 123 ? -8.790  -6.023  8.730   1.00 6.42  ? 207  HIS A CB  1 
ATOM   972  C  CG  . HIS A 1 123 ? -7.422  -6.322  8.220   1.00 7.51  ? 207  HIS A CG  1 
ATOM   973  N  ND1 . HIS A 1 123 ? -6.402  -6.765  9.032   1.00 8.54  ? 207  HIS A ND1 1 
ATOM   974  C  CD2 . HIS A 1 123 ? -6.896  -6.215  6.977   1.00 8.97  ? 207  HIS A CD2 1 
ATOM   975  C  CE1 . HIS A 1 123 ? -5.305  -6.917  8.313   1.00 9.47  ? 207  HIS A CE1 1 
ATOM   976  N  NE2 . HIS A 1 123 ? -5.579  -6.590  7.062   1.00 9.59  ? 207  HIS A NE2 1 
ATOM   977  N  N   . SER A 1 124 ? -11.362 -5.225  7.169   1.00 7.96  ? 208  SER A N   1 
ATOM   978  C  CA  . SER A 1 124 ? -12.791 -5.342  6.955   1.00 8.31  ? 208  SER A CA  1 
ATOM   979  C  C   . SER A 1 124 ? -13.168 -6.809  7.061   1.00 9.67  ? 208  SER A C   1 
ATOM   980  O  O   . SER A 1 124 ? -12.308 -7.680  6.997   1.00 10.77 ? 208  SER A O   1 
ATOM   981  C  CB  . SER A 1 124 ? -13.141 -4.814  5.564   1.00 7.39  ? 208  SER A CB  1 
ATOM   982  O  OG  . SER A 1 124 ? -14.476 -5.128  5.221   1.00 10.57 ? 208  SER A OG  1 
ATOM   983  N  N   . SER A 1 125 ? -14.454 -7.084  7.229   1.00 11.75 ? 209  SER A N   1 
ATOM   984  C  CA  . SER A 1 125 ? -14.915 -8.463  7.321   1.00 13.46 ? 209  SER A CA  1 
ATOM   985  C  C   . SER A 1 125 ? -15.672 -8.825  6.050   1.00 14.30 ? 209  SER A C   1 
ATOM   986  O  O   . SER A 1 125 ? -16.172 -9.934  5.919   1.00 15.91 ? 209  SER A O   1 
ATOM   987  C  CB  . SER A 1 125 ? -15.819 -8.652  8.536   1.00 12.67 ? 209  SER A CB  1 
ATOM   988  O  OG  . SER A 1 125 ? -16.974 -7.844  8.430   1.00 15.60 ? 209  SER A OG  1 
ATOM   989  N  N   . ASP A 1 126 ? -15.756 -7.876  5.121   1.00 14.46 ? 210  ASP A N   1 
ATOM   990  C  CA  . ASP A 1 126 ? -16.430 -8.097  3.840   1.00 13.48 ? 210  ASP A CA  1 
ATOM   991  C  C   . ASP A 1 126 ? -15.423 -8.692  2.859   1.00 13.21 ? 210  ASP A C   1 
ATOM   992  O  O   . ASP A 1 126 ? -14.469 -8.021  2.465   1.00 11.88 ? 210  ASP A O   1 
ATOM   993  C  CB  . ASP A 1 126 ? -16.945 -6.777  3.270   1.00 13.71 ? 210  ASP A CB  1 
ATOM   994  C  CG  . ASP A 1 126 ? -17.589 -6.943  1.906   1.00 13.60 ? 210  ASP A CG  1 
ATOM   995  O  OD1 . ASP A 1 126 ? -17.376 -7.989  1.258   1.00 14.75 ? 210  ASP A OD1 1 
ATOM   996  O  OD2 . ASP A 1 126 ? -18.306 -6.017  1.477   1.00 12.53 ? 210  ASP A OD2 1 
ATOM   997  N  N   . PRO A 1 127 ? -15.644 -9.953  2.437   1.00 13.87 ? 211  PRO A N   1 
ATOM   998  C  CA  . PRO A 1 127 ? -14.780 -10.691 1.497   1.00 13.08 ? 211  PRO A CA  1 
ATOM   999  C  C   . PRO A 1 127 ? -14.539 -9.972  0.165   1.00 12.30 ? 211  PRO A C   1 
ATOM   1000 O  O   . PRO A 1 127 ? -13.628 -10.322 -0.594  1.00 12.53 ? 211  PRO A O   1 
ATOM   1001 C  CB  . PRO A 1 127 ? -15.519 -12.014 1.324   1.00 13.53 ? 211  PRO A CB  1 
ATOM   1002 C  CG  . PRO A 1 127 ? -16.966 -11.598 1.474   1.00 13.68 ? 211  PRO A CG  1 
ATOM   1003 C  CD  . PRO A 1 127 ? -16.896 -10.692 2.680   1.00 12.69 ? 211  PRO A CD  1 
ATOM   1004 N  N   . GLY A 1 128 ? -15.365 -8.969  -0.110  1.00 10.18 ? 212  GLY A N   1 
ATOM   1005 C  CA  . GLY A 1 128 ? -15.219 -8.205  -1.332  1.00 9.35  ? 212  GLY A CA  1 
ATOM   1006 C  C   . GLY A 1 128 ? -14.487 -6.896  -1.075  1.00 8.31  ? 212  GLY A C   1 
ATOM   1007 O  O   . GLY A 1 128 ? -14.061 -6.224  -2.016  1.00 8.49  ? 212  GLY A O   1 
ATOM   1008 N  N   . ALA A 1 129 ? -14.341 -6.530  0.197   1.00 6.26  ? 213  ALA A N   1 
ATOM   1009 C  CA  . ALA A 1 129 ? -13.646 -5.301  0.560   1.00 4.60  ? 213  ALA A CA  1 
ATOM   1010 C  C   . ALA A 1 129 ? -12.156 -5.406  0.233   1.00 5.43  ? 213  ALA A C   1 
ATOM   1011 O  O   . ALA A 1 129 ? -11.550 -6.463  0.411   1.00 5.26  ? 213  ALA A O   1 
ATOM   1012 C  CB  . ALA A 1 129 ? -13.827 -5.018  2.040   1.00 2.51  ? 213  ALA A CB  1 
ATOM   1013 N  N   . LEU A 1 130 ? -11.566 -4.317  -0.253  1.00 4.38  ? 214  LEU A N   1 
ATOM   1014 C  CA  . LEU A 1 130 ? -10.148 -4.319  -0.576  1.00 4.70  ? 214  LEU A CA  1 
ATOM   1015 C  C   . LEU A 1 130 ? -9.355  -4.562  0.704   1.00 5.86  ? 214  LEU A C   1 
ATOM   1016 O  O   . LEU A 1 130 ? -8.327  -5.242  0.702   1.00 5.05  ? 214  LEU A O   1 
ATOM   1017 C  CB  . LEU A 1 130 ? -9.741  -2.982  -1.189  1.00 3.70  ? 214  LEU A CB  1 
ATOM   1018 C  CG  . LEU A 1 130 ? -8.243  -2.708  -1.367  1.00 4.54  ? 214  LEU A CG  1 
ATOM   1019 C  CD1 . LEU A 1 130 ? -7.514  -3.945  -1.826  1.00 6.09  ? 214  LEU A CD1 1 
ATOM   1020 C  CD2 . LEU A 1 130 ? -8.061  -1.596  -2.385  1.00 6.60  ? 214  LEU A CD2 1 
ATOM   1021 N  N   . MET A 1 131 ? -9.859  -4.011  1.803   1.00 6.48  ? 215  MET A N   1 
ATOM   1022 C  CA  . MET A 1 131 ? -9.206  -4.138  3.092   1.00 6.27  ? 215  MET A CA  1 
ATOM   1023 C  C   . MET A 1 131 ? -9.456  -5.467  3.794   1.00 6.89  ? 215  MET A C   1 
ATOM   1024 O  O   . MET A 1 131 ? -9.274  -5.583  5.006   1.00 6.48  ? 215  MET A O   1 
ATOM   1025 C  CB  . MET A 1 131 ? -9.632  -2.977  3.984   1.00 6.85  ? 215  MET A CB  1 
ATOM   1026 C  CG  . MET A 1 131 ? -9.070  -1.640  3.524   1.00 7.11  ? 215  MET A CG  1 
ATOM   1027 S  SD  . MET A 1 131 ? -7.270  -1.728  3.291   1.00 7.66  ? 215  MET A SD  1 
ATOM   1028 C  CE  . MET A 1 131 ? -7.175  -1.790  1.527   0.00 7.94  ? 215  MET A CE  1 
ATOM   1029 N  N   . TYR A 1 132 ? -9.867  -6.474  3.029   1.00 7.85  ? 216  TYR A N   1 
ATOM   1030 C  CA  . TYR A 1 132 ? -10.114 -7.794  3.593   1.00 7.21  ? 216  TYR A CA  1 
ATOM   1031 C  C   . TYR A 1 132 ? -8.743  -8.355  3.984   1.00 7.68  ? 216  TYR A C   1 
ATOM   1032 O  O   . TYR A 1 132 ? -7.773  -8.225  3.233   1.00 6.89  ? 216  TYR A O   1 
ATOM   1033 C  CB  . TYR A 1 132 ? -10.801 -8.692  2.561   1.00 7.64  ? 216  TYR A CB  1 
ATOM   1034 C  CG  . TYR A 1 132 ? -11.300 -10.002 3.133   1.00 10.10 ? 216  TYR A CG  1 
ATOM   1035 C  CD1 . TYR A 1 132 ? -12.356 -10.035 4.051   1.00 10.25 ? 216  TYR A CD1 1 
ATOM   1036 C  CD2 . TYR A 1 132 ? -10.683 -11.212 2.793   1.00 11.26 ? 216  TYR A CD2 1 
ATOM   1037 C  CE1 . TYR A 1 132 ? -12.778 -11.245 4.618   1.00 11.45 ? 216  TYR A CE1 1 
ATOM   1038 C  CE2 . TYR A 1 132 ? -11.094 -12.418 3.350   1.00 10.95 ? 216  TYR A CE2 1 
ATOM   1039 C  CZ  . TYR A 1 132 ? -12.134 -12.431 4.263   1.00 11.71 ? 216  TYR A CZ  1 
ATOM   1040 O  OH  . TYR A 1 132 ? -12.483 -13.623 4.846   1.00 11.65 ? 216  TYR A OH  1 
ATOM   1041 N  N   . PRO A 1 133 ? -8.651  -9.000  5.162   1.00 8.30  ? 217  PRO A N   1 
ATOM   1042 C  CA  . PRO A 1 133 ? -7.403  -9.578  5.683   1.00 7.77  ? 217  PRO A CA  1 
ATOM   1043 C  C   . PRO A 1 133 ? -6.550  -10.418 4.740   1.00 7.26  ? 217  PRO A C   1 
ATOM   1044 O  O   . PRO A 1 133 ? -5.325  -10.302 4.759   1.00 7.41  ? 217  PRO A O   1 
ATOM   1045 C  CB  . PRO A 1 133 ? -7.872  -10.385 6.894   1.00 8.13  ? 217  PRO A CB  1 
ATOM   1046 C  CG  . PRO A 1 133 ? -9.076  -9.643  7.354   1.00 8.56  ? 217  PRO A CG  1 
ATOM   1047 C  CD  . PRO A 1 133 ? -9.778  -9.340  6.050   1.00 7.86  ? 217  PRO A CD  1 
ATOM   1048 N  N   . ASN A 1 134 ? -7.191  -11.253 3.923   1.00 5.97  ? 218  ASN A N   1 
ATOM   1049 C  CA  . ASN A 1 134 ? -6.469  -12.137 3.012   1.00 3.88  ? 218  ASN A CA  1 
ATOM   1050 C  C   . ASN A 1 134 ? -6.500  -11.706 1.560   1.00 3.63  ? 218  ASN A C   1 
ATOM   1051 O  O   . ASN A 1 134 ? -7.469  -11.113 1.095   1.00 5.15  ? 218  ASN A O   1 
ATOM   1052 C  CB  . ASN A 1 134 ? -7.008  -13.568 3.134   1.00 2.02  ? 218  ASN A CB  1 
ATOM   1053 C  CG  . ASN A 1 134 ? -6.706  -14.202 4.492   1.00 1.72  ? 218  ASN A CG  1 
ATOM   1054 O  OD1 . ASN A 1 134 ? -7.455  -15.065 4.966   1.00 0.37  ? 218  ASN A OD1 1 
ATOM   1055 N  ND2 . ASN A 1 134 ? -5.599  -13.785 5.118   1.00 0.00  ? 218  ASN A ND2 1 
ATOM   1056 N  N   . TYR A 1 135 ? -5.419  -12.016 0.852   1.00 3.61  ? 219  TYR A N   1 
ATOM   1057 C  CA  . TYR A 1 135 ? -5.262  -11.676 -0.558  1.00 2.94  ? 219  TYR A CA  1 
ATOM   1058 C  C   . TYR A 1 135 ? -6.265  -12.392 -1.447  1.00 4.16  ? 219  TYR A C   1 
ATOM   1059 O  O   . TYR A 1 135 ? -6.786  -13.449 -1.092  1.00 4.41  ? 219  TYR A O   1 
ATOM   1060 C  CB  . TYR A 1 135 ? -3.859  -12.054 -1.019  1.00 1.89  ? 219  TYR A CB  1 
ATOM   1061 C  CG  . TYR A 1 135 ? -3.558  -11.711 -2.460  1.00 0.00  ? 219  TYR A CG  1 
ATOM   1062 C  CD1 . TYR A 1 135 ? -3.282  -10.400 -2.836  1.00 0.00  ? 219  TYR A CD1 1 
ATOM   1063 C  CD2 . TYR A 1 135 ? -3.500  -12.706 -3.438  1.00 0.00  ? 219  TYR A CD2 1 
ATOM   1064 C  CE1 . TYR A 1 135 ? -2.940  -10.078 -4.147  1.00 0.00  ? 219  TYR A CE1 1 
ATOM   1065 C  CE2 . TYR A 1 135 ? -3.164  -12.395 -4.756  1.00 0.00  ? 219  TYR A CE2 1 
ATOM   1066 C  CZ  . TYR A 1 135 ? -2.878  -11.078 -5.099  1.00 0.00  ? 219  TYR A CZ  1 
ATOM   1067 O  OH  . TYR A 1 135 ? -2.482  -10.760 -6.370  1.00 0.00  ? 219  TYR A OH  1 
ATOM   1068 N  N   . ALA A 1 136 ? -6.511  -11.807 -2.614  1.00 5.00  ? 220  ALA A N   1 
ATOM   1069 C  CA  . ALA A 1 136 ? -7.420  -12.364 -3.607  1.00 7.21  ? 220  ALA A CA  1 
ATOM   1070 C  C   . ALA A 1 136 ? -7.269  -11.503 -4.837  1.00 8.98  ? 220  ALA A C   1 
ATOM   1071 O  O   . ALA A 1 136 ? -7.255  -10.274 -4.734  1.00 9.75  ? 220  ALA A O   1 
ATOM   1072 C  CB  . ALA A 1 136 ? -8.854  -12.307 -3.120  1.00 6.90  ? 220  ALA A CB  1 
ATOM   1073 N  N   . PHE A 1 137 ? -7.141  -12.131 -5.999  1.00 9.71  ? 221  PHE A N   1 
ATOM   1074 C  CA  . PHE A 1 137 ? -7.014  -11.363 -7.221  1.00 10.40 ? 221  PHE A CA  1 
ATOM   1075 C  C   . PHE A 1 137 ? -8.381  -10.835 -7.668  1.00 11.32 ? 221  PHE A C   1 
ATOM   1076 O  O   . PHE A 1 137 ? -9.424  -11.440 -7.404  1.00 10.70 ? 221  PHE A O   1 
ATOM   1077 C  CB  . PHE A 1 137 ? -6.410  -12.208 -8.336  1.00 10.99 ? 221  PHE A CB  1 
ATOM   1078 C  CG  . PHE A 1 137 ? -6.152  -11.436 -9.597  1.00 12.95 ? 221  PHE A CG  1 
ATOM   1079 C  CD1 . PHE A 1 137 ? -5.201  -10.417 -9.619  1.00 13.52 ? 221  PHE A CD1 1 
ATOM   1080 C  CD2 . PHE A 1 137 ? -6.882  -11.692 -10.747 1.00 13.08 ? 221  PHE A CD2 1 
ATOM   1081 C  CE1 . PHE A 1 137 ? -4.984  -9.663  -10.771 1.00 12.43 ? 221  PHE A CE1 1 
ATOM   1082 C  CE2 . PHE A 1 137 ? -6.672  -10.946 -11.902 1.00 13.44 ? 221  PHE A CE2 1 
ATOM   1083 C  CZ  . PHE A 1 137 ? -5.720  -9.928  -11.913 1.00 12.53 ? 221  PHE A CZ  1 
ATOM   1084 N  N   . ARG A 1 138 ? -8.356  -9.686  -8.334  1.00 12.01 ? 222  ARG A N   1 
ATOM   1085 C  CA  . ARG A 1 138 ? -9.546  -9.036  -8.856  1.00 12.51 ? 222  ARG A CA  1 
ATOM   1086 C  C   . ARG A 1 138 ? -9.018  -8.286  -10.065 1.00 13.39 ? 222  ARG A C   1 
ATOM   1087 O  O   . ARG A 1 138 ? -7.918  -7.751  -10.001 1.00 14.28 ? 222  ARG A O   1 
ATOM   1088 C  CB  . ARG A 1 138 ? -10.104 -8.037  -7.838  1.00 12.34 ? 222  ARG A CB  1 
ATOM   1089 C  CG  . ARG A 1 138 ? -10.530 -8.629  -6.507  1.00 13.51 ? 222  ARG A CG  1 
ATOM   1090 C  CD  . ARG A 1 138 ? -11.700 -9.588  -6.667  0.00 13.97 ? 222  ARG A CD  1 
ATOM   1091 N  NE  . ARG A 1 138 ? -12.120 -10.158 -5.388  0.00 14.45 ? 222  ARG A NE  1 
ATOM   1092 C  CZ  . ARG A 1 138 ? -12.593 -9.446  -4.369  0.00 14.64 ? 222  ARG A CZ  1 
ATOM   1093 N  NH1 . ARG A 1 138 ? -12.713 -8.130  -4.472  0.00 14.76 ? 222  ARG A NH1 1 
ATOM   1094 N  NH2 . ARG A 1 138 ? -12.948 -10.054 -3.245  0.00 14.76 ? 222  ARG A NH2 1 
ATOM   1095 N  N   . GLU A 1 139 ? -9.767  -8.254  -11.166 1.00 15.33 ? 223  GLU A N   1 
ATOM   1096 C  CA  . GLU A 1 139 ? -9.313  -7.533  -12.358 1.00 15.27 ? 223  GLU A CA  1 
ATOM   1097 C  C   . GLU A 1 139 ? -8.708  -6.197  -11.950 1.00 16.73 ? 223  GLU A C   1 
ATOM   1098 O  O   . GLU A 1 139 ? -9.322  -5.428  -11.210 1.00 17.68 ? 223  GLU A O   1 
ATOM   1099 C  CB  . GLU A 1 139 ? -10.471 -7.291  -13.320 1.00 14.61 ? 223  GLU A CB  1 
ATOM   1100 C  CG  . GLU A 1 139 ? -10.929 -8.537  -14.033 1.00 14.39 ? 223  GLU A CG  1 
ATOM   1101 C  CD  . GLU A 1 139 ? -9.779  -9.302  -14.635 1.00 12.98 ? 223  GLU A CD  1 
ATOM   1102 O  OE1 . GLU A 1 139 ? -8.933  -8.664  -15.298 1.00 15.35 ? 223  GLU A OE1 1 
ATOM   1103 O  OE2 . GLU A 1 139 ? -9.725  -10.535 -14.448 1.00 11.05 ? 223  GLU A OE2 1 
ATOM   1104 N  N   . THR A 1 140 ? -7.505  -5.916  -12.434 1.00 17.33 ? 224  THR A N   1 
ATOM   1105 C  CA  . THR A 1 140 ? -6.841  -4.680  -12.058 1.00 18.25 ? 224  THR A CA  1 
ATOM   1106 C  C   . THR A 1 140 ? -7.068  -3.529  -13.017 1.00 18.78 ? 224  THR A C   1 
ATOM   1107 O  O   . THR A 1 140 ? -7.087  -2.381  -12.591 1.00 19.63 ? 224  THR A O   1 
ATOM   1108 C  CB  . THR A 1 140 ? -5.326  -4.894  -11.868 1.00 17.82 ? 224  THR A CB  1 
ATOM   1109 O  OG1 . THR A 1 140 ? -4.784  -5.540  -13.026 1.00 20.16 ? 224  THR A OG1 1 
ATOM   1110 C  CG2 . THR A 1 140 ? -5.060  -5.742  -10.634 1.00 15.34 ? 224  THR A CG2 1 
ATOM   1111 N  N   . SER A 1 141 ? -7.229  -3.817  -14.308 1.00 19.69 ? 225  SER A N   1 
ATOM   1112 C  CA  . SER A 1 141 ? -7.478  -2.745  -15.275 1.00 19.04 ? 225  SER A CA  1 
ATOM   1113 C  C   . SER A 1 141 ? -8.877  -2.181  -15.027 1.00 19.01 ? 225  SER A C   1 
ATOM   1114 O  O   . SER A 1 141 ? -9.852  -2.936  -14.882 1.00 19.23 ? 225  SER A O   1 
ATOM   1115 C  CB  . SER A 1 141 ? -7.357  -3.263  -16.718 1.00 19.51 ? 225  SER A CB  1 
ATOM   1116 O  OG  . SER A 1 141 ? -8.192  -4.382  -16.959 1.00 19.09 ? 225  SER A OG  1 
ATOM   1117 N  N   . ASN A 1 142 ? -8.974  -0.858  -14.964 1.00 17.84 ? 226  ASN A N   1 
ATOM   1118 C  CA  . ASN A 1 142 ? -10.258 -0.206  -14.709 1.00 17.93 ? 226  ASN A CA  1 
ATOM   1119 C  C   . ASN A 1 142 ? -10.773 -0.624  -13.337 1.00 16.76 ? 226  ASN A C   1 
ATOM   1120 O  O   . ASN A 1 142 ? -11.978 -0.654  -13.096 1.00 16.97 ? 226  ASN A O   1 
ATOM   1121 C  CB  . ASN A 1 142 ? -11.276 -0.608  -15.776 1.00 18.40 ? 226  ASN A CB  1 
ATOM   1122 C  CG  . ASN A 1 142 ? -10.916 -0.092  -17.146 1.00 18.94 ? 226  ASN A CG  1 
ATOM   1123 O  OD1 . ASN A 1 142 ? -11.250 -0.707  -18.155 1.00 20.64 ? 226  ASN A OD1 1 
ATOM   1124 N  ND2 . ASN A 1 142 ? -10.243 1.049   -17.192 1.00 20.22 ? 226  ASN A ND2 1 
ATOM   1125 N  N   . TYR A 1 143 ? -9.857  -0.956  -12.439 1.00 16.68 ? 227  TYR A N   1 
ATOM   1126 C  CA  . TYR A 1 143 ? -10.233 -1.372  -11.094 1.00 15.83 ? 227  TYR A CA  1 
ATOM   1127 C  C   . TYR A 1 143 ? -10.527 -0.164  -10.217 1.00 14.21 ? 227  TYR A C   1 
ATOM   1128 O  O   . TYR A 1 143 ? -9.776  0.812   -10.233 1.00 14.56 ? 227  TYR A O   1 
ATOM   1129 C  CB  . TYR A 1 143 ? -9.112  -2.182  -10.452 1.00 17.02 ? 227  TYR A CB  1 
ATOM   1130 C  CG  . TYR A 1 143 ? -9.411  -2.584  -9.030  1.00 18.47 ? 227  TYR A CG  1 
ATOM   1131 C  CD1 . TYR A 1 143 ? -10.070 -3.778  -8.749  1.00 18.16 ? 227  TYR A CD1 1 
ATOM   1132 C  CD2 . TYR A 1 143 ? -9.047  -1.760  -7.961  1.00 18.61 ? 227  TYR A CD2 1 
ATOM   1133 C  CE1 . TYR A 1 143 ? -10.355 -4.146  -7.438  1.00 19.03 ? 227  TYR A CE1 1 
ATOM   1134 C  CE2 . TYR A 1 143 ? -9.330  -2.119  -6.646  1.00 18.38 ? 227  TYR A CE2 1 
ATOM   1135 C  CZ  . TYR A 1 143 ? -9.983  -3.314  -6.395  1.00 18.13 ? 227  TYR A CZ  1 
ATOM   1136 O  OH  . TYR A 1 143 ? -10.269 -3.677  -5.104  1.00 16.96 ? 227  TYR A OH  1 
ATOM   1137 N  N   . SER A 1 144 ? -11.616 -0.239  -9.451  1.00 11.83 ? 228  SER A N   1 
ATOM   1138 C  CA  . SER A 1 144 ? -11.998 0.847   -8.564  1.00 8.81  ? 228  SER A CA  1 
ATOM   1139 C  C   . SER A 1 144 ? -12.291 0.326   -7.159  1.00 7.27  ? 228  SER A C   1 
ATOM   1140 O  O   . SER A 1 144 ? -12.656 -0.829  -6.974  1.00 6.08  ? 228  SER A O   1 
ATOM   1141 C  CB  . SER A 1 144 ? -13.213 1.591   -9.116  1.00 8.29  ? 228  SER A CB  1 
ATOM   1142 O  OG  . SER A 1 144 ? -14.409 0.895   -8.841  1.00 9.81  ? 228  SER A OG  1 
ATOM   1143 N  N   . LEU A 1 145 ? -12.129 1.206   -6.182  1.00 6.54  ? 229  LEU A N   1 
ATOM   1144 C  CA  . LEU A 1 145 ? -12.323 0.904   -4.775  1.00 7.71  ? 229  LEU A CA  1 
ATOM   1145 C  C   . LEU A 1 145 ? -13.724 0.398   -4.417  1.00 9.29  ? 229  LEU A C   1 
ATOM   1146 O  O   . LEU A 1 145 ? -14.726 0.974   -4.840  1.00 10.22 ? 229  LEU A O   1 
ATOM   1147 C  CB  . LEU A 1 145 ? -11.998 2.157   -3.965  1.00 8.39  ? 229  LEU A CB  1 
ATOM   1148 C  CG  . LEU A 1 145 ? -11.328 1.998   -2.604  1.00 9.71  ? 229  LEU A CG  1 
ATOM   1149 C  CD1 . LEU A 1 145 ? -9.965  1.366   -2.798  1.00 12.15 ? 229  LEU A CD1 1 
ATOM   1150 C  CD2 . LEU A 1 145 ? -11.193 3.346   -1.935  1.00 8.76  ? 229  LEU A CD2 1 
ATOM   1151 N  N   . PRO A 1 146 ? -13.809 -0.694  -3.630  1.00 9.81  ? 230  PRO A N   1 
ATOM   1152 C  CA  . PRO A 1 146 ? -15.080 -1.293  -3.203  1.00 10.07 ? 230  PRO A CA  1 
ATOM   1153 C  C   . PRO A 1 146 ? -15.829 -0.395  -2.229  1.00 10.15 ? 230  PRO A C   1 
ATOM   1154 O  O   . PRO A 1 146 ? -15.220 0.208   -1.339  1.00 10.46 ? 230  PRO A O   1 
ATOM   1155 C  CB  . PRO A 1 146 ? -14.641 -2.598  -2.543  1.00 8.74  ? 230  PRO A CB  1 
ATOM   1156 C  CG  . PRO A 1 146 ? -13.391 -2.932  -3.272  1.00 8.78  ? 230  PRO A CG  1 
ATOM   1157 C  CD  . PRO A 1 146 ? -12.697 -1.601  -3.308  1.00 9.04  ? 230  PRO A CD  1 
ATOM   1158 N  N   . GLN A 1 147 ? -17.148 -0.321  -2.392  1.00 9.03  ? 231  GLN A N   1 
ATOM   1159 C  CA  . GLN A 1 147 ? -17.985 0.506   -1.528  1.00 8.27  ? 231  GLN A CA  1 
ATOM   1160 C  C   . GLN A 1 147 ? -17.669 0.412   -0.041  1.00 8.65  ? 231  GLN A C   1 
ATOM   1161 O  O   . GLN A 1 147 ? -17.633 1.431   0.644   1.00 8.78  ? 231  GLN A O   1 
ATOM   1162 C  CB  . GLN A 1 147 ? -19.459 0.185   -1.756  1.00 7.06  ? 231  GLN A CB  1 
ATOM   1163 C  CG  . GLN A 1 147 ? -20.111 1.001   -2.869  1.00 8.32  ? 231  GLN A CG  1 
ATOM   1164 C  CD  . GLN A 1 147 ? -20.540 2.399   -2.421  1.00 8.30  ? 231  GLN A CD  1 
ATOM   1165 O  OE1 . GLN A 1 147 ? -19.713 3.282   -2.202  1.00 6.03  ? 231  GLN A OE1 1 
ATOM   1166 N  NE2 . GLN A 1 147 ? -21.848 2.594   -2.278  1.00 11.10 ? 231  GLN A NE2 1 
ATOM   1167 N  N   . ASP A 1 148 ? -17.446 -0.791  0.478   1.00 9.27  ? 232  ASP A N   1 
ATOM   1168 C  CA  . ASP A 1 148 ? -17.134 -0.897  1.897   1.00 9.64  ? 232  ASP A CA  1 
ATOM   1169 C  C   . ASP A 1 148 ? -15.912 -0.049  2.177   1.00 9.87  ? 232  ASP A C   1 
ATOM   1170 O  O   . ASP A 1 148 ? -15.881 0.707   3.146   1.00 9.31  ? 232  ASP A O   1 
ATOM   1171 C  CB  . ASP A 1 148 ? -16.860 -2.345  2.310   1.00 10.27 ? 232  ASP A CB  1 
ATOM   1172 C  CG  . ASP A 1 148 ? -16.307 -2.452  3.736   1.00 12.04 ? 232  ASP A CG  1 
ATOM   1173 O  OD1 . ASP A 1 148 ? -16.928 -1.913  4.686   1.00 11.35 ? 232  ASP A OD1 1 
ATOM   1174 O  OD2 . ASP A 1 148 ? -15.240 -3.082  3.904   1.00 12.93 ? 232  ASP A OD2 1 
ATOM   1175 N  N   . ASP A 1 149 ? -14.911 -0.175  1.308   1.00 9.74  ? 233  ASP A N   1 
ATOM   1176 C  CA  . ASP A 1 149 ? -13.669 0.580   1.438   1.00 9.02  ? 233  ASP A CA  1 
ATOM   1177 C  C   . ASP A 1 149 ? -13.940 2.082   1.273   1.00 8.46  ? 233  ASP A C   1 
ATOM   1178 O  O   . ASP A 1 149 ? -13.360 2.896   1.986   1.00 8.23  ? 233  ASP A O   1 
ATOM   1179 C  CB  . ASP A 1 149 ? -12.651 0.098   0.395   1.00 9.76  ? 233  ASP A CB  1 
ATOM   1180 C  CG  . ASP A 1 149 ? -12.341 -1.400  0.518   1.00 9.94  ? 233  ASP A CG  1 
ATOM   1181 O  OD1 . ASP A 1 149 ? -11.689 -1.816  1.500   1.00 8.80  ? 233  ASP A OD1 1 
ATOM   1182 O  OD2 . ASP A 1 149 ? -12.753 -2.167  -0.374  1.00 10.20 ? 233  ASP A OD2 1 
ATOM   1183 N  N   . ILE A 1 150 ? -14.824 2.440   0.338   1.00 8.19  ? 234  ILE A N   1 
ATOM   1184 C  CA  . ILE A 1 150 ? -15.188 3.842   0.115   1.00 6.30  ? 234  ILE A CA  1 
ATOM   1185 C  C   . ILE A 1 150 ? -15.749 4.415   1.394   1.00 7.33  ? 234  ILE A C   1 
ATOM   1186 O  O   . ILE A 1 150 ? -15.446 5.544   1.767   1.00 8.27  ? 234  ILE A O   1 
ATOM   1187 C  CB  . ILE A 1 150 ? -16.261 3.997   -0.971  1.00 6.07  ? 234  ILE A CB  1 
ATOM   1188 C  CG1 . ILE A 1 150 ? -15.609 3.982   -2.346  1.00 7.66  ? 234  ILE A CG1 1 
ATOM   1189 C  CG2 . ILE A 1 150 ? -16.999 5.298   -0.794  1.00 4.37  ? 234  ILE A CG2 1 
ATOM   1190 C  CD1 . ILE A 1 150 ? -14.631 2.848   -2.525  1.00 9.83  ? 234  ILE A CD1 1 
ATOM   1191 N  N   . ASP A 1 151 ? -16.589 3.630   2.054   1.00 7.28  ? 235  ASP A N   1 
ATOM   1192 C  CA  . ASP A 1 151 ? -17.183 4.038   3.311   1.00 9.48  ? 235  ASP A CA  1 
ATOM   1193 C  C   . ASP A 1 151 ? -16.047 4.167   4.326   1.00 10.50 ? 235  ASP A C   1 
ATOM   1194 O  O   . ASP A 1 151 ? -16.144 4.925   5.292   1.00 9.71  ? 235  ASP A O   1 
ATOM   1195 C  CB  . ASP A 1 151 ? -18.193 2.985   3.769   1.00 10.15 ? 235  ASP A CB  1 
ATOM   1196 C  CG  . ASP A 1 151 ? -19.232 2.669   2.699   1.00 11.85 ? 235  ASP A CG  1 
ATOM   1197 O  OD1 . ASP A 1 151 ? -19.256 3.369   1.665   1.00 12.55 ? 235  ASP A OD1 1 
ATOM   1198 O  OD2 . ASP A 1 151 ? -20.030 1.726   2.888   1.00 10.99 ? 235  ASP A OD2 1 
ATOM   1199 N  N   . GLY A 1 152 ? -14.964 3.431   4.073   1.00 11.22 ? 236  GLY A N   1 
ATOM   1200 C  CA  . GLY A 1 152 ? -13.800 3.438   4.948   1.00 9.35  ? 236  GLY A CA  1 
ATOM   1201 C  C   . GLY A 1 152 ? -13.065 4.760   5.096   1.00 9.22  ? 236  GLY A C   1 
ATOM   1202 O  O   . GLY A 1 152 ? -13.111 5.345   6.178   1.00 10.26 ? 236  GLY A O   1 
ATOM   1203 N  N   . ILE A 1 153 ? -12.384 5.229   4.043   1.00 7.97  ? 237  ILE A N   1 
ATOM   1204 C  CA  . ILE A 1 153 ? -11.642 6.497   4.115   1.00 7.41  ? 237  ILE A CA  1 
ATOM   1205 C  C   . ILE A 1 153 ? -12.600 7.651   4.320   1.00 5.94  ? 237  ILE A C   1 
ATOM   1206 O  O   . ILE A 1 153 ? -12.278 8.634   4.976   1.00 5.20  ? 237  ILE A O   1 
ATOM   1207 C  CB  . ILE A 1 153 ? -10.804 6.801   2.829   1.00 7.08  ? 237  ILE A CB  1 
ATOM   1208 C  CG1 . ILE A 1 153 ? -11.247 5.911   1.678   1.00 6.87  ? 237  ILE A CG1 1 
ATOM   1209 C  CG2 . ILE A 1 153 ? -9.325  6.653   3.117   1.00 7.82  ? 237  ILE A CG2 1 
ATOM   1210 C  CD1 . ILE A 1 153 ? -12.601 6.271   1.144   1.00 9.98  ? 237  ILE A CD1 1 
ATOM   1211 N  N   . GLN A 1 154 ? -13.786 7.508   3.751   1.00 5.80  ? 238  GLN A N   1 
ATOM   1212 C  CA  . GLN A 1 154 ? -14.822 8.519   3.849   1.00 6.27  ? 238  GLN A CA  1 
ATOM   1213 C  C   . GLN A 1 154 ? -15.185 8.742   5.315   1.00 6.12  ? 238  GLN A C   1 
ATOM   1214 O  O   . GLN A 1 154 ? -15.495 9.849   5.729   1.00 6.34  ? 238  GLN A O   1 
ATOM   1215 C  CB  . GLN A 1 154 ? -16.050 8.051   3.062   1.00 6.51  ? 238  GLN A CB  1 
ATOM   1216 C  CG  . GLN A 1 154 ? -17.035 9.141   2.748   1.00 8.23  ? 238  GLN A CG  1 
ATOM   1217 C  CD  . GLN A 1 154 ? -16.546 10.092  1.681   1.00 8.08  ? 238  GLN A CD  1 
ATOM   1218 O  OE1 . GLN A 1 154 ? -17.015 11.215  1.589   1.00 11.15 ? 238  GLN A OE1 1 
ATOM   1219 N  NE2 . GLN A 1 154 ? -15.612 9.640   0.862   1.00 9.57  ? 238  GLN A NE2 1 
ATOM   1220 N  N   . ALA A 1 155 ? -15.126 7.672   6.095   1.00 8.65  ? 239  ALA A N   1 
ATOM   1221 C  CA  . ALA A 1 155 ? -15.451 7.712   7.514   1.00 9.20  ? 239  ALA A CA  1 
ATOM   1222 C  C   . ALA A 1 155 ? -14.362 8.322   8.383   1.00 10.09 ? 239  ALA A C   1 
ATOM   1223 O  O   . ALA A 1 155 ? -14.645 8.771   9.489   1.00 9.84  ? 239  ALA A O   1 
ATOM   1224 C  CB  . ALA A 1 155 ? -15.764 6.317   8.001   1.00 9.77  ? 239  ALA A CB  1 
ATOM   1225 N  N   . ILE A 1 156 ? -13.122 8.321   7.889   1.00 12.21 ? 240  ILE A N   1 
ATOM   1226 C  CA  . ILE A 1 156 ? -11.988 8.887   8.624   1.00 14.81 ? 240  ILE A CA  1 
ATOM   1227 C  C   . ILE A 1 156 ? -11.868 10.378  8.300   1.00 16.78 ? 240  ILE A C   1 
ATOM   1228 O  O   . ILE A 1 156 ? -11.949 11.247  9.179   1.00 16.65 ? 240  ILE A O   1 
ATOM   1229 C  CB  . ILE A 1 156 ? -10.648 8.250   8.201   1.00 15.70 ? 240  ILE A CB  1 
ATOM   1230 C  CG1 . ILE A 1 156 ? -10.744 6.727   8.163   1.00 18.03 ? 240  ILE A CG1 1 
ATOM   1231 C  CG2 . ILE A 1 156 ? -9.559  8.676   9.164   1.00 15.10 ? 240  ILE A CG2 1 
ATOM   1232 C  CD1 . ILE A 1 156 ? -10.727 6.062   9.516   1.00 22.45 ? 240  ILE A CD1 1 
ATOM   1233 N  N   . TYR A 1 157 ? -11.659 10.645  7.014   1.00 18.49 ? 241  TYR A N   1 
ATOM   1234 C  CA  . TYR A 1 157 ? -11.495 11.992  6.477   1.00 19.72 ? 241  TYR A CA  1 
ATOM   1235 C  C   . TYR A 1 157 ? -12.795 12.484  5.854   1.00 20.67 ? 241  TYR A C   1 
ATOM   1236 O  O   . TYR A 1 157 ? -13.829 12.578  6.515   1.00 20.67 ? 241  TYR A O   1 
ATOM   1237 C  CB  . TYR A 1 157 ? -10.409 11.993  5.398   1.00 19.38 ? 241  TYR A CB  1 
ATOM   1238 C  CG  . TYR A 1 157 ? -9.119  11.320  5.803   1.00 18.45 ? 241  TYR A CG  1 
ATOM   1239 C  CD1 . TYR A 1 157 ? -8.130  12.025  6.478   1.00 18.44 ? 241  TYR A CD1 1 
ATOM   1240 C  CD2 . TYR A 1 157 ? -8.894  9.974   5.518   1.00 17.52 ? 241  TYR A CD2 1 
ATOM   1241 C  CE1 . TYR A 1 157 ? -6.952  11.416  6.861   1.00 17.89 ? 241  TYR A CE1 1 
ATOM   1242 C  CE2 . TYR A 1 157 ? -7.713  9.353   5.901   1.00 18.27 ? 241  TYR A CE2 1 
ATOM   1243 C  CZ  . TYR A 1 157 ? -6.750  10.084  6.572   1.00 17.98 ? 241  TYR A CZ  1 
ATOM   1244 O  OH  . TYR A 1 157 ? -5.586  9.486   6.978   1.00 19.02 ? 241  TYR A OH  1 
ATOM   1245 N  N   . GLY A 1 158 ? -12.726 12.789  4.565   1.00 22.52 ? 242  GLY A N   1 
ATOM   1246 C  CA  . GLY A 1 158 ? -13.892 13.282  3.861   1.00 24.64 ? 242  GLY A CA  1 
ATOM   1247 C  C   . GLY A 1 158 ? -13.971 12.767  2.437   1.00 25.83 ? 242  GLY A C   1 
ATOM   1248 O  O   . GLY A 1 158 ? -13.434 11.662  2.180   1.00 26.13 ? 242  GLY A O   1 
ATOM   1249 O  OXT . GLY A 1 158 ? -14.582 13.464  1.588   1.00 26.97 ? 242  GLY A OXT 1 
HETATM 1250 CA CA  . CA  B 2 .   ? 6.405   7.958   8.022   1.00 3.82  ? 996  CA  A CA  1 
HETATM 1251 CA CA  . CA  C 2 .   ? 6.315   -13.474 2.930   1.00 2.42  ? 997  CA  A CA  1 
HETATM 1252 ZN ZN  . ZN  D 3 .   ? 8.696   -3.546  8.143   1.00 8.21  ? 998  ZN  A ZN  1 
HETATM 1253 ZN ZN  . ZN  E 3 .   ? -3.816  -5.721  6.092   1.00 8.75  ? 999  ZN  A ZN  1 
HETATM 1254 S  S1  . JST F 4 .   ? -0.475  -7.061  8.668   1.00 28.81 ? 1000 JST A S1  1 
HETATM 1255 CL CL1 . JST F 4 .   ? 3.830   -2.314  14.157  1.00 25.75 ? 1000 JST A CL1 1 
HETATM 1256 N  N1  . JST F 4 .   ? 0.111   -4.027  8.735   1.00 31.44 ? 1000 JST A N1  1 
HETATM 1257 N  N2  . JST F 4 .   ? -0.692  -4.566  7.696   1.00 30.69 ? 1000 JST A N2  1 
HETATM 1258 N  N3  . JST F 4 .   ? -1.342  -6.287  6.260   1.00 26.95 ? 1000 JST A N3  1 
HETATM 1259 C  C1  . JST F 4 .   ? 0.551   -3.725  12.276  1.00 26.32 ? 1000 JST A C1  1 
HETATM 1260 C  C2  . JST F 4 .   ? 1.418   -3.185  13.265  1.00 25.10 ? 1000 JST A C2  1 
HETATM 1261 C  C3  . JST F 4 .   ? 2.774   -2.977  12.952  1.00 25.20 ? 1000 JST A C3  1 
HETATM 1262 C  C4  . JST F 4 .   ? 3.290   -3.295  11.674  1.00 26.37 ? 1000 JST A C4  1 
HETATM 1263 C  C5  . JST F 4 .   ? 2.400   -3.837  10.697  1.00 26.28 ? 1000 JST A C5  1 
HETATM 1264 C  C6  . JST F 4 .   ? 1.006   -4.068  10.967  1.00 26.98 ? 1000 JST A C6  1 
HETATM 1265 C  C7  . JST F 4 .   ? 0.139   -4.651  9.875   1.00 28.46 ? 1000 JST A C7  1 
HETATM 1266 C  C8  . JST F 4 .   ? -0.668  -5.920  10.080  1.00 27.87 ? 1000 JST A C8  1 
HETATM 1267 C  C9  . JST F 4 .   ? -0.875  -5.899  7.440   1.00 28.09 ? 1000 JST A C9  1 
HETATM 1268 C  C10 . JST F 4 .   ? -0.723  -7.321  5.414   1.00 24.63 ? 1000 JST A C10 1 
HETATM 1269 C  C11 . JST F 4 .   ? -1.671  -7.856  4.384   1.00 27.78 ? 1000 JST A C11 1 
HETATM 1270 C  C12 . JST F 4 .   ? -1.361  -8.799  3.498   1.00 27.43 ? 1000 JST A C12 1 
HETATM 1271 O  O   . HOH G 5 .   ? -0.023  -9.433  7.789   1.00 0.00  ? 1    HOH A O   1 
HETATM 1272 O  O   . HOH G 5 .   ? 11.460  -11.728 3.528   1.00 0.00  ? 2    HOH A O   1 
HETATM 1273 O  O   . HOH G 5 .   ? 4.905   6.189   -8.154  1.00 0.00  ? 3    HOH A O   1 
HETATM 1274 O  O   . HOH G 5 .   ? 17.619  -9.918  7.527   1.00 3.17  ? 4    HOH A O   1 
HETATM 1275 O  O   . HOH G 5 .   ? -3.532  12.368  -5.006  1.00 11.78 ? 5    HOH A O   1 
HETATM 1276 O  O   . HOH G 5 .   ? -15.336 -1.570  -6.642  1.00 14.52 ? 6    HOH A O   1 
HETATM 1277 O  O   . HOH G 5 .   ? 7.703   4.553   -7.385  1.00 22.97 ? 7    HOH A O   1 
HETATM 1278 O  O   . HOH G 5 .   ? -3.028  -13.192 -7.707  1.00 0.00  ? 8    HOH A O   1 
HETATM 1279 O  O   . HOH G 5 .   ? 3.023   12.409  -6.858  1.00 23.72 ? 9    HOH A O   1 
HETATM 1280 O  O   . HOH G 5 .   ? 10.265  2.491   6.758   1.00 0.82  ? 10   HOH A O   1 
HETATM 1281 O  O   . HOH G 5 .   ? -15.983 1.038   7.112   1.00 15.81 ? 11   HOH A O   1 
HETATM 1282 O  O   . HOH G 5 .   ? 10.356  8.109   -4.932  1.00 10.64 ? 12   HOH A O   1 
HETATM 1283 O  O   . HOH G 5 .   ? -2.853  -10.376 5.932   1.00 8.64  ? 13   HOH A O   1 
HETATM 1284 O  O   . HOH G 5 .   ? -3.356  10.051  -5.594  1.00 35.08 ? 14   HOH A O   1 
HETATM 1285 O  O   . HOH G 5 .   ? 12.558  -0.220  7.428   1.00 10.80 ? 15   HOH A O   1 
HETATM 1286 O  O   . HOH G 5 .   ? 17.754  -1.740  -0.403  1.00 0.00  ? 16   HOH A O   1 
HETATM 1287 O  O   . HOH G 5 .   ? 4.577   13.391  9.149   1.00 12.45 ? 17   HOH A O   1 
HETATM 1288 O  O   . HOH G 5 .   ? 14.738  -5.144  -1.976  1.00 3.83  ? 18   HOH A O   1 
HETATM 1289 O  O   . HOH G 5 .   ? -6.936  10.741  -10.415 1.00 8.56  ? 19   HOH A O   1 
HETATM 1290 O  O   . HOH G 5 .   ? -8.391  7.088   18.618  1.00 26.13 ? 20   HOH A O   1 
HETATM 1291 O  O   . HOH G 5 .   ? 14.197  -12.531 13.403  1.00 18.37 ? 21   HOH A O   1 
HETATM 1292 O  O   . HOH G 5 .   ? 5.276   10.374  8.017   1.00 15.72 ? 22   HOH A O   1 
HETATM 1293 O  O   . HOH G 5 .   ? -8.494  3.179   15.536  1.00 22.75 ? 23   HOH A O   1 
HETATM 1294 O  O   . HOH G 5 .   ? -7.282  -8.283  11.172  1.00 1.55  ? 24   HOH A O   1 
HETATM 1295 O  O   . HOH G 5 .   ? -6.401  8.196   17.688  1.00 31.30 ? 25   HOH A O   1 
HETATM 1296 O  O   . HOH G 5 .   ? -13.131 -1.791  4.027   1.00 24.36 ? 26   HOH A O   1 
# 
